data_7LBY
#
_entry.id   7LBY
#
_cell.length_a   1.00
_cell.length_b   1.00
_cell.length_c   1.00
_cell.angle_alpha   90.00
_cell.angle_beta   90.00
_cell.angle_gamma   90.00
#
_symmetry.space_group_name_H-M   'P 1'
#
loop_
_entity.id
_entity.type
_entity.pdbx_description
1 polymer 'Cellulose synthase catalytic subunit [UDP-forming]'
2 polymer 'Cyclic di-GMP-binding protein'
#
loop_
_entity_poly.entity_id
_entity_poly.type
_entity_poly.pdbx_seq_one_letter_code
_entity_poly.pdbx_strand_id
1 'polypeptide(L)'
;GSILTRWLLIPPVNARLIGRYRDYRRHGASAFSATLGCFWMILAWIFIPLEHPRWQRIRAEHKNLYPHINASRPRPLDPV
RYLIQTCWLLIGASRKETPKPRRRAFSGLQNIRGRYHQWMNELPERVSHKTQHLDEKKELGHLSAGARRLILGIIVTFSL
ILALICVTQPFNPLAQFIFLMLLWGVALIVRRMPGRFSALMLIVLSLTVSCRYIWWRYTSTLNWDDPVSLVCGLILLFAE
TYAWIVLVLGYFQVVWPLNRQPVPLPKDMSLWPSVDIFVPTYNEDLNVVKNTIYASLGIDWPKDKLNIWILDDGGREEFR
QFAQNVGVKYIARTTHEHAKAGNINNALKYAKGEFVSIFDCDHVPTRSFLQMTMGWFLKEKQLAMMQTPHHFFSPDPFER
NLGRFRKTPNEGTLFYGLVQDGNDMWDATFFCGSCAVIRRKPLDEIGGIAVETVTEDAHTSLRLHRRGYTSAYMRIPQAA
GLATESLSAHIGQRIRWARGMVQIFRLDNPLTGKGLKFAQRLCYVNAMFHFLSGIPRLIFLTAPLAFLLLHAYIIYAPAL
MIALFVLPHMIHASLTNSKIQGKYRHSFWSEIYETVLAWYIAPPTLVALINPHKGKFNVTAKGGLVEEEYVDWVISRPYI
FLVLLNLVGVAVGIWRYFYGPPTEMLTVVVSMVWVFYNLIVLGGAVAVSVESKQVRRSHRVEMTMPAAIAREDGHLFSCT
VQDFSDGGLGIKINGQAQILEGQKVNLLLKRGQQEYVFPTQVARVMGNEVGLKLMPLTTQQHIDFVQCTFARADTWALWQ
DSYPEDKPLESLLDILKLGFRGYRHLAEFAPSSVKGIFRVLTSLVSWVVSFIPPRPERSETAQPSDQALAQQHHHHHHLE
HHHHHH
;
A
2 'polypeptide(L)'
;MKRKLFWICAVAMGMSAFPSFMTQATPATQPLINAEPAVAAQTEQNPQVGQVMPGVQGADAPVVAQNGPSRDVKLTFAQI
APPPGSMVLRGINPNGSIEFGMRSDEVVTKAMLNLEYTPSPSLLPVQSQLKVYLNDELMGVLPVTKEQLGKKTLAQMPIN
PLFISDFNRVRLEFVGHYQDVCEKPASTTLWLDVGRSSGLDLTYQTLNVKNDLSHFPVPFFDPSDNRTNTLPMVFAGAPD
VGLQQASAIVASWFGSRSGWRGQNFPVLYNQLPDRNAIVFATNDKRPDFLRDHPAVKAPVIEMINHPQNPYVKLLVVFGR
DDKDLLQAAKGIAQGNILFRGESVVVNEVKPLLPRKPYDAPNWVRTDRPVTFGELKTYEEQLQSSGLEPAAINVSLNLPP
DLYLMRSTGIDMDINYRYTMPPVKDSSRMDISLNNQFLQSFNLSSKQEANRLLLRIPVLQGLLDGKTDVSIPALKLGATN
QLRFDFEYMNPMPGGSVDNCITFQPVQNHVVIGDDSTIDFSKYYHFIPMPDLRAFANAGFPFSRMADLSQTITVMPKAPN
EAQMETLLNTVGFIGAQTGFPAINLTVTDDGSTIQGKDADIMIIGGIPDKLKDDKQIDLLVQATESWVKTPMRQTPFPGI
VPDESDRAAETRSTLTSSGAMAAVIGFQSPYNDQRSVIALLADSPRGYEMLNDAVNDSGKRATMFGSVAVIRESGINSLR
VGDVYYVGHLPWFERVWYALANHPILLAVLAAISVILLAWVLWRLLRIISRRRLNPDNE
;
B
#
# COMPACT_ATOMS: atom_id res chain seq x y z
N ALA A 15 12.44 -18.78 -23.66
CA ALA A 15 12.44 -18.58 -22.23
C ALA A 15 11.45 -17.48 -21.82
N ARG A 16 11.77 -16.24 -22.19
CA ARG A 16 10.87 -15.12 -21.88
C ARG A 16 9.54 -15.28 -22.59
N LEU A 17 9.56 -15.69 -23.86
CA LEU A 17 8.32 -15.96 -24.57
C LEU A 17 7.55 -17.11 -23.92
N ILE A 18 8.27 -18.15 -23.49
CA ILE A 18 7.64 -19.24 -22.76
C ILE A 18 7.04 -18.77 -21.44
N GLY A 19 7.74 -17.88 -20.72
CA GLY A 19 7.21 -17.36 -19.47
C GLY A 19 5.94 -16.55 -19.72
N ARG A 20 5.94 -15.73 -20.78
CA ARG A 20 4.74 -14.96 -21.11
C ARG A 20 3.59 -15.89 -21.49
N TYR A 21 3.88 -16.95 -22.25
CA TYR A 21 2.83 -17.91 -22.61
C TYR A 21 2.29 -18.61 -21.38
N ARG A 22 3.16 -18.95 -20.42
CA ARG A 22 2.71 -19.55 -19.17
C ARG A 22 1.84 -18.59 -18.37
N ASP A 23 2.22 -17.31 -18.32
CA ASP A 23 1.40 -16.32 -17.61
C ASP A 23 0.03 -16.18 -18.27
N TYR A 24 -0.01 -16.15 -19.60
CA TYR A 24 -1.28 -16.11 -20.31
C TYR A 24 -2.12 -17.35 -20.08
N ARG A 25 -1.50 -18.53 -20.05
CA ARG A 25 -2.24 -19.76 -19.75
C ARG A 25 -2.78 -19.75 -18.33
N ARG A 26 -2.01 -19.20 -17.39
CA ARG A 26 -2.50 -19.08 -16.01
C ARG A 26 -3.68 -18.14 -15.93
N HIS A 27 -3.61 -17.02 -16.66
CA HIS A 27 -4.74 -16.09 -16.69
C HIS A 27 -5.98 -16.74 -17.30
N GLY A 28 -5.79 -17.51 -18.38
CA GLY A 28 -6.91 -18.22 -18.99
C GLY A 28 -7.49 -19.26 -18.04
N ALA A 29 -6.64 -19.94 -17.28
CA ALA A 29 -7.12 -20.91 -16.29
C ALA A 29 -7.90 -20.21 -15.19
N SER A 30 -7.44 -19.03 -14.75
CA SER A 30 -8.19 -18.27 -13.77
C SER A 30 -9.56 -17.84 -14.31
N ALA A 31 -9.60 -17.41 -15.57
CA ALA A 31 -10.88 -17.06 -16.18
C ALA A 31 -11.80 -18.26 -16.27
N PHE A 32 -11.26 -19.42 -16.63
CA PHE A 32 -12.05 -20.65 -16.70
C PHE A 32 -12.57 -21.03 -15.32
N SER A 33 -11.75 -20.87 -14.28
CA SER A 33 -12.19 -21.15 -12.92
C SER A 33 -13.31 -20.20 -12.50
N ALA A 34 -13.20 -18.92 -12.88
CA ALA A 34 -14.27 -17.98 -12.59
C ALA A 34 -15.55 -18.36 -13.31
N THR A 35 -15.45 -18.79 -14.57
CA THR A 35 -16.63 -19.25 -15.30
C THR A 35 -17.24 -20.48 -14.64
N LEU A 36 -16.40 -21.41 -14.18
CA LEU A 36 -16.91 -22.60 -13.51
C LEU A 36 -17.59 -22.25 -12.20
N GLY A 37 -17.05 -21.27 -11.47
CA GLY A 37 -17.72 -20.80 -10.26
C GLY A 37 -19.06 -20.17 -10.59
N CYS A 38 -19.12 -19.39 -11.67
CA CYS A 38 -20.39 -18.83 -12.13
C CYS A 38 -21.36 -19.91 -12.59
N PHE A 39 -20.85 -21.08 -12.98
CA PHE A 39 -21.69 -22.20 -13.41
C PHE A 39 -21.44 -23.41 -12.51
N TRP A 40 -21.44 -23.18 -11.19
CA TRP A 40 -21.08 -24.23 -10.25
C TRP A 40 -22.06 -25.40 -10.26
N MET A 41 -23.24 -25.21 -10.86
CA MET A 41 -24.22 -26.29 -10.93
C MET A 41 -23.67 -27.48 -11.72
N ILE A 42 -23.00 -27.21 -12.83
CA ILE A 42 -22.40 -28.27 -13.64
C ILE A 42 -21.13 -27.78 -14.32
N LEU A 43 -1.80 -50.35 -9.69
CA LEU A 43 -0.67 -51.29 -9.69
C LEU A 43 0.65 -50.56 -9.49
N ALA A 44 1.09 -49.85 -10.53
CA ALA A 44 2.33 -49.09 -10.43
C ALA A 44 2.22 -47.98 -9.38
N TRP A 45 1.09 -47.28 -9.36
CA TRP A 45 0.88 -46.23 -8.36
C TRP A 45 0.86 -46.81 -6.95
N ILE A 46 0.21 -47.96 -6.77
CA ILE A 46 0.17 -48.60 -5.45
C ILE A 46 1.57 -49.04 -5.02
N PHE A 47 2.36 -49.59 -5.95
CA PHE A 47 3.72 -50.00 -5.63
C PHE A 47 4.57 -48.79 -5.26
N ILE A 48 4.42 -47.69 -5.99
CA ILE A 48 5.17 -46.47 -5.67
C ILE A 48 4.77 -45.94 -4.30
N PRO A 49 3.48 -45.95 -3.99
CA PRO A 49 3.02 -45.49 -2.68
C PRO A 49 3.57 -46.38 -1.57
N LEU A 50 3.59 -47.70 -1.78
CA LEU A 50 4.13 -48.61 -0.77
C LEU A 50 5.62 -48.37 -0.57
N GLU A 51 6.36 -48.18 -1.66
CA GLU A 51 7.80 -47.90 -1.55
C GLU A 51 8.04 -46.59 -0.82
N HIS A 52 7.25 -45.55 -1.12
CA HIS A 52 7.40 -44.28 -0.43
C HIS A 52 7.08 -44.41 1.05
N PRO A 53 6.04 -45.18 1.39
CA PRO A 53 5.71 -45.39 2.80
C PRO A 53 6.82 -46.14 3.53
N ARG A 54 7.40 -47.16 2.87
CA ARG A 54 8.51 -47.90 3.47
C ARG A 54 9.71 -46.98 3.68
N TRP A 55 10.03 -46.14 2.70
CA TRP A 55 11.15 -45.21 2.84
C TRP A 55 10.90 -44.22 3.97
N GLN A 56 9.67 -43.71 4.07
CA GLN A 56 9.34 -42.78 5.14
C GLN A 56 9.45 -43.45 6.50
N ARG A 57 8.99 -44.69 6.62
CA ARG A 57 9.11 -45.42 7.88
C ARG A 57 10.58 -45.64 8.24
N ILE A 58 11.40 -46.01 7.26
CA ILE A 58 12.82 -46.20 7.51
C ILE A 58 13.49 -44.91 7.96
N ARG A 59 13.13 -43.79 7.32
CA ARG A 59 13.69 -42.49 7.71
C ARG A 59 13.24 -42.12 9.13
N ALA A 60 11.97 -42.34 9.44
CA ALA A 60 11.46 -42.02 10.77
C ALA A 60 12.01 -42.95 11.85
N GLU A 61 12.52 -44.12 11.46
CA GLU A 61 13.13 -45.02 12.44
C GLU A 61 14.35 -44.38 13.09
N HIS A 62 15.04 -43.50 12.39
CA HIS A 62 16.19 -42.77 12.91
C HIS A 62 16.08 -41.29 12.56
N LYS A 63 14.87 -40.75 12.61
CA LYS A 63 14.67 -39.35 12.25
C LYS A 63 15.36 -38.42 13.24
N ASN A 64 15.29 -38.74 14.54
CA ASN A 64 15.91 -37.90 15.55
C ASN A 64 16.66 -38.69 16.62
N LEU A 65 16.83 -40.00 16.43
CA LEU A 65 17.54 -40.80 17.43
C LEU A 65 19.04 -40.49 17.40
N TYR A 66 19.70 -40.75 16.27
CA TYR A 66 21.11 -40.42 16.13
C TYR A 66 21.36 -40.20 14.63
N PRO A 67 21.37 -38.94 14.22
CA PRO A 67 21.59 -38.59 12.82
C PRO A 67 21.86 -37.09 12.73
N HIS A 68 22.45 -36.68 11.61
CA HIS A 68 22.69 -35.28 11.32
C HIS A 68 21.56 -34.64 10.54
N ILE A 69 20.48 -35.38 10.27
CA ILE A 69 19.37 -34.83 9.50
C ILE A 69 18.64 -33.73 10.25
N ASN A 70 18.74 -33.70 11.58
CA ASN A 70 18.06 -32.67 12.36
C ASN A 70 18.62 -31.29 12.04
N ALA A 71 19.96 -31.16 11.99
CA ALA A 71 20.56 -29.87 11.66
C ALA A 71 20.22 -29.44 10.24
N SER A 72 20.23 -30.38 9.30
CA SER A 72 19.87 -30.05 7.92
C SER A 72 18.41 -29.60 7.83
N ARG A 73 17.52 -30.27 8.55
CA ARG A 73 16.11 -29.87 8.56
C ARG A 73 15.94 -28.49 9.18
N PRO A 74 16.66 -28.20 10.27
CA PRO A 74 16.59 -26.88 10.88
C PRO A 74 17.09 -25.80 9.92
N ARG A 75 18.20 -26.07 9.22
CA ARG A 75 18.71 -25.11 8.24
C ARG A 75 17.73 -24.89 7.10
N PRO A 76 17.11 -25.98 6.63
CA PRO A 76 16.11 -25.85 5.56
C PRO A 76 14.90 -25.05 6.02
N LEU A 77 14.46 -25.28 7.27
CA LEU A 77 13.35 -24.50 7.81
C LEU A 77 13.70 -23.03 7.93
N ASP A 78 14.93 -22.73 8.38
CA ASP A 78 15.36 -21.34 8.46
C ASP A 78 15.41 -20.69 7.08
N PRO A 79 15.91 -21.42 6.08
CA PRO A 79 15.95 -20.89 4.73
C PRO A 79 14.55 -20.64 4.19
N VAL A 80 13.62 -21.57 4.46
CA VAL A 80 12.23 -21.38 4.02
C VAL A 80 11.60 -20.18 4.71
N ARG A 81 11.88 -19.99 6.01
CA ARG A 81 11.35 -18.83 6.72
C ARG A 81 11.91 -17.53 6.13
N TYR A 82 13.21 -17.52 5.82
CA TYR A 82 13.81 -16.33 5.21
C TYR A 82 13.19 -16.05 3.84
N LEU A 83 12.96 -17.11 3.04
CA LEU A 83 12.33 -16.93 1.73
C LEU A 83 10.92 -16.40 1.87
N ILE A 84 10.17 -16.90 2.86
CA ILE A 84 8.81 -16.41 3.08
C ILE A 84 8.82 -14.96 3.52
N GLN A 85 9.77 -14.58 4.38
CA GLN A 85 9.88 -13.18 4.79
C GLN A 85 10.22 -12.28 3.61
N THR A 86 11.12 -12.74 2.74
CA THR A 86 11.45 -11.97 1.53
C THR A 86 10.25 -11.83 0.62
N CYS A 87 9.46 -12.91 0.47
CA CYS A 87 8.28 -12.86 -0.39
C CYS A 87 7.18 -11.98 0.19
N TRP A 88 7.09 -11.89 1.52
CA TRP A 88 6.06 -11.05 2.13
C TRP A 88 6.33 -9.56 1.90
N LEU A 89 7.60 -9.17 1.88
CA LEU A 89 7.98 -7.77 1.69
C LEU A 89 8.15 -7.39 0.23
N LEU A 90 7.57 -8.17 -0.69
CA LEU A 90 7.68 -7.87 -2.12
C LEU A 90 6.59 -6.88 -2.55
N ILE A 91 6.59 -5.73 -1.89
CA ILE A 91 5.62 -4.69 -2.21
C ILE A 91 5.93 -4.00 -3.52
N GLY A 92 7.17 -4.13 -4.01
CA GLY A 92 7.54 -3.45 -5.25
C GLY A 92 6.81 -4.02 -6.45
N ALA A 93 6.28 -5.23 -6.34
CA ALA A 93 5.57 -5.88 -7.45
C ALA A 93 4.21 -5.20 -7.62
N SER A 94 4.04 -4.50 -8.74
CA SER A 94 2.77 -3.83 -9.02
C SER A 94 1.65 -4.81 -9.37
N ARG A 95 1.99 -5.95 -9.97
CA ARG A 95 1.00 -6.96 -10.33
C ARG A 95 0.82 -8.01 -9.24
N LYS A 96 1.37 -7.79 -8.05
CA LYS A 96 1.30 -8.78 -6.98
C LYS A 96 -0.14 -9.02 -6.51
N GLU A 97 -1.07 -8.12 -6.81
CA GLU A 97 -2.44 -8.28 -6.36
C GLU A 97 -3.09 -9.51 -7.00
N THR A 98 -3.00 -9.62 -8.33
CA THR A 98 -3.58 -10.76 -9.02
C THR A 98 -2.89 -12.06 -8.63
N PRO A 99 -1.57 -12.05 -8.52
CA PRO A 99 -0.85 -13.26 -8.11
C PRO A 99 -1.25 -13.69 -6.71
N LYS A 100 -1.37 -12.75 -5.78
CA LYS A 100 -1.79 -13.07 -4.43
C LYS A 100 -3.22 -13.61 -4.40
N PRO A 101 -4.12 -13.01 -5.20
CA PRO A 101 -5.49 -13.52 -5.25
C PRO A 101 -5.53 -14.94 -5.80
N ARG A 102 -4.75 -15.21 -6.86
CA ARG A 102 -4.70 -16.55 -7.41
C ARG A 102 -4.12 -17.55 -6.42
N ARG A 103 -3.08 -17.16 -5.69
CA ARG A 103 -2.49 -18.04 -4.68
C ARG A 103 -3.49 -18.32 -3.55
N ARG A 104 -4.22 -17.30 -3.12
CA ARG A 104 -5.23 -17.49 -2.07
C ARG A 104 -6.34 -18.42 -2.54
N ALA A 105 -6.78 -18.25 -3.80
CA ALA A 105 -7.80 -19.14 -4.35
C ALA A 105 -7.30 -20.57 -4.44
N PHE A 106 -6.06 -20.77 -4.88
CA PHE A 106 -5.50 -22.12 -4.96
C PHE A 106 -5.38 -22.74 -3.58
N SER A 107 -4.95 -21.96 -2.58
CA SER A 107 -4.84 -22.47 -1.22
C SER A 107 -6.22 -22.84 -0.66
N GLY A 108 -7.23 -22.01 -0.92
CA GLY A 108 -8.58 -22.31 -0.47
C GLY A 108 -9.11 -23.59 -1.13
N LEU A 109 -8.83 -23.76 -2.43
CA LEU A 109 -9.23 -24.99 -3.10
C LEU A 109 -8.52 -26.20 -2.52
N GLN A 110 -7.23 -26.06 -2.21
CA GLN A 110 -6.46 -27.15 -1.63
C GLN A 110 -6.59 -27.25 -0.12
N ASN A 111 -7.32 -26.32 0.51
CA ASN A 111 -7.48 -26.35 1.96
C ASN A 111 -8.28 -27.55 2.44
N ILE A 112 -9.02 -28.20 1.55
CA ILE A 112 -9.84 -29.36 1.91
C ILE A 112 -8.94 -30.57 2.08
N ARG A 113 -8.32 -30.66 3.27
CA ARG A 113 -7.43 -31.75 3.61
C ARG A 113 -7.92 -32.40 4.89
N GLY A 114 -8.08 -33.73 4.86
CA GLY A 114 -8.54 -34.44 6.06
C GLY A 114 -7.46 -34.53 7.12
N ARG A 115 -6.19 -34.46 6.72
CA ARG A 115 -5.09 -34.57 7.67
C ARG A 115 -5.03 -33.32 8.56
N TYR A 116 -4.34 -33.47 9.69
CA TYR A 116 -4.19 -32.38 10.64
C TYR A 116 -3.28 -31.27 10.13
N HIS A 117 -2.54 -31.50 9.03
CA HIS A 117 -1.67 -30.47 8.48
C HIS A 117 -2.45 -29.31 7.88
N GLN A 118 -3.75 -29.47 7.64
CA GLN A 118 -4.55 -28.38 7.11
C GLN A 118 -4.62 -27.21 8.08
N TRP A 119 -4.74 -27.50 9.38
CA TRP A 119 -4.75 -26.45 10.38
C TRP A 119 -3.42 -25.70 10.41
N MET A 120 -2.31 -26.44 10.32
CA MET A 120 -1.00 -25.79 10.29
C MET A 120 -0.85 -24.92 9.05
N ASN A 121 -1.31 -25.40 7.90
CA ASN A 121 -1.23 -24.61 6.68
C ASN A 121 -2.08 -23.34 6.79
N GLU A 122 -3.29 -23.46 7.35
CA GLU A 122 -4.13 -22.28 7.55
C GLU A 122 -3.49 -21.29 8.50
N LEU A 123 -2.88 -21.78 9.58
CA LEU A 123 -2.19 -20.90 10.51
C LEU A 123 -1.02 -20.19 9.84
N PRO A 124 -0.25 -20.90 9.02
CA PRO A 124 0.86 -20.30 8.31
C PRO A 124 0.36 -19.23 7.33
N GLU A 125 -0.72 -19.51 6.61
CA GLU A 125 -1.27 -18.53 5.69
C GLU A 125 -1.76 -17.29 6.43
N ARG A 126 -2.43 -17.49 7.57
CA ARG A 126 -2.89 -16.36 8.36
C ARG A 126 -1.73 -15.53 8.89
N VAL A 127 -0.67 -16.19 9.33
CA VAL A 127 0.51 -15.46 9.81
C VAL A 127 1.16 -14.67 8.68
N SER A 128 1.24 -15.27 7.48
CA SER A 128 1.80 -14.55 6.34
C SER A 128 0.96 -13.34 5.97
N HIS A 129 -0.37 -13.50 5.98
CA HIS A 129 -1.24 -12.37 5.68
C HIS A 129 -1.11 -11.27 6.73
N LYS A 130 -1.01 -11.65 8.00
CA LYS A 130 -0.84 -10.65 9.06
C LYS A 130 0.49 -9.92 8.91
N THR A 131 1.55 -10.65 8.57
CA THR A 131 2.85 -10.01 8.35
C THR A 131 2.80 -9.05 7.17
N GLN A 132 2.13 -9.44 6.09
CA GLN A 132 2.00 -8.55 4.93
C GLN A 132 1.21 -7.31 5.29
N HIS A 133 0.11 -7.46 6.04
CA HIS A 133 -0.67 -6.31 6.45
C HIS A 133 0.14 -5.38 7.35
N LEU A 134 0.91 -5.95 8.28
CA LEU A 134 1.74 -5.15 9.16
C LEU A 134 2.81 -4.39 8.37
N ASP A 135 3.42 -5.05 7.39
CA ASP A 135 4.40 -4.38 6.54
C ASP A 135 3.77 -3.25 5.75
N GLU A 136 2.57 -3.47 5.22
CA GLU A 136 1.88 -2.43 4.47
C GLU A 136 1.54 -1.24 5.37
N LYS A 137 1.09 -1.51 6.60
CA LYS A 137 0.69 -0.44 7.50
C LYS A 137 1.88 0.22 8.20
N LYS A 138 3.07 -0.38 8.13
CA LYS A 138 4.22 0.18 8.84
C LYS A 138 4.89 1.27 8.02
N GLU A 139 5.35 0.95 6.81
CA GLU A 139 6.09 1.89 5.97
C GLU A 139 5.28 2.44 4.83
N LEU A 140 4.50 1.60 4.14
CA LEU A 140 3.71 2.08 3.01
C LEU A 140 2.59 3.02 3.44
N GLY A 141 2.18 2.98 4.71
CA GLY A 141 1.14 3.88 5.20
C GLY A 141 1.58 5.34 5.11
N HIS A 142 2.83 5.62 5.48
CA HIS A 142 3.39 6.97 5.43
C HIS A 142 2.52 7.96 6.21
N LEU A 143 2.08 7.54 7.39
CA LEU A 143 1.23 8.39 8.22
C LEU A 143 1.95 9.65 8.66
N SER A 144 3.23 9.53 9.05
CA SER A 144 3.97 10.68 9.54
C SER A 144 4.19 11.71 8.44
N ALA A 145 4.50 11.25 7.22
CA ALA A 145 4.86 12.16 6.14
C ALA A 145 3.65 12.62 5.32
N GLY A 146 2.77 11.70 4.95
CA GLY A 146 1.67 12.00 4.04
C GLY A 146 0.38 12.38 4.78
N ALA A 147 0.41 12.50 6.10
CA ALA A 147 -0.77 12.84 6.86
C ALA A 147 -0.41 13.81 7.98
N ARG A 148 -1.41 14.53 8.47
CA ARG A 148 -1.20 15.51 9.53
C ARG A 148 -0.93 14.80 10.85
N ARG A 149 -0.56 15.60 11.86
CA ARG A 149 -0.19 15.06 13.15
C ARG A 149 -1.35 14.32 13.79
N LEU A 150 -2.55 14.91 13.77
CA LEU A 150 -3.73 14.22 14.28
C LEU A 150 -4.05 12.99 13.43
N ILE A 151 -3.94 13.12 12.10
CA ILE A 151 -4.14 11.97 11.23
C ILE A 151 -3.08 10.91 11.47
N LEU A 152 -1.83 11.33 11.71
CA LEU A 152 -0.78 10.37 12.02
C LEU A 152 -1.07 9.62 13.32
N GLY A 153 -1.54 10.33 14.35
CA GLY A 153 -1.90 9.67 15.60
C GLY A 153 -3.05 8.70 15.42
N ILE A 154 -4.06 9.08 14.63
CA ILE A 154 -5.18 8.19 14.37
C ILE A 154 -4.71 6.94 13.61
N ILE A 155 -3.84 7.12 12.63
CA ILE A 155 -3.31 5.97 11.89
C ILE A 155 -2.47 5.08 12.78
N VAL A 156 -1.69 5.68 13.70
CA VAL A 156 -0.91 4.87 14.64
C VAL A 156 -1.81 4.07 15.56
N THR A 157 -2.91 4.68 16.03
CA THR A 157 -3.86 3.95 16.86
C THR A 157 -4.51 2.81 16.08
N PHE A 158 -4.87 3.06 14.82
CA PHE A 158 -5.45 2.00 14.00
C PHE A 158 -4.45 0.87 13.77
N SER A 159 -3.18 1.22 13.53
CA SER A 159 -2.15 0.20 13.34
C SER A 159 -1.95 -0.61 14.62
N LEU A 160 -1.98 0.04 15.78
CA LEU A 160 -1.86 -0.68 17.04
C LEU A 160 -3.04 -1.63 17.24
N ILE A 161 -4.25 -1.19 16.92
CA ILE A 161 -5.42 -2.06 17.02
C ILE A 161 -5.29 -3.25 16.07
N LEU A 162 -4.82 -3.01 14.85
CA LEU A 162 -4.63 -4.09 13.89
C LEU A 162 -3.57 -5.08 14.39
N ALA A 163 -2.50 -4.57 14.99
CA ALA A 163 -1.48 -5.44 15.55
C ALA A 163 -2.03 -6.28 16.69
N LEU A 164 -2.87 -5.68 17.54
CA LEU A 164 -3.49 -6.44 18.62
C LEU A 164 -4.41 -7.53 18.06
N ILE A 165 -5.18 -7.21 17.02
CA ILE A 165 -6.04 -8.20 16.39
C ILE A 165 -5.21 -9.33 15.77
N CYS A 166 -4.10 -8.99 15.12
CA CYS A 166 -3.23 -10.01 14.54
C CYS A 166 -2.62 -10.89 15.62
N VAL A 167 -2.21 -10.29 16.75
CA VAL A 167 -1.69 -11.08 17.86
C VAL A 167 -2.74 -12.03 18.41
N THR A 168 -3.98 -11.55 18.54
CA THR A 168 -5.06 -12.41 19.01
C THR A 168 -5.31 -13.56 18.03
N GLN A 169 -5.30 -13.27 16.73
CA GLN A 169 -5.48 -14.32 15.73
C GLN A 169 -4.34 -15.34 15.79
N PRO A 170 -3.11 -14.87 15.96
CA PRO A 170 -1.97 -15.77 16.07
C PRO A 170 -2.07 -16.64 17.32
N PHE A 171 -2.50 -16.05 18.44
CA PHE A 171 -2.68 -16.84 19.66
C PHE A 171 -3.77 -17.89 19.48
N ASN A 172 -4.87 -17.53 18.81
CA ASN A 172 -5.92 -18.50 18.54
C ASN A 172 -5.41 -19.63 17.65
N PRO A 173 -4.63 -19.29 16.62
CA PRO A 173 -4.08 -20.30 15.73
C PRO A 173 -3.12 -21.22 16.48
N LEU A 174 -2.28 -20.66 17.36
CA LEU A 174 -1.39 -21.48 18.15
C LEU A 174 -2.15 -22.41 19.08
N ALA A 175 -3.23 -21.91 19.69
CA ALA A 175 -4.04 -22.74 20.57
C ALA A 175 -4.71 -23.86 19.79
N GLN A 176 -5.23 -23.57 18.60
CA GLN A 176 -5.95 -24.56 17.78
C GLN A 176 -5.03 -25.33 16.84
N PHE A 177 -3.71 -25.19 16.96
CA PHE A 177 -2.80 -25.90 16.08
C PHE A 177 -2.94 -27.41 16.22
N ILE A 178 -3.10 -27.90 17.45
CA ILE A 178 -3.21 -29.34 17.69
C ILE A 178 -4.37 -29.59 18.64
N PHE A 179 -5.48 -30.10 18.10
CA PHE A 179 -6.65 -30.45 18.91
C PHE A 179 -6.59 -31.93 19.26
N LEU A 180 -5.63 -32.26 20.12
CA LEU A 180 -5.42 -33.64 20.56
C LEU A 180 -6.28 -33.89 21.81
N MET A 181 -6.08 -35.04 22.46
CA MET A 181 -6.82 -35.41 23.68
C MET A 181 -8.33 -35.49 23.43
N LEU A 182 -8.70 -36.42 22.55
CA LEU A 182 -10.11 -36.70 22.25
C LEU A 182 -10.41 -38.19 22.31
N LEU A 183 -9.55 -38.97 22.95
CA LEU A 183 -9.70 -40.42 22.97
C LEU A 183 -10.58 -40.87 24.14
N TRP A 184 -10.62 -42.18 24.35
CA TRP A 184 -11.43 -42.77 25.42
C TRP A 184 -10.68 -42.67 26.75
N GLY A 185 -11.21 -43.34 27.77
CA GLY A 185 -10.60 -43.32 29.09
C GLY A 185 -9.29 -44.12 29.09
N VAL A 186 -8.55 -43.97 30.17
CA VAL A 186 -7.25 -44.63 30.30
C VAL A 186 -7.45 -46.12 30.59
N ALA A 187 -6.36 -46.83 30.86
CA ALA A 187 -6.42 -48.26 31.12
C ALA A 187 -7.20 -48.53 32.41
N LEU A 188 -8.13 -49.47 32.33
CA LEU A 188 -8.94 -49.82 33.48
C LEU A 188 -8.15 -50.70 34.45
N ILE A 189 -8.73 -50.92 35.62
CA ILE A 189 -8.12 -51.74 36.65
C ILE A 189 -9.23 -52.42 37.44
N VAL A 190 -8.87 -52.99 38.59
CA VAL A 190 -9.87 -53.66 39.43
C VAL A 190 -10.86 -52.64 39.99
N ARG A 191 -12.13 -53.02 40.02
CA ARG A 191 -13.18 -52.15 40.50
C ARG A 191 -13.20 -52.01 42.02
N ARG A 192 -12.48 -52.87 42.74
CA ARG A 192 -12.47 -52.76 44.20
C ARG A 192 -11.76 -51.50 44.67
N MET A 193 -10.83 -50.98 43.87
CA MET A 193 -10.07 -49.79 44.24
C MET A 193 -10.78 -48.50 43.86
N PRO A 194 -12.07 -48.55 43.56
CA PRO A 194 -12.82 -47.35 43.20
C PRO A 194 -12.96 -46.44 44.41
N GLY A 195 -12.65 -45.15 44.23
CA GLY A 195 -12.75 -44.18 45.29
C GLY A 195 -14.18 -43.67 45.41
N ARG A 196 -14.44 -42.88 46.45
CA ARG A 196 -15.76 -42.31 46.66
C ARG A 196 -16.02 -41.19 45.66
N PHE A 197 -17.27 -41.11 45.20
CA PHE A 197 -17.70 -40.09 44.24
C PHE A 197 -18.74 -39.20 44.93
N SER A 198 -18.29 -38.05 45.42
CA SER A 198 -19.15 -37.10 46.11
C SER A 198 -18.89 -35.70 45.58
N ALA A 199 -19.96 -34.90 45.52
CA ALA A 199 -19.87 -33.52 45.06
C ALA A 199 -20.60 -32.61 46.04
N LEU A 200 -20.12 -31.38 46.15
CA LEU A 200 -20.72 -30.40 47.05
C LEU A 200 -21.75 -29.58 46.27
N MET A 201 -23.00 -29.63 46.74
CA MET A 201 -24.10 -28.90 46.09
C MET A 201 -24.17 -27.48 46.66
N LEU A 202 -23.18 -26.67 46.30
CA LEU A 202 -23.12 -25.29 46.77
C LEU A 202 -24.18 -24.46 46.06
N ILE A 203 -24.93 -23.69 46.83
CA ILE A 203 -25.97 -22.83 46.28
C ILE A 203 -26.25 -21.70 47.24
N VAL A 204 -26.86 -20.64 46.72
CA VAL A 204 -27.24 -19.47 47.50
C VAL A 204 -28.74 -19.27 47.59
N LEU A 205 -29.43 -19.23 46.45
CA LEU A 205 -30.87 -19.04 46.43
C LEU A 205 -31.53 -19.95 45.40
N SER A 206 -30.98 -21.15 45.19
CA SER A 206 -31.54 -22.06 44.21
C SER A 206 -32.92 -22.52 44.62
N LEU A 207 -33.81 -22.68 43.65
CA LEU A 207 -35.17 -23.11 43.91
C LEU A 207 -35.20 -24.58 44.31
N THR A 208 -36.26 -24.97 45.02
CA THR A 208 -36.43 -26.36 45.44
C THR A 208 -36.58 -27.27 44.24
N VAL A 209 -37.29 -26.83 43.20
CA VAL A 209 -37.44 -27.63 42.00
C VAL A 209 -36.10 -27.87 41.32
N SER A 210 -35.25 -26.85 41.26
CA SER A 210 -33.93 -27.01 40.67
C SER A 210 -33.08 -28.00 41.46
N CYS A 211 -33.15 -27.92 42.80
CA CYS A 211 -32.41 -28.87 43.63
C CYS A 211 -32.90 -30.29 43.41
N ARG A 212 -34.22 -30.47 43.33
CA ARG A 212 -34.78 -31.80 43.08
C ARG A 212 -34.36 -32.33 41.72
N TYR A 213 -34.36 -31.46 40.70
CA TYR A 213 -33.92 -31.89 39.37
C TYR A 213 -32.45 -32.29 39.38
N ILE A 214 -31.61 -31.51 40.06
CA ILE A 214 -30.20 -31.85 40.15
C ILE A 214 -29.99 -33.18 40.87
N TRP A 215 -30.72 -33.39 41.96
CA TRP A 215 -30.61 -34.65 42.70
C TRP A 215 -31.06 -35.83 41.85
N TRP A 216 -32.14 -35.66 41.10
CA TRP A 216 -32.61 -36.74 40.22
C TRP A 216 -31.60 -37.02 39.12
N ARG A 217 -31.01 -35.97 38.54
CA ARG A 217 -30.01 -36.17 37.49
C ARG A 217 -28.77 -36.87 38.03
N TYR A 218 -28.33 -36.52 39.22
CA TYR A 218 -27.14 -37.13 39.82
C TYR A 218 -27.42 -38.50 40.41
N THR A 219 -28.68 -38.86 40.65
CA THR A 219 -28.99 -40.17 41.20
C THR A 219 -28.91 -41.27 40.15
N SER A 220 -29.05 -40.92 38.87
CA SER A 220 -29.04 -41.89 37.78
C SER A 220 -27.62 -42.22 37.30
N THR A 221 -26.60 -41.89 38.09
CA THR A 221 -25.22 -42.20 37.72
C THR A 221 -24.88 -43.63 38.09
N LEU A 222 -24.24 -44.33 37.16
CA LEU A 222 -23.85 -45.72 37.38
C LEU A 222 -22.49 -45.75 38.07
N ASN A 223 -22.49 -46.08 39.35
CA ASN A 223 -21.28 -46.16 40.16
C ASN A 223 -21.62 -46.95 41.43
N TRP A 224 -20.65 -47.02 42.34
CA TRP A 224 -20.89 -47.71 43.61
C TRP A 224 -21.92 -46.96 44.45
N ASP A 225 -22.83 -47.72 45.05
CA ASP A 225 -23.90 -47.10 45.84
C ASP A 225 -23.36 -46.50 47.13
N ASP A 226 -22.53 -47.25 47.85
CA ASP A 226 -21.99 -46.75 49.12
C ASP A 226 -21.04 -45.58 48.90
N PRO A 227 -20.29 -45.59 47.81
CA PRO A 227 -19.32 -44.54 47.53
C PRO A 227 -19.97 -43.23 47.10
N VAL A 228 -21.26 -43.23 46.80
CA VAL A 228 -21.96 -42.03 46.37
C VAL A 228 -22.44 -41.25 47.58
N SER A 229 -22.09 -39.97 47.65
CA SER A 229 -22.48 -39.10 48.74
C SER A 229 -22.82 -37.72 48.19
N LEU A 230 -23.66 -37.00 48.94
CA LEU A 230 -24.07 -35.66 48.56
C LEU A 230 -23.96 -34.72 49.76
N VAL A 231 -23.68 -33.45 49.47
CA VAL A 231 -23.55 -32.42 50.50
C VAL A 231 -24.35 -31.20 50.06
N CYS A 232 -25.46 -30.93 50.74
CA CYS A 232 -26.31 -29.79 50.43
C CYS A 232 -25.82 -28.57 51.16
N GLY A 233 -25.64 -27.47 50.43
CA GLY A 233 -25.16 -26.21 50.97
C GLY A 233 -26.15 -25.09 50.72
N LEU A 234 -27.44 -25.36 50.94
CA LEU A 234 -28.50 -24.39 50.74
C LEU A 234 -28.95 -23.85 52.09
N ILE A 235 -28.95 -22.53 52.24
CA ILE A 235 -29.33 -21.88 53.49
C ILE A 235 -30.60 -21.05 53.36
N LEU A 236 -31.22 -21.02 52.19
CA LEU A 236 -32.44 -20.25 51.95
C LEU A 236 -33.46 -21.17 51.30
N LEU A 237 -34.26 -21.85 52.13
CA LEU A 237 -35.28 -22.78 51.66
C LEU A 237 -36.63 -22.09 51.61
N PHE A 238 -37.37 -22.32 50.52
CA PHE A 238 -38.68 -21.73 50.32
C PHE A 238 -39.82 -22.72 50.56
N ALA A 239 -39.72 -23.93 50.01
CA ALA A 239 -40.76 -24.93 50.21
C ALA A 239 -40.68 -25.53 51.61
N GLU A 240 -39.53 -26.12 51.94
CA GLU A 240 -39.21 -26.72 53.25
C GLU A 240 -40.11 -27.88 53.60
N THR A 241 -41.00 -28.32 52.72
CA THR A 241 -41.90 -29.43 52.99
C THR A 241 -41.76 -30.59 52.00
N TYR A 242 -41.16 -30.36 50.84
CA TYR A 242 -40.98 -31.40 49.83
C TYR A 242 -39.54 -31.81 49.62
N ALA A 243 -38.61 -30.84 49.63
CA ALA A 243 -37.19 -31.17 49.48
C ALA A 243 -36.71 -32.02 50.65
N TRP A 244 -37.11 -31.67 51.87
CA TRP A 244 -36.75 -32.48 53.03
C TRP A 244 -37.38 -33.87 52.95
N ILE A 245 -38.64 -33.94 52.51
CA ILE A 245 -39.29 -35.25 52.35
C ILE A 245 -38.60 -36.07 51.27
N VAL A 246 -38.20 -35.42 50.16
CA VAL A 246 -37.49 -36.12 49.10
C VAL A 246 -36.15 -36.65 49.59
N LEU A 247 -35.43 -35.84 50.38
CA LEU A 247 -34.16 -36.29 50.95
C LEU A 247 -34.34 -37.38 51.99
N VAL A 248 -35.50 -37.43 52.66
CA VAL A 248 -35.73 -38.45 53.68
C VAL A 248 -36.01 -39.82 53.07
N LEU A 249 -36.22 -39.91 51.76
CA LEU A 249 -36.46 -41.17 51.08
C LEU A 249 -35.21 -41.77 50.49
N GLY A 250 -34.04 -41.18 50.74
CA GLY A 250 -32.78 -41.67 50.22
C GLY A 250 -31.66 -41.21 51.16
N TYR A 251 -30.43 -41.32 50.71
CA TYR A 251 -29.26 -40.95 51.49
C TYR A 251 -28.77 -39.58 51.01
N PHE A 252 -28.80 -38.59 51.91
CA PHE A 252 -28.36 -37.25 51.59
C PHE A 252 -27.96 -36.54 52.87
N GLN A 253 -27.06 -35.56 52.73
CA GLN A 253 -26.55 -34.79 53.85
C GLN A 253 -26.82 -33.30 53.60
N VAL A 254 -27.34 -32.61 54.61
CA VAL A 254 -27.63 -31.19 54.52
C VAL A 254 -27.13 -30.49 55.78
N VAL A 255 -26.85 -29.20 55.63
CA VAL A 255 -26.34 -28.39 56.74
C VAL A 255 -26.72 -26.94 56.48
N TRP A 256 -26.18 -26.04 57.30
CA TRP A 256 -26.46 -24.61 57.18
C TRP A 256 -25.14 -23.84 57.33
N PRO A 257 -25.24 -22.52 57.28
CA PRO A 257 -24.09 -21.64 57.39
C PRO A 257 -23.74 -21.43 58.86
N LEU A 258 -22.46 -21.61 59.20
CA LEU A 258 -22.03 -21.46 60.59
C LEU A 258 -22.00 -20.00 61.01
N ASN A 259 -21.52 -19.11 60.15
CA ASN A 259 -21.42 -17.69 60.46
C ASN A 259 -22.50 -16.90 59.72
N ARG A 260 -22.89 -15.78 60.32
CA ARG A 260 -23.91 -14.90 59.73
C ARG A 260 -23.29 -13.92 58.73
N GLN A 261 -22.58 -14.46 57.74
CA GLN A 261 -21.95 -13.68 56.69
C GLN A 261 -21.49 -14.63 55.61
N PRO A 262 -21.75 -14.26 54.34
CA PRO A 262 -21.39 -15.13 53.19
C PRO A 262 -22.10 -16.50 53.36
N VAL A 263 -23.43 -16.51 53.31
CA VAL A 263 -24.22 -17.75 53.52
C VAL A 263 -23.62 -18.92 52.73
N PRO A 264 -23.42 -18.78 51.42
CA PRO A 264 -22.93 -19.90 50.61
C PRO A 264 -21.53 -20.33 51.04
N LEU A 265 -20.63 -19.36 51.22
CA LEU A 265 -19.26 -19.68 51.61
C LEU A 265 -19.21 -20.33 52.98
N PRO A 266 -19.99 -19.79 53.93
CA PRO A 266 -20.01 -20.37 55.27
C PRO A 266 -20.58 -21.78 55.27
N LYS A 267 -21.65 -22.01 54.49
CA LYS A 267 -22.22 -23.35 54.40
C LYS A 267 -21.23 -24.32 53.78
N ASP A 268 -20.53 -23.90 52.73
CA ASP A 268 -19.54 -24.77 52.10
C ASP A 268 -18.41 -25.09 53.07
N MET A 269 -17.95 -24.09 53.82
CA MET A 269 -16.87 -24.31 54.78
C MET A 269 -17.31 -25.27 55.89
N SER A 270 -18.54 -25.11 56.38
CA SER A 270 -19.04 -25.98 57.44
C SER A 270 -19.41 -27.37 56.96
N LEU A 271 -19.65 -27.55 55.66
CA LEU A 271 -20.02 -28.86 55.14
C LEU A 271 -18.86 -29.61 54.51
N TRP A 272 -17.75 -28.94 54.21
CA TRP A 272 -16.59 -29.63 53.64
C TRP A 272 -15.85 -30.49 54.65
N PRO A 273 -16.17 -30.37 55.94
CA PRO A 273 -15.50 -31.18 56.96
C PRO A 273 -16.09 -32.57 57.11
N SER A 274 -17.20 -32.86 56.43
CA SER A 274 -17.85 -34.17 56.51
C SER A 274 -17.39 -35.13 55.42
N VAL A 275 -16.45 -34.72 54.58
CA VAL A 275 -15.95 -35.56 53.50
C VAL A 275 -14.43 -35.47 53.45
N ASP A 276 -13.82 -36.54 52.95
CA ASP A 276 -12.37 -36.63 52.81
C ASP A 276 -12.01 -37.20 51.44
N ILE A 277 -12.75 -36.79 50.41
CA ILE A 277 -12.50 -37.29 49.07
C ILE A 277 -11.20 -36.69 48.52
N PHE A 278 -10.63 -37.40 47.54
CA PHE A 278 -9.39 -36.96 46.92
C PHE A 278 -9.60 -35.82 45.93
N VAL A 279 -10.84 -35.58 45.50
CA VAL A 279 -11.14 -34.52 44.55
C VAL A 279 -12.37 -33.76 45.02
N PRO A 280 -12.37 -32.46 44.74
CA PRO A 280 -13.49 -31.59 45.06
C PRO A 280 -14.04 -30.99 43.78
N THR A 281 -15.35 -31.13 43.56
CA THR A 281 -15.99 -30.69 42.33
C THR A 281 -16.66 -29.33 42.56
N TYR A 282 -16.31 -28.35 41.76
CA TYR A 282 -16.92 -27.02 41.83
C TYR A 282 -18.03 -26.92 40.80
N ASN A 283 -19.10 -27.67 41.06
CA ASN A 283 -20.23 -27.73 40.15
C ASN A 283 -21.26 -26.67 40.52
N GLU A 284 -21.70 -25.91 39.52
CA GLU A 284 -22.70 -24.88 39.74
C GLU A 284 -24.03 -25.50 40.13
N ASP A 285 -24.83 -24.72 40.88
CA ASP A 285 -26.13 -25.21 41.32
C ASP A 285 -27.08 -25.43 40.15
N LEU A 286 -26.95 -24.64 39.09
CA LEU A 286 -27.81 -24.77 37.92
C LEU A 286 -27.32 -25.80 36.92
N ASN A 287 -26.17 -26.42 37.17
CA ASN A 287 -25.61 -27.42 36.26
C ASN A 287 -26.13 -28.81 36.65
N VAL A 288 -26.64 -29.54 35.66
CA VAL A 288 -27.19 -30.87 35.85
C VAL A 288 -26.21 -31.89 35.29
N VAL A 289 -25.64 -32.71 36.17
CA VAL A 289 -24.69 -33.74 35.73
C VAL A 289 -25.39 -34.83 34.93
N LYS A 290 -24.70 -35.33 33.91
CA LYS A 290 -25.25 -36.38 33.06
C LYS A 290 -25.21 -37.73 33.78
N ASN A 291 -25.85 -38.73 33.18
CA ASN A 291 -25.89 -40.06 33.77
C ASN A 291 -24.52 -40.72 33.78
N THR A 292 -23.64 -40.34 32.84
CA THR A 292 -22.30 -40.89 32.74
C THR A 292 -21.25 -39.80 32.89
N ILE A 293 -21.45 -38.91 33.87
CA ILE A 293 -20.51 -37.82 34.10
C ILE A 293 -19.24 -38.32 34.78
N TYR A 294 -19.38 -38.99 35.93
CA TYR A 294 -18.23 -39.47 36.67
C TYR A 294 -17.58 -40.68 36.01
N ALA A 295 -18.23 -41.28 35.00
CA ALA A 295 -17.67 -42.45 34.36
C ALA A 295 -16.36 -42.15 33.63
N SER A 296 -16.22 -40.96 33.07
CA SER A 296 -15.04 -40.57 32.32
C SER A 296 -14.42 -39.29 32.88
N LEU A 297 -14.42 -39.15 34.20
CA LEU A 297 -13.85 -37.97 34.86
C LEU A 297 -12.68 -38.31 35.76
N GLY A 298 -12.77 -39.39 36.53
CA GLY A 298 -11.73 -39.79 37.46
C GLY A 298 -10.72 -40.76 36.87
N ILE A 299 -10.82 -41.06 35.58
CA ILE A 299 -9.92 -42.03 34.95
C ILE A 299 -8.53 -41.46 34.68
N ASP A 300 -8.32 -40.16 34.88
CA ASP A 300 -7.03 -39.54 34.63
C ASP A 300 -6.21 -39.32 35.89
N TRP A 301 -6.85 -38.93 36.99
CA TRP A 301 -6.12 -38.69 38.23
C TRP A 301 -5.50 -39.98 38.77
N PRO A 302 -6.25 -41.09 38.73
CA PRO A 302 -5.72 -42.35 39.24
C PRO A 302 -4.66 -42.92 38.30
N LYS A 303 -4.91 -42.90 36.99
CA LYS A 303 -3.97 -43.46 36.04
C LYS A 303 -2.74 -42.58 35.84
N ASP A 304 -2.83 -41.30 36.18
CA ASP A 304 -1.70 -40.38 36.02
C ASP A 304 -1.67 -39.44 37.22
N LYS A 305 -0.63 -39.56 38.04
CA LYS A 305 -0.50 -38.71 39.21
C LYS A 305 -0.31 -37.24 38.85
N LEU A 306 0.24 -36.95 37.66
CA LEU A 306 0.44 -35.57 37.26
C LEU A 306 -0.87 -34.83 37.09
N ASN A 307 -1.89 -35.49 36.53
CA ASN A 307 -3.18 -34.85 36.34
C ASN A 307 -3.87 -34.65 37.68
N ILE A 308 -4.40 -33.45 37.91
CA ILE A 308 -5.08 -33.14 39.16
C ILE A 308 -6.43 -32.45 38.98
N TRP A 309 -6.75 -31.91 37.81
CA TRP A 309 -8.01 -31.24 37.59
C TRP A 309 -8.62 -31.71 36.28
N ILE A 310 -9.95 -31.84 36.27
CA ILE A 310 -10.70 -32.24 35.10
C ILE A 310 -11.59 -31.09 34.66
N LEU A 311 -11.51 -30.72 33.39
CA LEU A 311 -12.29 -29.62 32.83
C LEU A 311 -13.22 -30.17 31.76
N ASP A 312 -14.50 -29.79 31.84
CA ASP A 312 -15.50 -30.21 30.89
C ASP A 312 -16.06 -29.00 30.14
N ASP A 313 -16.50 -29.23 28.91
CA ASP A 313 -17.02 -28.16 28.09
C ASP A 313 -18.30 -27.59 28.70
N GLY A 314 -18.39 -26.27 28.73
CA GLY A 314 -19.56 -25.58 29.27
C GLY A 314 -20.65 -25.58 28.20
N GLY A 315 -21.64 -26.45 28.39
CA GLY A 315 -22.72 -26.57 27.41
C GLY A 315 -23.57 -25.31 27.40
N ARG A 316 -23.80 -24.77 26.20
CA ARG A 316 -24.60 -23.57 26.02
C ARG A 316 -25.82 -23.91 25.15
N GLU A 317 -27.01 -23.55 25.65
CA GLU A 317 -28.24 -23.80 24.89
C GLU A 317 -28.42 -22.76 23.79
N GLU A 318 -28.51 -21.49 24.17
CA GLU A 318 -28.66 -20.39 23.24
C GLU A 318 -27.50 -19.41 23.41
N PHE A 319 -26.86 -19.05 22.28
CA PHE A 319 -25.76 -18.11 22.33
C PHE A 319 -26.21 -16.73 22.78
N ARG A 320 -27.32 -16.25 22.21
CA ARG A 320 -27.88 -14.95 22.57
C ARG A 320 -29.39 -15.04 22.62
N GLN A 321 -29.99 -14.13 23.38
CA GLN A 321 -31.44 -14.09 23.48
C GLN A 321 -32.09 -13.67 22.16
N PHE A 322 -31.44 -12.76 21.42
CA PHE A 322 -31.98 -12.33 20.13
C PHE A 322 -32.02 -13.49 19.15
N ALA A 323 -30.96 -14.31 19.12
CA ALA A 323 -30.95 -15.47 18.23
C ALA A 323 -32.02 -16.47 18.62
N GLN A 324 -32.21 -16.70 19.92
CA GLN A 324 -33.26 -17.63 20.36
C GLN A 324 -34.65 -17.11 19.99
N ASN A 325 -34.87 -15.80 20.14
CA ASN A 325 -36.16 -15.22 19.77
C ASN A 325 -36.41 -15.36 18.27
N VAL A 326 -35.38 -15.12 17.46
CA VAL A 326 -35.53 -15.27 16.01
C VAL A 326 -35.81 -16.72 15.64
N GLY A 327 -35.12 -17.67 16.28
CA GLY A 327 -35.29 -19.10 16.03
C GLY A 327 -35.04 -19.43 14.56
N VAL A 328 -33.81 -19.14 14.12
CA VAL A 328 -33.43 -19.40 12.73
C VAL A 328 -33.46 -20.90 12.43
N LYS A 329 -32.96 -21.71 13.35
CA LYS A 329 -32.92 -23.16 13.16
C LYS A 329 -32.87 -23.83 14.53
N TYR A 330 -33.15 -25.14 14.53
CA TYR A 330 -33.15 -25.91 15.76
C TYR A 330 -31.74 -26.37 16.16
N ILE A 331 -30.74 -26.13 15.32
CA ILE A 331 -29.36 -26.53 15.59
C ILE A 331 -28.41 -25.33 15.59
N ALA A 332 -28.81 -24.24 16.23
CA ALA A 332 -27.97 -23.04 16.27
C ALA A 332 -26.68 -23.32 17.03
N ARG A 333 -25.57 -22.84 16.48
CA ARG A 333 -24.27 -23.05 17.11
C ARG A 333 -24.16 -22.23 18.39
N THR A 334 -23.61 -22.86 19.42
CA THR A 334 -23.41 -22.18 20.69
C THR A 334 -22.24 -21.19 20.60
N THR A 335 -22.31 -20.15 21.43
CA THR A 335 -21.24 -19.16 21.47
C THR A 335 -19.93 -19.78 21.95
N HIS A 336 -20.01 -20.63 22.98
CA HIS A 336 -18.82 -21.29 23.52
C HIS A 336 -18.49 -22.60 22.82
N GLU A 337 -19.28 -23.01 21.83
CA GLU A 337 -19.03 -24.27 21.14
C GLU A 337 -17.67 -24.28 20.47
N HIS A 338 -17.29 -23.17 19.83
CA HIS A 338 -15.97 -23.08 19.22
C HIS A 338 -14.87 -23.01 20.25
N ALA A 339 -15.19 -22.68 21.50
CA ALA A 339 -14.20 -22.57 22.57
C ALA A 339 -14.26 -23.73 23.57
N LYS A 340 -15.43 -23.97 24.15
CA LYS A 340 -15.54 -25.01 25.16
C LYS A 340 -15.41 -26.41 24.57
N ALA A 341 -15.98 -26.64 23.38
CA ALA A 341 -15.98 -27.96 22.77
C ALA A 341 -14.79 -28.20 21.84
N GLY A 342 -14.07 -27.15 21.45
CA GLY A 342 -12.95 -27.29 20.53
C GLY A 342 -11.63 -26.84 21.13
N ASN A 343 -11.59 -25.64 21.73
CA ASN A 343 -10.33 -25.11 22.25
C ASN A 343 -9.90 -25.78 23.54
N ILE A 344 -10.85 -26.35 24.31
CA ILE A 344 -10.51 -26.95 25.59
C ILE A 344 -9.60 -28.17 25.41
N ASN A 345 -9.93 -29.06 24.46
CA ASN A 345 -9.10 -30.23 24.23
C ASN A 345 -7.72 -29.85 23.72
N ASN A 346 -7.65 -28.86 22.82
CA ASN A 346 -6.35 -28.42 22.32
C ASN A 346 -5.52 -27.80 23.43
N ALA A 347 -6.14 -27.02 24.31
CA ALA A 347 -5.41 -26.43 25.44
C ALA A 347 -4.92 -27.51 26.39
N LEU A 348 -5.75 -28.53 26.64
CA LEU A 348 -5.31 -29.64 27.48
C LEU A 348 -4.14 -30.38 26.85
N LYS A 349 -4.17 -30.55 25.53
CA LYS A 349 -3.04 -31.15 24.83
C LYS A 349 -1.79 -30.30 24.98
N TYR A 350 -1.94 -28.98 24.89
CA TYR A 350 -0.83 -28.05 25.06
C TYR A 350 -0.59 -27.68 26.52
N ALA A 351 -1.18 -28.43 27.46
CA ALA A 351 -1.01 -28.19 28.90
C ALA A 351 -1.42 -26.77 29.27
N LYS A 352 -2.55 -26.31 28.72
CA LYS A 352 -3.07 -24.99 29.01
C LYS A 352 -4.58 -25.00 29.22
N GLY A 353 -5.11 -26.10 29.72
CA GLY A 353 -6.55 -26.22 29.91
C GLY A 353 -7.03 -25.29 31.02
N GLU A 354 -8.19 -24.67 30.79
CA GLU A 354 -8.80 -23.76 31.75
C GLU A 354 -10.14 -24.32 32.21
N PHE A 355 -10.44 -24.13 33.49
CA PHE A 355 -11.70 -24.63 34.04
C PHE A 355 -12.87 -23.81 33.53
N VAL A 356 -13.94 -24.49 33.12
CA VAL A 356 -15.14 -23.84 32.61
C VAL A 356 -16.22 -23.66 33.67
N SER A 357 -15.93 -23.99 34.93
CA SER A 357 -16.81 -23.88 36.07
C SER A 357 -18.01 -24.83 36.00
N ILE A 358 -18.10 -25.67 34.97
CA ILE A 358 -19.18 -26.64 34.82
C ILE A 358 -18.57 -28.02 34.71
N PHE A 359 -18.99 -28.92 35.59
CA PHE A 359 -18.47 -30.30 35.65
C PHE A 359 -16.95 -30.30 35.75
N ASP A 360 -16.44 -29.43 36.64
CA ASP A 360 -15.01 -29.27 36.84
C ASP A 360 -14.66 -29.62 38.27
N CYS A 361 -13.45 -30.17 38.45
CA CYS A 361 -13.00 -30.62 39.76
C CYS A 361 -11.52 -30.34 39.89
N ASP A 362 -11.06 -30.28 41.14
CA ASP A 362 -9.67 -30.05 41.48
C ASP A 362 -9.24 -31.02 42.56
N HIS A 363 -7.92 -31.08 42.79
CA HIS A 363 -7.37 -31.99 43.79
C HIS A 363 -7.76 -31.53 45.19
N VAL A 364 -8.26 -32.46 46.00
CA VAL A 364 -8.69 -32.16 47.36
C VAL A 364 -7.72 -32.71 48.40
N PRO A 365 -7.39 -34.00 48.31
CA PRO A 365 -6.49 -34.65 49.27
C PRO A 365 -5.04 -34.36 48.87
N THR A 366 -4.71 -33.07 48.82
CA THR A 366 -3.37 -32.60 48.49
C THR A 366 -3.23 -31.18 48.99
N ARG A 367 -1.98 -30.76 49.19
CA ARG A 367 -1.63 -29.41 49.66
C ARG A 367 -2.36 -29.09 50.97
N SER A 368 -2.03 -29.89 51.99
CA SER A 368 -2.64 -29.72 53.30
C SER A 368 -2.31 -28.37 53.93
N PHE A 369 -1.23 -27.73 53.49
CA PHE A 369 -0.89 -26.40 54.01
C PHE A 369 -1.76 -25.30 53.44
N LEU A 370 -2.56 -25.60 52.42
CA LEU A 370 -3.44 -24.59 51.84
C LEU A 370 -4.57 -24.26 52.79
N GLN A 371 -4.85 -22.98 52.98
CA GLN A 371 -5.91 -22.55 53.88
C GLN A 371 -7.28 -22.87 53.29
N MET A 372 -8.29 -22.90 54.16
CA MET A 372 -9.65 -23.19 53.71
C MET A 372 -10.18 -22.09 52.80
N THR A 373 -9.62 -20.88 52.89
CA THR A 373 -10.02 -19.76 52.06
C THR A 373 -9.02 -19.58 50.93
N MET A 374 -9.53 -19.56 49.70
CA MET A 374 -8.69 -19.40 48.51
C MET A 374 -9.52 -18.69 47.45
N GLY A 375 -9.05 -18.71 46.21
CA GLY A 375 -9.73 -18.06 45.09
C GLY A 375 -10.96 -18.87 44.73
N TRP A 376 -12.05 -18.63 45.48
CA TRP A 376 -13.29 -19.35 45.26
C TRP A 376 -13.96 -18.98 43.94
N PHE A 377 -13.55 -17.88 43.32
CA PHE A 377 -14.12 -17.50 42.03
C PHE A 377 -13.74 -18.51 40.96
N LEU A 378 -14.61 -18.66 39.96
CA LEU A 378 -14.36 -19.62 38.90
C LEU A 378 -13.11 -19.27 38.11
N LYS A 379 -13.11 -18.09 37.47
CA LYS A 379 -11.98 -17.67 36.66
C LYS A 379 -10.70 -17.52 37.49
N GLU A 380 -10.81 -17.01 38.71
CA GLU A 380 -9.66 -16.92 39.60
C GLU A 380 -9.16 -18.29 40.05
N LYS A 381 -9.99 -19.34 39.94
CA LYS A 381 -9.55 -20.67 40.33
C LYS A 381 -8.36 -21.12 39.50
N GLN A 382 -8.41 -20.89 38.19
CA GLN A 382 -7.25 -21.16 37.34
C GLN A 382 -6.05 -20.35 37.81
N LEU A 383 -6.27 -19.11 38.24
CA LEU A 383 -5.19 -18.34 38.86
C LEU A 383 -4.69 -19.01 40.12
N ALA A 384 -5.61 -19.54 40.94
CA ALA A 384 -5.19 -20.35 42.08
C ALA A 384 -4.42 -21.58 41.62
N MET A 385 -4.72 -22.07 40.42
CA MET A 385 -3.94 -23.17 39.85
C MET A 385 -2.48 -22.80 39.76
N MET A 386 -2.18 -21.53 39.47
CA MET A 386 -0.80 -21.06 39.50
C MET A 386 -0.18 -21.30 40.87
N GLN A 387 -0.91 -20.95 41.93
CA GLN A 387 -0.47 -21.33 43.26
C GLN A 387 -0.42 -22.85 43.41
N THR A 388 -1.41 -23.54 42.85
CA THR A 388 -1.38 -25.00 42.82
C THR A 388 -0.26 -25.53 41.95
N PRO A 389 0.37 -24.67 41.13
CA PRO A 389 1.59 -25.08 40.45
C PRO A 389 2.68 -25.42 41.44
N HIS A 390 2.73 -24.69 42.57
CA HIS A 390 3.65 -25.03 43.65
C HIS A 390 3.25 -26.34 44.33
N HIS A 391 2.00 -26.77 44.16
CA HIS A 391 1.51 -28.03 44.73
C HIS A 391 1.49 -29.16 43.71
N PHE A 392 2.13 -28.97 42.56
CA PHE A 392 2.23 -29.99 41.51
C PHE A 392 0.84 -30.40 41.01
N PHE A 393 0.12 -29.40 40.48
CA PHE A 393 -1.20 -29.62 39.90
C PHE A 393 -1.15 -29.39 38.39
N SER A 394 -2.17 -29.92 37.72
CA SER A 394 -2.29 -29.79 36.27
C SER A 394 -3.78 -29.81 35.92
N PRO A 395 -4.07 -29.95 34.62
CA PRO A 395 -5.45 -29.96 34.16
C PRO A 395 -5.55 -30.79 32.89
N ASP A 396 -6.70 -31.43 32.72
CA ASP A 396 -6.98 -32.23 31.53
C ASP A 396 -8.43 -32.02 31.13
N PRO A 397 -8.67 -31.89 29.84
CA PRO A 397 -9.99 -31.62 29.30
C PRO A 397 -10.38 -32.73 28.32
N PHE A 398 -11.63 -33.20 28.43
CA PHE A 398 -12.16 -34.22 27.55
C PHE A 398 -13.35 -33.67 26.76
N GLU A 399 -13.53 -34.19 25.55
CA GLU A 399 -14.61 -33.75 24.67
C GLU A 399 -15.88 -34.52 25.05
N ARG A 400 -16.48 -34.12 26.16
CA ARG A 400 -17.71 -34.75 26.64
C ARG A 400 -18.45 -33.75 27.51
N ASN A 401 -19.58 -33.25 27.02
CA ASN A 401 -20.40 -32.30 27.76
C ASN A 401 -21.31 -33.08 28.71
N LEU A 402 -20.82 -33.28 29.93
CA LEU A 402 -21.53 -34.05 30.94
C LEU A 402 -22.40 -33.19 31.85
N GLY A 403 -22.45 -31.89 31.64
CA GLY A 403 -23.25 -30.98 32.46
C GLY A 403 -24.00 -30.01 31.56
N ARG A 404 -25.07 -29.44 32.12
CA ARG A 404 -25.89 -28.44 31.44
C ARG A 404 -25.64 -27.10 32.12
N PHE A 405 -24.61 -26.40 31.65
CA PHE A 405 -24.21 -25.14 32.26
C PHE A 405 -25.21 -24.03 31.91
N ARG A 406 -25.51 -23.20 32.91
CA ARG A 406 -26.36 -22.04 32.73
C ARG A 406 -25.56 -20.74 32.61
N LYS A 407 -24.24 -20.84 32.54
CA LYS A 407 -23.41 -19.64 32.41
C LYS A 407 -23.67 -18.94 31.08
N THR A 408 -23.83 -19.71 30.01
CA THR A 408 -24.10 -19.17 28.67
C THR A 408 -25.45 -19.70 28.21
N PRO A 409 -26.52 -19.01 28.61
CA PRO A 409 -27.87 -19.33 28.19
C PRO A 409 -28.56 -18.14 27.53
N ASN A 410 -28.37 -16.94 28.07
CA ASN A 410 -28.87 -15.71 27.48
C ASN A 410 -27.74 -14.69 27.41
N GLU A 411 -28.03 -13.55 26.78
CA GLU A 411 -27.04 -12.50 26.66
C GLU A 411 -26.68 -11.92 28.03
N GLY A 412 -27.69 -11.73 28.88
CA GLY A 412 -27.43 -11.18 30.22
C GLY A 412 -26.56 -12.12 31.04
N THR A 413 -26.84 -13.42 30.99
CA THR A 413 -26.04 -14.38 31.74
C THR A 413 -24.60 -14.42 31.24
N LEU A 414 -24.41 -14.40 29.92
CA LEU A 414 -23.07 -14.40 29.36
C LEU A 414 -22.31 -13.13 29.73
N PHE A 415 -23.00 -11.98 29.72
CA PHE A 415 -22.36 -10.74 30.13
C PHE A 415 -21.98 -10.75 31.61
N TYR A 416 -22.86 -11.27 32.47
CA TYR A 416 -22.55 -11.35 33.89
C TYR A 416 -21.37 -12.28 34.14
N GLY A 417 -21.34 -13.43 33.46
CA GLY A 417 -20.22 -14.35 33.62
C GLY A 417 -18.92 -13.72 33.16
N LEU A 418 -18.95 -13.01 32.02
CA LEU A 418 -17.75 -12.35 31.54
C LEU A 418 -17.27 -11.27 32.50
N VAL A 419 -18.21 -10.49 33.07
CA VAL A 419 -17.84 -9.46 34.03
C VAL A 419 -17.23 -10.07 35.29
N GLN A 420 -17.83 -11.17 35.78
CA GLN A 420 -17.27 -11.84 36.95
C GLN A 420 -15.88 -12.39 36.66
N ASP A 421 -15.69 -12.97 35.48
CA ASP A 421 -14.37 -13.49 35.11
C ASP A 421 -13.34 -12.36 35.01
N GLY A 422 -13.74 -11.22 34.44
CA GLY A 422 -12.82 -10.08 34.35
C GLY A 422 -12.46 -9.55 35.73
N ASN A 423 -13.44 -9.46 36.63
CA ASN A 423 -13.15 -9.00 37.98
C ASN A 423 -12.22 -9.96 38.70
N ASP A 424 -12.46 -11.27 38.56
CA ASP A 424 -11.59 -12.25 39.19
C ASP A 424 -10.18 -12.18 38.63
N MET A 425 -10.04 -12.00 37.31
CA MET A 425 -8.72 -11.88 36.71
C MET A 425 -8.00 -10.63 37.19
N TRP A 426 -8.73 -9.52 37.30
CA TRP A 426 -8.12 -8.29 37.80
C TRP A 426 -7.66 -8.46 39.25
N ASP A 427 -8.48 -9.09 40.09
CA ASP A 427 -8.10 -9.32 41.47
C ASP A 427 -6.87 -10.23 41.56
N ALA A 428 -6.83 -11.28 40.72
CA ALA A 428 -5.69 -12.18 40.72
C ALA A 428 -4.42 -11.46 40.27
N THR A 429 -4.53 -10.61 39.25
CA THR A 429 -3.37 -9.86 38.80
C THR A 429 -2.89 -8.88 39.88
N PHE A 430 -3.84 -8.25 40.58
CA PHE A 430 -3.45 -7.34 41.66
C PHE A 430 -2.77 -8.08 42.81
N PHE A 431 -3.27 -9.26 43.17
CA PHE A 431 -2.74 -9.96 44.34
C PHE A 431 -1.47 -10.74 44.01
N CYS A 432 -1.59 -11.73 43.11
CA CYS A 432 -0.45 -12.61 42.83
C CYS A 432 0.61 -11.93 41.99
N GLY A 433 0.22 -11.00 41.11
CA GLY A 433 1.14 -10.30 40.22
C GLY A 433 1.94 -11.27 39.35
N SER A 434 1.25 -12.28 38.83
CA SER A 434 1.82 -13.25 37.90
C SER A 434 3.03 -13.97 38.52
N CYS A 435 2.76 -14.71 39.59
CA CYS A 435 3.80 -15.44 40.31
C CYS A 435 4.08 -16.82 39.71
N ALA A 436 3.32 -17.25 38.71
CA ALA A 436 3.55 -18.55 38.10
C ALA A 436 4.82 -18.52 37.26
N VAL A 437 5.48 -19.67 37.17
CA VAL A 437 6.82 -19.72 36.56
C VAL A 437 6.77 -19.85 35.04
N ILE A 438 6.28 -20.99 34.54
CA ILE A 438 6.44 -21.32 33.13
C ILE A 438 5.13 -21.43 32.37
N ARG A 439 4.21 -22.28 32.81
CA ARG A 439 3.01 -22.60 32.03
C ARG A 439 1.76 -21.89 32.53
N ARG A 440 1.49 -21.93 33.83
CA ARG A 440 0.35 -21.19 34.37
C ARG A 440 0.51 -19.69 34.13
N LYS A 441 1.75 -19.20 34.11
CA LYS A 441 1.99 -17.80 33.77
C LYS A 441 1.57 -17.51 32.34
N PRO A 442 1.90 -18.42 31.41
CA PRO A 442 1.48 -18.23 30.02
C PRO A 442 -0.04 -18.29 29.89
N LEU A 443 -0.68 -19.21 30.61
CA LEU A 443 -2.14 -19.30 30.56
C LEU A 443 -2.80 -18.03 31.10
N ASP A 444 -2.29 -17.52 32.23
CA ASP A 444 -2.84 -16.28 32.79
C ASP A 444 -2.59 -15.10 31.86
N GLU A 445 -1.42 -15.05 31.24
CA GLU A 445 -1.13 -13.98 30.29
C GLU A 445 -2.08 -14.05 29.10
N ILE A 446 -2.35 -15.24 28.59
CA ILE A 446 -3.29 -15.37 27.47
C ILE A 446 -4.70 -14.95 27.88
N GLY A 447 -5.13 -15.35 29.09
CA GLY A 447 -6.46 -14.96 29.56
C GLY A 447 -6.58 -13.46 29.70
N GLY A 448 -5.57 -12.82 30.31
CA GLY A 448 -5.58 -11.37 30.45
C GLY A 448 -5.51 -10.67 29.10
N ILE A 449 -4.74 -11.25 28.16
CA ILE A 449 -4.67 -10.67 26.82
C ILE A 449 -6.02 -10.71 26.12
N ALA A 450 -6.75 -11.82 26.25
CA ALA A 450 -8.09 -11.89 25.67
C ALA A 450 -9.04 -10.91 26.35
N VAL A 451 -8.97 -10.81 27.68
CA VAL A 451 -9.85 -9.90 28.40
C VAL A 451 -9.60 -8.45 27.99
N GLU A 452 -8.34 -8.06 27.85
CA GLU A 452 -8.02 -6.73 27.37
C GLU A 452 -8.31 -6.55 25.88
N THR A 453 -8.19 -7.61 25.09
CA THR A 453 -8.40 -7.51 23.65
C THR A 453 -9.87 -7.36 23.30
N VAL A 454 -10.78 -7.84 24.17
CA VAL A 454 -12.19 -7.54 23.96
C VAL A 454 -12.43 -6.03 23.97
N THR A 455 -11.95 -5.35 25.01
CA THR A 455 -12.09 -3.89 25.08
C THR A 455 -11.29 -3.22 23.97
N GLU A 456 -10.14 -3.81 23.61
CA GLU A 456 -9.34 -3.26 22.52
C GLU A 456 -10.10 -3.29 21.20
N ASP A 457 -10.81 -4.40 20.93
CA ASP A 457 -11.62 -4.49 19.72
C ASP A 457 -12.79 -3.52 19.77
N ALA A 458 -13.45 -3.45 20.92
CA ALA A 458 -14.50 -2.43 21.02
C ALA A 458 -13.85 -1.09 20.69
N HIS A 459 -12.73 -0.80 21.36
CA HIS A 459 -12.10 0.52 21.17
C HIS A 459 -11.79 0.67 19.68
N THR A 460 -11.35 -0.42 19.03
CA THR A 460 -10.96 -0.38 17.59
C THR A 460 -12.04 0.05 16.58
N SER A 461 -13.18 -0.61 16.73
CA SER A 461 -14.34 -0.25 15.89
C SER A 461 -14.73 1.18 16.26
N LEU A 462 -14.63 1.51 17.55
CA LEU A 462 -15.09 2.84 17.99
C LEU A 462 -14.25 3.87 17.23
N ARG A 463 -12.97 3.59 17.15
CA ARG A 463 -12.08 4.51 16.42
C ARG A 463 -12.52 4.52 14.96
N LEU A 464 -12.74 3.33 14.40
CA LEU A 464 -13.08 3.23 12.98
C LEU A 464 -14.34 4.04 12.67
N HIS A 465 -15.35 3.95 13.54
CA HIS A 465 -16.56 4.75 13.36
C HIS A 465 -16.25 6.24 13.41
N ARG A 466 -15.40 6.66 14.35
CA ARG A 466 -15.02 8.07 14.45
C ARG A 466 -14.28 8.54 13.21
N ARG A 467 -13.37 7.70 12.69
CA ARG A 467 -12.63 8.05 11.48
C ARG A 467 -13.56 8.17 10.29
N GLY A 468 -14.53 7.26 10.18
CA GLY A 468 -15.51 7.35 9.10
C GLY A 468 -16.38 8.60 9.25
N TYR A 469 -16.68 8.99 10.50
CA TYR A 469 -17.50 10.17 10.72
C TYR A 469 -16.74 11.46 10.43
N THR A 470 -15.44 11.50 10.70
CA THR A 470 -14.68 12.73 10.50
C THR A 470 -14.60 13.11 9.03
N SER A 471 -13.96 12.27 8.23
CA SER A 471 -13.83 12.46 6.78
C SER A 471 -13.09 13.74 6.42
N ALA A 472 -12.61 14.46 7.43
CA ALA A 472 -11.79 15.65 7.21
C ALA A 472 -10.31 15.30 7.23
N TYR A 473 -9.84 14.71 8.33
CA TYR A 473 -8.49 14.18 8.38
C TYR A 473 -8.39 12.91 7.55
N MET A 474 -7.26 12.75 6.85
CA MET A 474 -7.06 11.55 6.04
C MET A 474 -7.00 10.31 6.92
N ARG A 475 -6.16 10.35 7.96
CA ARG A 475 -5.99 9.25 8.91
C ARG A 475 -5.44 7.99 8.24
N ILE A 476 -5.16 8.07 6.95
CA ILE A 476 -4.62 6.97 6.17
C ILE A 476 -4.20 7.50 4.81
N PRO A 477 -3.08 7.00 4.30
CA PRO A 477 -2.54 7.42 3.01
C PRO A 477 -2.27 6.18 2.17
N GLN A 478 -3.11 5.95 1.17
CA GLN A 478 -2.98 4.81 0.27
C GLN A 478 -3.84 5.09 -0.96
N ALA A 479 -3.93 4.10 -1.84
CA ALA A 479 -4.74 4.20 -3.05
C ALA A 479 -5.87 3.18 -2.99
N ALA A 480 -6.86 3.36 -3.87
CA ALA A 480 -8.00 2.45 -3.89
C ALA A 480 -7.59 1.03 -4.24
N GLY A 481 -6.72 0.87 -5.24
CA GLY A 481 -6.33 -0.46 -5.70
C GLY A 481 -5.56 -1.21 -4.62
N LEU A 482 -4.55 -0.56 -4.02
CA LEU A 482 -3.73 -1.23 -3.02
C LEU A 482 -4.55 -1.57 -1.77
N ALA A 483 -5.37 -0.63 -1.31
CA ALA A 483 -6.20 -0.90 -0.14
C ALA A 483 -7.20 -2.01 -0.41
N THR A 484 -7.83 -2.01 -1.59
CA THR A 484 -8.77 -3.06 -1.94
C THR A 484 -8.09 -4.42 -2.01
N GLU A 485 -6.90 -4.47 -2.61
CA GLU A 485 -6.17 -5.73 -2.71
C GLU A 485 -5.79 -6.25 -1.32
N SER A 486 -5.30 -5.36 -0.46
CA SER A 486 -4.91 -5.77 0.89
C SER A 486 -6.12 -6.28 1.67
N LEU A 487 -7.24 -5.56 1.58
CA LEU A 487 -8.44 -5.97 2.29
C LEU A 487 -8.95 -7.32 1.78
N SER A 488 -8.95 -7.50 0.46
CA SER A 488 -9.41 -8.76 -0.11
C SER A 488 -8.51 -9.91 0.32
N ALA A 489 -7.19 -9.70 0.29
CA ALA A 489 -6.27 -10.76 0.71
C ALA A 489 -6.47 -11.11 2.17
N HIS A 490 -6.61 -10.09 3.04
CA HIS A 490 -6.80 -10.35 4.46
C HIS A 490 -8.11 -11.10 4.71
N ILE A 491 -9.19 -10.68 4.05
CA ILE A 491 -10.48 -11.33 4.23
C ILE A 491 -10.44 -12.77 3.74
N GLY A 492 -9.83 -13.01 2.57
CA GLY A 492 -9.75 -14.37 2.05
C GLY A 492 -8.92 -15.26 2.97
N GLN A 493 -7.78 -14.76 3.46
CA GLN A 493 -6.96 -15.55 4.36
C GLN A 493 -7.70 -15.86 5.66
N ARG A 494 -8.39 -14.86 6.23
CA ARG A 494 -9.13 -15.09 7.46
C ARG A 494 -10.25 -16.11 7.25
N ILE A 495 -10.98 -15.99 6.14
CA ILE A 495 -12.06 -16.93 5.87
C ILE A 495 -11.53 -18.34 5.67
N ARG A 496 -10.43 -18.48 4.93
CA ARG A 496 -9.84 -19.81 4.73
C ARG A 496 -9.37 -20.41 6.04
N TRP A 497 -8.71 -19.60 6.88
CA TRP A 497 -8.25 -20.10 8.17
C TRP A 497 -9.42 -20.52 9.06
N ALA A 498 -10.48 -19.72 9.08
CA ALA A 498 -11.64 -20.06 9.89
C ALA A 498 -12.30 -21.34 9.39
N ARG A 499 -12.43 -21.49 8.08
CA ARG A 499 -13.05 -22.69 7.52
C ARG A 499 -12.21 -23.93 7.80
N GLY A 500 -10.89 -23.83 7.65
CA GLY A 500 -10.03 -24.99 7.83
C GLY A 500 -9.94 -25.39 9.30
N MET A 501 -9.78 -24.41 10.20
CA MET A 501 -9.58 -24.71 11.61
C MET A 501 -10.88 -25.19 12.26
N VAL A 502 -12.00 -24.51 12.00
CA VAL A 502 -13.29 -24.84 12.59
C VAL A 502 -14.36 -24.68 11.52
N GLN A 503 -14.73 -25.79 10.89
CA GLN A 503 -15.71 -25.74 9.80
C GLN A 503 -17.07 -25.28 10.29
N ILE A 504 -17.48 -25.75 11.47
CA ILE A 504 -18.80 -25.46 12.02
C ILE A 504 -18.71 -24.62 13.29
N PHE A 505 -17.81 -23.63 13.29
CA PHE A 505 -17.70 -22.74 14.43
C PHE A 505 -18.94 -21.88 14.60
N ARG A 506 -19.37 -21.22 13.52
CA ARG A 506 -20.54 -20.35 13.53
C ARG A 506 -20.96 -20.11 12.09
N LEU A 507 -21.97 -19.27 11.91
CA LEU A 507 -22.44 -18.93 10.58
C LEU A 507 -21.46 -17.97 9.90
N ASP A 508 -21.53 -17.94 8.56
CA ASP A 508 -20.66 -17.07 7.79
C ASP A 508 -21.04 -15.62 7.99
N ASN A 509 -20.04 -14.77 8.24
CA ASN A 509 -20.20 -13.33 8.41
C ASN A 509 -20.96 -12.98 9.68
N PRO A 510 -21.42 -13.99 10.43
CA PRO A 510 -22.08 -13.78 11.71
C PRO A 510 -21.10 -13.77 12.87
N LEU A 511 -19.88 -14.24 12.66
CA LEU A 511 -18.87 -14.21 13.72
C LEU A 511 -18.54 -12.79 14.13
N THR A 512 -18.45 -11.87 13.15
CA THR A 512 -18.21 -10.47 13.47
C THR A 512 -19.36 -9.89 14.27
N GLY A 513 -20.59 -10.22 13.92
CA GLY A 513 -21.75 -9.73 14.66
C GLY A 513 -21.75 -10.25 16.09
N LYS A 514 -21.44 -11.54 16.27
CA LYS A 514 -21.37 -12.09 17.62
C LYS A 514 -20.24 -11.45 18.43
N GLY A 515 -19.10 -11.20 17.77
CA GLY A 515 -17.98 -10.55 18.45
C GLY A 515 -18.35 -9.13 18.88
N LEU A 516 -19.06 -8.39 18.03
CA LEU A 516 -19.50 -7.06 18.40
C LEU A 516 -20.52 -7.09 19.54
N LYS A 517 -21.44 -8.07 19.51
CA LYS A 517 -22.41 -8.20 20.58
C LYS A 517 -21.73 -8.49 21.91
N PHE A 518 -20.72 -9.37 21.90
CA PHE A 518 -19.97 -9.64 23.13
C PHE A 518 -19.14 -8.43 23.55
N ALA A 519 -18.58 -7.71 22.57
CA ALA A 519 -17.72 -6.57 22.87
C ALA A 519 -18.50 -5.39 23.44
N GLN A 520 -19.79 -5.27 23.12
CA GLN A 520 -20.59 -4.23 23.76
C GLN A 520 -20.63 -4.43 25.28
N ARG A 521 -20.96 -5.65 25.72
CA ARG A 521 -20.96 -5.95 27.14
C ARG A 521 -19.55 -5.89 27.73
N LEU A 522 -18.55 -6.30 26.96
CA LEU A 522 -17.17 -6.21 27.44
C LEU A 522 -16.77 -4.75 27.69
N CYS A 523 -17.14 -3.85 26.78
CA CYS A 523 -16.85 -2.44 26.98
C CYS A 523 -17.64 -1.86 28.15
N TYR A 524 -18.89 -2.29 28.32
CA TYR A 524 -19.65 -1.84 29.49
C TYR A 524 -18.97 -2.28 30.78
N VAL A 525 -18.51 -3.53 30.85
CA VAL A 525 -17.82 -4.01 32.03
C VAL A 525 -16.49 -3.29 32.24
N ASN A 526 -15.76 -3.00 31.16
CA ASN A 526 -14.52 -2.26 31.28
C ASN A 526 -14.76 -0.84 31.81
N ALA A 527 -15.82 -0.19 31.32
CA ALA A 527 -16.16 1.13 31.84
C ALA A 527 -16.54 1.06 33.31
N MET A 528 -17.26 0.01 33.71
CA MET A 528 -17.62 -0.16 35.12
C MET A 528 -16.39 -0.38 35.99
N PHE A 529 -15.43 -1.18 35.51
CA PHE A 529 -14.28 -1.57 36.31
C PHE A 529 -13.07 -0.68 36.10
N HIS A 530 -13.20 0.38 35.30
CA HIS A 530 -12.10 1.32 35.02
C HIS A 530 -11.25 1.57 36.27
N PHE A 531 -11.87 1.79 37.43
CA PHE A 531 -11.07 2.14 38.62
C PHE A 531 -10.12 0.99 38.93
N LEU A 532 -25.44 1.72 30.97
CA LEU A 532 -25.76 3.13 31.33
C LEU A 532 -26.61 3.76 30.22
N SER A 533 -27.40 4.79 30.54
CA SER A 533 -28.24 5.53 29.55
C SER A 533 -27.47 6.66 28.87
N GLY A 534 -26.63 7.39 29.62
CA GLY A 534 -25.80 8.46 29.02
C GLY A 534 -24.87 7.88 27.94
N ILE A 535 -24.05 6.85 28.24
CA ILE A 535 -23.14 6.28 27.26
C ILE A 535 -23.89 5.80 26.02
N PRO A 536 -25.05 5.16 26.21
CA PRO A 536 -25.84 4.72 25.07
C PRO A 536 -26.34 5.91 24.25
N ARG A 537 -26.78 6.97 24.92
CA ARG A 537 -27.21 8.17 24.19
C ARG A 537 -26.07 8.79 23.41
N LEU A 538 -24.88 8.84 24.01
CA LEU A 538 -23.71 9.38 23.31
C LEU A 538 -23.36 8.52 22.10
N ILE A 539 -23.44 7.20 22.25
CA ILE A 539 -23.15 6.30 21.13
C ILE A 539 -24.16 6.50 20.01
N PHE A 540 -25.45 6.64 20.36
CA PHE A 540 -26.47 6.86 19.35
C PHE A 540 -26.25 8.19 18.63
N LEU A 541 -25.90 9.23 19.39
CA LEU A 541 -25.62 10.53 18.77
C LEU A 541 -24.41 10.45 17.84
N THR A 542 -23.36 9.73 18.26
CA THR A 542 -22.19 9.56 17.40
C THR A 542 -22.55 8.80 16.13
N ALA A 543 -23.38 7.76 16.24
CA ALA A 543 -23.79 7.02 15.06
C ALA A 543 -24.60 7.89 14.11
N PRO A 544 -25.52 8.71 14.65
CA PRO A 544 -26.31 9.61 13.81
C PRO A 544 -25.42 10.64 13.13
N LEU A 545 -24.44 11.19 13.86
CA LEU A 545 -23.52 12.14 13.26
C LEU A 545 -22.68 11.48 12.18
N ALA A 546 -22.26 10.24 12.40
CA ALA A 546 -21.51 9.51 11.37
C ALA A 546 -22.35 9.29 10.12
N PHE A 547 -23.61 8.92 10.30
CA PHE A 547 -24.49 8.73 9.14
C PHE A 547 -24.70 10.04 8.39
N LEU A 548 -24.91 11.14 9.11
CA LEU A 548 -25.08 12.44 8.47
C LEU A 548 -23.81 12.85 7.71
N LEU A 549 -22.65 12.64 8.32
CA LEU A 549 -21.39 12.99 7.65
C LEU A 549 -21.17 12.12 6.42
N LEU A 550 -21.50 10.84 6.49
CA LEU A 550 -21.38 9.97 5.33
C LEU A 550 -22.31 10.42 4.21
N HIS A 551 -23.54 10.80 4.55
CA HIS A 551 -24.46 11.31 3.54
C HIS A 551 -23.94 12.59 2.90
N ALA A 552 -23.40 13.51 3.73
CA ALA A 552 -22.87 14.76 3.19
C ALA A 552 -21.66 14.50 2.29
N TYR A 553 -20.81 13.55 2.68
CA TYR A 553 -19.66 13.20 1.85
C TYR A 553 -20.09 12.60 0.52
N ILE A 554 -21.05 11.67 0.56
CA ILE A 554 -21.56 11.08 -0.67
C ILE A 554 -22.25 12.13 -1.55
N ILE A 555 -22.79 13.18 -0.94
CA ILE A 555 -23.48 14.22 -1.70
C ILE A 555 -22.50 15.18 -2.38
N TYR A 556 -21.62 15.80 -1.58
CA TYR A 556 -20.80 16.90 -2.06
C TYR A 556 -19.31 16.65 -1.94
N ALA A 557 -18.87 15.39 -1.92
CA ALA A 557 -17.45 15.09 -1.82
C ALA A 557 -17.01 13.92 -2.70
N PRO A 558 -17.92 13.27 -3.41
CA PRO A 558 -17.56 12.10 -4.23
C PRO A 558 -16.84 12.48 -5.51
N ALA A 559 -16.77 13.77 -5.86
CA ALA A 559 -16.12 14.18 -7.10
C ALA A 559 -14.64 13.84 -7.09
N LEU A 560 -13.96 14.09 -5.96
CA LEU A 560 -12.52 13.87 -5.87
C LEU A 560 -12.13 12.76 -4.90
N MET A 561 -13.06 12.24 -4.11
CA MET A 561 -12.79 11.21 -3.12
C MET A 561 -13.86 10.13 -3.16
N ILE A 562 -14.13 9.61 -4.36
CA ILE A 562 -15.16 8.58 -4.51
C ILE A 562 -14.79 7.32 -3.73
N ALA A 563 -13.53 6.88 -3.85
CA ALA A 563 -13.10 5.69 -3.12
C ALA A 563 -13.12 5.93 -1.62
N LEU A 564 -12.65 7.10 -1.18
CA LEU A 564 -12.69 7.41 0.26
C LEU A 564 -14.12 7.49 0.77
N PHE A 565 -15.01 8.09 -0.02
CA PHE A 565 -16.42 8.15 0.38
C PHE A 565 -17.03 6.76 0.47
N VAL A 566 -16.71 5.89 -0.49
CA VAL A 566 -17.23 4.52 -0.45
C VAL A 566 -16.71 3.77 0.77
N LEU A 567 -15.42 3.92 1.07
CA LEU A 567 -14.86 3.26 2.24
C LEU A 567 -15.49 3.77 3.53
N PRO A 568 -15.68 5.09 3.63
CA PRO A 568 -16.33 5.66 4.82
C PRO A 568 -17.76 5.17 4.95
N HIS A 569 -18.49 5.08 3.83
CA HIS A 569 -19.86 4.59 3.88
C HIS A 569 -19.90 3.13 4.31
N MET A 570 -18.98 2.31 3.81
CA MET A 570 -18.93 0.91 4.22
C MET A 570 -18.62 0.79 5.70
N ILE A 571 -17.67 1.57 6.20
CA ILE A 571 -17.34 1.53 7.63
C ILE A 571 -18.52 1.98 8.48
N HIS A 572 -19.22 3.03 8.05
CA HIS A 572 -20.38 3.49 8.79
C HIS A 572 -21.50 2.45 8.79
N ALA A 573 -21.72 1.80 7.66
CA ALA A 573 -22.73 0.74 7.59
C ALA A 573 -22.36 -0.42 8.51
N SER A 574 -21.09 -0.81 8.53
CA SER A 574 -20.65 -1.89 9.43
C SER A 574 -20.84 -1.49 10.88
N LEU A 575 -20.49 -0.26 11.24
CA LEU A 575 -20.66 0.20 12.61
C LEU A 575 -22.14 0.24 13.00
N THR A 576 -23.00 0.71 12.10
CA THR A 576 -24.43 0.74 12.38
C THR A 576 -24.99 -0.66 12.54
N ASN A 577 -24.56 -1.61 11.70
CA ASN A 577 -25.01 -2.98 11.83
C ASN A 577 -24.56 -3.58 13.16
N SER A 578 -23.31 -3.32 13.56
CA SER A 578 -22.83 -3.82 14.84
C SER A 578 -23.62 -3.23 16.00
N LYS A 579 -23.89 -1.93 15.96
CA LYS A 579 -24.67 -1.29 17.02
C LYS A 579 -26.08 -1.86 17.08
N ILE A 580 -26.71 -2.07 15.93
CA ILE A 580 -28.05 -2.65 15.90
C ILE A 580 -28.04 -4.08 16.44
N GLN A 581 -27.02 -4.87 16.09
CA GLN A 581 -26.92 -6.22 16.61
C GLN A 581 -26.74 -6.22 18.12
N GLY A 582 -25.91 -5.31 18.64
CA GLY A 582 -25.74 -5.20 20.09
C GLY A 582 -27.05 -4.81 20.76
N LYS A 583 -27.78 -3.86 20.18
CA LYS A 583 -29.05 -3.45 20.76
C LYS A 583 -30.05 -4.59 20.77
N TYR A 584 -30.10 -5.37 19.68
CA TYR A 584 -30.99 -6.52 19.64
C TYR A 584 -30.59 -7.57 20.67
N ARG A 585 -29.29 -7.82 20.82
CA ARG A 585 -28.82 -8.77 21.82
C ARG A 585 -29.06 -8.28 23.24
N HIS A 586 -29.23 -6.96 23.43
CA HIS A 586 -29.51 -6.44 24.75
C HIS A 586 -30.85 -6.93 25.30
N SER A 587 -31.75 -7.36 24.44
CA SER A 587 -33.03 -7.89 24.89
C SER A 587 -32.83 -9.27 25.53
N PHE A 588 -33.80 -9.66 26.35
CA PHE A 588 -33.77 -10.93 27.06
C PHE A 588 -35.03 -11.72 26.76
N TRP A 589 -34.85 -13.03 26.55
CA TRP A 589 -35.99 -13.90 26.27
C TRP A 589 -36.83 -14.10 27.52
N SER A 590 -38.15 -14.07 27.37
CA SER A 590 -39.07 -14.25 28.48
C SER A 590 -39.37 -15.74 28.68
N GLU A 591 -39.88 -16.04 29.87
CA GLU A 591 -40.25 -17.41 30.24
C GLU A 591 -41.72 -17.42 30.67
N ILE A 592 -42.46 -18.43 30.21
CA ILE A 592 -43.87 -18.57 30.53
C ILE A 592 -44.20 -19.79 31.37
N TYR A 593 -43.28 -20.74 31.50
CA TYR A 593 -43.49 -21.94 32.28
C TYR A 593 -42.66 -21.89 33.56
N GLU A 594 -42.77 -22.94 34.37
CA GLU A 594 -42.01 -23.01 35.62
C GLU A 594 -40.51 -23.06 35.33
N THR A 595 -40.10 -23.81 34.32
CA THR A 595 -38.70 -23.93 33.96
C THR A 595 -38.59 -24.11 32.44
N VAL A 596 -37.39 -23.86 31.93
CA VAL A 596 -37.14 -24.00 30.50
C VAL A 596 -37.32 -25.45 30.05
N LEU A 597 -38.38 -25.71 29.30
CA LEU A 597 -38.67 -27.07 28.83
C LEU A 597 -37.94 -27.37 27.54
N ALA A 598 -37.59 -28.64 27.36
CA ALA A 598 -36.88 -29.10 26.18
C ALA A 598 -37.84 -29.86 25.28
N TRP A 599 -37.85 -29.49 24.00
CA TRP A 599 -38.71 -30.17 23.04
C TRP A 599 -38.11 -31.51 22.62
N TYR A 600 -38.96 -32.52 22.53
CA TYR A 600 -38.53 -33.86 22.16
C TYR A 600 -39.75 -34.65 21.69
N ILE A 601 -39.48 -35.85 21.18
CA ILE A 601 -40.52 -36.77 20.73
C ILE A 601 -40.34 -38.14 21.38
N ALA A 602 -39.96 -38.14 22.65
CA ALA A 602 -39.75 -39.39 23.38
C ALA A 602 -41.08 -40.04 23.75
N PRO A 603 -41.05 -41.36 23.87
CA PRO A 603 -42.24 -42.12 24.20
C PRO A 603 -42.49 -42.10 25.71
N PRO A 604 -43.68 -42.56 26.10
CA PRO A 604 -44.09 -42.64 27.49
C PRO A 604 -45.35 -43.49 27.55
N THR A 605 -45.70 -43.91 28.76
CA THR A 605 -46.89 -44.71 29.00
C THR A 605 -47.89 -43.93 29.84
N LEU A 606 -49.16 -43.99 29.43
CA LEU A 606 -50.22 -43.29 30.15
C LEU A 606 -51.52 -44.06 29.99
N VAL A 607 -52.45 -43.80 30.90
CA VAL A 607 -53.76 -44.44 30.90
C VAL A 607 -54.87 -43.40 30.81
N ALA A 608 -54.70 -42.41 29.93
CA ALA A 608 -55.65 -41.34 29.74
C ALA A 608 -56.26 -41.44 28.34
N LEU A 609 -57.59 -41.45 28.27
CA LEU A 609 -58.33 -41.51 27.01
C LEU A 609 -57.91 -42.71 26.17
N ILE A 610 -57.75 -43.85 26.82
CA ILE A 610 -57.37 -45.09 26.12
C ILE A 610 -57.82 -46.28 26.96
N ASN A 611 -58.62 -47.16 26.36
CA ASN A 611 -59.06 -48.35 27.07
C ASN A 611 -57.93 -49.33 27.34
N PRO A 612 -56.86 -49.26 26.55
CA PRO A 612 -55.68 -50.09 26.73
C PRO A 612 -54.49 -49.23 27.13
N HIS A 613 -53.32 -49.86 27.21
CA HIS A 613 -52.09 -49.15 27.53
C HIS A 613 -51.80 -48.08 26.49
N LYS A 614 -51.81 -46.81 26.91
CA LYS A 614 -51.63 -45.69 25.99
C LYS A 614 -50.14 -45.44 25.82
N GLY A 615 -49.59 -45.86 24.67
CA GLY A 615 -48.21 -45.57 24.32
C GLY A 615 -48.16 -44.18 23.69
N LYS A 616 -48.03 -43.17 24.53
CA LYS A 616 -48.10 -41.78 24.11
C LYS A 616 -46.70 -41.20 23.97
N PHE A 617 -46.64 -39.90 23.66
CA PHE A 617 -45.38 -39.21 23.43
C PHE A 617 -45.32 -37.99 24.33
N ASN A 618 -44.16 -37.76 24.94
CA ASN A 618 -43.94 -36.58 25.78
C ASN A 618 -43.32 -35.49 24.92
N VAL A 619 -44.11 -34.47 24.59
CA VAL A 619 -43.62 -33.40 23.72
C VAL A 619 -42.56 -32.56 24.41
N THR A 620 -42.82 -32.14 25.65
CA THR A 620 -41.90 -31.30 26.39
C THR A 620 -41.39 -32.04 27.63
N ALA A 621 -40.12 -31.84 27.93
CA ALA A 621 -39.48 -32.42 29.11
C ALA A 621 -39.05 -31.28 30.03
N LYS A 622 -39.42 -31.39 31.30
CA LYS A 622 -39.10 -30.36 32.28
C LYS A 622 -38.99 -30.99 33.66
N GLY A 623 -38.38 -30.25 34.59
CA GLY A 623 -38.18 -30.77 35.94
C GLY A 623 -39.51 -30.99 36.66
N GLY A 624 -40.46 -30.05 36.51
CA GLY A 624 -41.75 -30.16 37.19
C GLY A 624 -42.93 -30.17 36.23
N LEU A 625 -42.70 -30.38 34.94
CA LEU A 625 -43.79 -30.41 33.97
C LEU A 625 -43.45 -31.40 32.87
N VAL A 626 -44.49 -31.88 32.19
CA VAL A 626 -44.32 -32.82 31.09
C VAL A 626 -45.56 -32.75 30.21
N GLU A 627 -45.39 -32.28 28.98
CA GLU A 627 -46.51 -32.17 28.03
C GLU A 627 -46.84 -33.56 27.49
N GLU A 628 -47.82 -34.22 28.10
CA GLU A 628 -48.20 -35.58 27.71
C GLU A 628 -49.12 -35.49 26.50
N GLU A 629 -48.66 -35.99 25.36
CA GLU A 629 -49.47 -36.03 24.14
C GLU A 629 -50.11 -37.41 24.04
N TYR A 630 -51.26 -37.55 24.70
CA TYR A 630 -51.97 -38.82 24.70
C TYR A 630 -52.66 -39.04 23.35
N VAL A 631 -52.44 -40.21 22.77
CA VAL A 631 -52.96 -40.54 21.44
C VAL A 631 -54.24 -41.34 21.56
N ASP A 632 -55.31 -40.82 20.97
CA ASP A 632 -56.60 -41.49 20.94
C ASP A 632 -57.24 -41.29 19.57
N TRP A 633 -58.20 -42.17 19.25
CA TRP A 633 -58.91 -42.08 17.98
C TRP A 633 -60.38 -41.73 18.18
N VAL A 634 -61.12 -42.51 18.98
CA VAL A 634 -62.51 -42.21 19.29
C VAL A 634 -62.79 -42.48 20.76
N ILE A 635 -61.87 -42.07 21.63
CA ILE A 635 -62.02 -42.30 23.06
C ILE A 635 -63.24 -41.59 23.61
N SER A 636 -63.26 -40.26 23.50
CA SER A 636 -64.34 -39.42 24.03
C SER A 636 -64.63 -39.75 25.49
N ARG A 637 -63.56 -39.83 26.28
CA ARG A 637 -63.63 -40.22 27.68
C ARG A 637 -63.80 -39.00 28.58
N PRO A 638 -64.39 -39.23 29.74
CA PRO A 638 -64.60 -38.17 30.72
C PRO A 638 -63.35 -38.01 31.59
N TYR A 639 -63.48 -37.23 32.65
CA TYR A 639 -62.37 -37.00 33.56
C TYR A 639 -62.04 -38.28 34.35
N ILE A 640 -60.75 -38.45 34.62
CA ILE A 640 -60.28 -39.62 35.37
C ILE A 640 -58.94 -39.26 36.01
N PHE A 641 -58.54 -40.09 36.98
CA PHE A 641 -57.27 -39.90 37.67
C PHE A 641 -56.12 -40.21 36.72
N LEU A 642 -55.32 -39.20 36.39
CA LEU A 642 -54.25 -39.36 35.42
C LEU A 642 -53.02 -39.99 36.07
N VAL A 643 -52.11 -40.47 35.23
CA VAL A 643 -50.86 -41.05 35.66
C VAL A 643 -49.88 -40.96 34.50
N LEU A 644 -48.62 -41.32 34.76
CA LEU A 644 -47.60 -41.27 33.72
C LEU A 644 -46.49 -42.25 34.06
N LEU A 645 -45.75 -42.66 33.04
CA LEU A 645 -44.59 -43.53 33.21
C LEU A 645 -43.59 -43.23 32.12
N ASN A 646 -42.32 -43.12 32.50
CA ASN A 646 -41.27 -42.79 31.54
C ASN A 646 -40.95 -44.00 30.66
N LEU A 647 -40.28 -43.72 29.54
CA LEU A 647 -39.90 -44.74 28.59
C LEU A 647 -38.58 -45.39 29.01
N VAL A 648 -38.45 -46.68 28.71
CA VAL A 648 -37.28 -47.51 28.99
C VAL A 648 -37.05 -47.71 30.49
N GLY A 649 -37.89 -47.13 31.36
CA GLY A 649 -37.74 -47.31 32.80
C GLY A 649 -39.10 -47.05 33.43
N VAL A 650 -39.73 -48.11 33.94
CA VAL A 650 -41.04 -47.98 34.57
C VAL A 650 -40.97 -47.15 35.84
N ALA A 651 -41.58 -45.97 35.82
CA ALA A 651 -41.60 -45.08 36.98
C ALA A 651 -42.97 -44.42 37.05
N VAL A 652 -43.78 -44.82 38.02
CA VAL A 652 -45.12 -44.26 38.16
C VAL A 652 -45.06 -42.80 38.61
N GLY A 653 -45.98 -42.00 38.09
CA GLY A 653 -46.07 -40.60 38.46
C GLY A 653 -47.54 -40.19 38.47
N ILE A 654 -47.85 -39.18 39.27
CA ILE A 654 -49.21 -38.67 39.41
C ILE A 654 -49.22 -37.16 39.30
N TRP A 655 -50.30 -36.63 38.73
CA TRP A 655 -50.47 -35.19 38.55
C TRP A 655 -51.95 -34.90 38.39
N ARG A 656 -52.27 -33.66 38.04
CA ARG A 656 -53.65 -33.23 37.81
C ARG A 656 -53.73 -32.45 36.51
N TYR A 657 -54.88 -32.59 35.84
CA TYR A 657 -55.10 -31.93 34.55
C TYR A 657 -55.18 -30.43 34.75
N PHE A 658 -54.14 -29.71 34.33
CA PHE A 658 -54.09 -28.25 34.46
C PHE A 658 -54.43 -27.55 33.15
N TYR A 659 -53.75 -27.90 32.06
CA TYR A 659 -54.03 -27.31 30.76
C TYR A 659 -54.25 -28.43 29.75
N GLY A 660 -55.24 -28.25 28.87
CA GLY A 660 -55.60 -29.26 27.89
C GLY A 660 -55.73 -28.62 26.51
N PRO A 661 -55.29 -29.35 25.48
CA PRO A 661 -55.43 -28.88 24.11
C PRO A 661 -55.73 -30.10 23.24
N PRO A 662 -56.92 -30.12 22.64
CA PRO A 662 -57.39 -31.26 21.86
C PRO A 662 -56.85 -31.17 20.45
N THR A 663 -56.21 -32.24 19.99
CA THR A 663 -55.68 -32.34 18.64
C THR A 663 -56.08 -33.68 18.03
N GLU A 664 -56.11 -33.72 16.69
CA GLU A 664 -56.47 -34.95 16.00
C GLU A 664 -55.43 -36.03 16.20
N MET A 665 -54.15 -35.66 16.20
CA MET A 665 -53.09 -36.65 16.34
C MET A 665 -52.96 -37.10 17.80
N LEU A 666 -52.77 -36.15 18.71
CA LEU A 666 -52.63 -36.49 20.13
C LEU A 666 -53.01 -35.26 20.96
N THR A 667 -53.86 -35.47 21.96
CA THR A 667 -54.26 -34.38 22.84
C THR A 667 -53.14 -34.08 23.83
N VAL A 668 -52.78 -32.81 23.94
CA VAL A 668 -51.68 -32.38 24.80
C VAL A 668 -52.20 -31.94 26.16
N VAL A 669 -51.66 -32.52 27.22
CA VAL A 669 -52.01 -32.18 28.59
C VAL A 669 -50.76 -31.69 29.31
N VAL A 670 -50.88 -30.53 29.95
CA VAL A 670 -49.80 -29.95 30.73
C VAL A 670 -50.22 -29.89 32.20
N SER A 671 -49.31 -30.32 33.08
CA SER A 671 -49.59 -30.42 34.50
C SER A 671 -48.42 -29.84 35.29
N MET A 672 -48.64 -29.64 36.59
CA MET A 672 -47.64 -29.14 37.49
C MET A 672 -47.74 -29.89 38.81
N VAL A 673 -46.83 -29.58 39.74
CA VAL A 673 -46.78 -30.21 41.06
C VAL A 673 -46.69 -31.73 40.95
N TRP A 674 -45.78 -32.19 40.08
CA TRP A 674 -45.58 -33.61 39.87
C TRP A 674 -44.75 -34.19 41.02
N VAL A 675 -44.41 -35.48 40.93
CA VAL A 675 -43.61 -36.12 41.98
C VAL A 675 -42.22 -35.52 42.05
N PHE A 676 -41.57 -35.34 40.90
CA PHE A 676 -40.22 -34.75 40.81
C PHE A 676 -39.22 -35.51 41.67
N TYR A 677 -39.35 -36.84 41.74
CA TYR A 677 -38.46 -37.67 42.52
C TYR A 677 -37.49 -38.47 41.67
N ASN A 678 -37.99 -39.22 40.68
CA ASN A 678 -37.12 -40.02 39.82
C ASN A 678 -37.50 -39.93 38.35
N LEU A 679 -38.37 -38.98 37.97
CA LEU A 679 -38.74 -38.84 36.57
C LEU A 679 -37.53 -38.43 35.72
N ILE A 680 -36.73 -37.49 36.22
CA ILE A 680 -35.54 -37.07 35.49
C ILE A 680 -34.48 -38.16 35.48
N VAL A 681 -34.39 -38.94 36.56
CA VAL A 681 -33.41 -40.03 36.60
C VAL A 681 -33.73 -41.09 35.56
N LEU A 682 -35.02 -41.41 35.39
CA LEU A 682 -35.42 -42.41 34.41
C LEU A 682 -35.33 -41.93 32.98
N GLY A 683 -35.11 -40.63 32.76
CA GLY A 683 -35.01 -40.08 31.40
C GLY A 683 -33.61 -40.33 30.85
N GLY A 684 -33.36 -41.58 30.50
CA GLY A 684 -32.08 -42.01 29.93
C GLY A 684 -32.31 -42.93 28.75
N ALA A 685 -33.32 -42.62 27.94
CA ALA A 685 -33.62 -43.44 26.76
C ALA A 685 -32.58 -43.28 25.66
N VAL A 686 -31.76 -42.22 25.70
CA VAL A 686 -30.74 -42.02 24.68
C VAL A 686 -29.67 -43.10 24.76
N ALA A 687 -29.39 -43.60 25.96
CA ALA A 687 -28.39 -44.63 26.19
C ALA A 687 -27.01 -44.19 25.68
N VAL A 688 -26.51 -43.10 26.28
CA VAL A 688 -25.21 -42.50 26.03
C VAL A 688 -25.07 -41.95 24.61
N SER A 689 -26.13 -41.96 23.81
CA SER A 689 -26.09 -41.43 22.45
C SER A 689 -26.54 -39.98 22.37
N VAL A 690 -26.94 -39.37 23.50
CA VAL A 690 -27.40 -37.99 23.47
C VAL A 690 -26.29 -37.04 23.05
N GLU A 691 -25.08 -37.25 23.57
CA GLU A 691 -23.96 -36.39 23.20
C GLU A 691 -23.62 -36.53 21.73
N SER A 692 -23.62 -37.75 21.20
CA SER A 692 -23.34 -37.97 19.79
C SER A 692 -24.42 -37.32 18.92
N LYS A 693 -25.68 -37.46 19.31
CA LYS A 693 -26.76 -36.83 18.55
C LYS A 693 -26.64 -35.31 18.56
N GLN A 694 -26.31 -34.74 19.72
CA GLN A 694 -26.13 -33.29 19.79
C GLN A 694 -24.97 -32.83 18.93
N VAL A 695 -23.86 -33.56 18.95
CA VAL A 695 -22.72 -33.21 18.11
C VAL A 695 -23.07 -33.29 16.63
N ARG A 696 -23.80 -34.34 16.23
CA ARG A 696 -24.20 -34.47 14.84
C ARG A 696 -25.13 -33.34 14.43
N ARG A 697 -26.07 -32.96 15.31
CA ARG A 697 -26.98 -31.87 15.00
C ARG A 697 -26.23 -30.55 14.87
N SER A 698 -25.27 -30.29 15.78
CA SER A 698 -24.53 -29.04 15.74
C SER A 698 -23.50 -28.99 14.62
N HIS A 699 -23.10 -30.14 14.08
CA HIS A 699 -22.11 -30.16 13.00
C HIS A 699 -22.67 -29.63 11.69
N ARG A 700 -23.99 -29.58 11.53
CA ARG A 700 -24.58 -29.10 10.29
C ARG A 700 -24.34 -27.60 10.13
N VAL A 701 -24.09 -27.19 8.89
CA VAL A 701 -23.84 -25.80 8.55
C VAL A 701 -24.65 -25.42 7.32
N GLU A 702 -25.01 -24.15 7.24
CA GLU A 702 -25.81 -23.63 6.13
C GLU A 702 -24.91 -23.28 4.95
N MET A 703 -25.52 -22.72 3.91
CA MET A 703 -24.80 -22.31 2.71
C MET A 703 -24.37 -20.85 2.82
N THR A 704 -23.43 -20.47 1.93
CA THR A 704 -22.91 -19.10 1.94
C THR A 704 -24.01 -18.10 1.62
N MET A 705 -24.79 -18.35 0.57
CA MET A 705 -25.91 -17.46 0.25
C MET A 705 -26.96 -17.47 1.35
N PRO A 706 -27.26 -18.65 1.89
CA PRO A 706 -28.20 -18.73 3.00
C PRO A 706 -27.69 -17.98 4.21
N ALA A 707 -26.38 -18.11 4.50
CA ALA A 707 -25.80 -17.38 5.63
C ALA A 707 -25.89 -15.88 5.41
N ALA A 708 -25.62 -15.41 4.18
CA ALA A 708 -25.71 -13.98 3.90
C ALA A 708 -27.15 -13.48 4.05
N ILE A 709 -28.12 -14.24 3.55
CA ILE A 709 -29.52 -13.86 3.71
C ILE A 709 -29.93 -13.82 5.17
N ALA A 710 -29.49 -14.81 5.95
CA ALA A 710 -29.79 -14.83 7.37
C ALA A 710 -29.17 -13.64 8.09
N ARG A 711 -27.93 -13.29 7.72
CA ARG A 711 -27.28 -12.13 8.32
C ARG A 711 -28.02 -10.85 7.98
N GLU A 712 -28.45 -10.70 6.73
CA GLU A 712 -29.21 -9.51 6.35
C GLU A 712 -30.52 -9.42 7.10
N ASP A 713 -31.24 -10.53 7.22
CA ASP A 713 -32.50 -10.54 7.97
C ASP A 713 -32.26 -10.22 9.44
N GLY A 714 -31.20 -10.77 10.03
CA GLY A 714 -30.87 -10.48 11.42
C GLY A 714 -30.53 -9.01 11.60
N HIS A 715 -29.82 -8.42 10.64
CA HIS A 715 -29.49 -7.00 10.73
C HIS A 715 -30.76 -6.14 10.65
N LEU A 716 -31.67 -6.50 9.76
CA LEU A 716 -32.93 -5.75 9.65
C LEU A 716 -33.74 -5.85 10.93
N PHE A 717 -33.84 -7.06 11.48
CA PHE A 717 -34.56 -7.25 12.74
C PHE A 717 -33.89 -6.52 13.89
N SER A 718 -32.56 -6.49 13.91
CA SER A 718 -31.84 -5.77 14.94
C SER A 718 -32.09 -4.27 14.84
N CYS A 719 -32.10 -3.73 13.62
CA CYS A 719 -32.41 -2.32 13.44
C CYS A 719 -33.82 -2.00 13.91
N THR A 720 -34.78 -2.86 13.57
CA THR A 720 -36.16 -2.65 14.00
C THR A 720 -36.27 -2.69 15.53
N VAL A 721 -35.60 -3.65 16.16
CA VAL A 721 -35.63 -3.76 17.61
C VAL A 721 -34.96 -2.56 18.27
N GLN A 722 -33.86 -2.08 17.70
CA GLN A 722 -33.20 -0.89 18.25
C GLN A 722 -34.10 0.33 18.13
N ASP A 723 -34.80 0.48 17.00
CA ASP A 723 -35.73 1.59 16.85
C ASP A 723 -36.86 1.49 17.86
N PHE A 724 -37.39 0.29 18.08
CA PHE A 724 -38.46 0.11 19.06
C PHE A 724 -37.98 0.43 20.46
N SER A 725 -36.76 0.00 20.81
CA SER A 725 -36.22 0.28 22.13
C SER A 725 -35.99 1.78 22.32
N ASP A 726 -35.46 2.45 21.31
CA ASP A 726 -35.25 3.89 21.40
C ASP A 726 -36.56 4.67 21.39
N GLY A 727 -37.63 4.05 20.90
CA GLY A 727 -38.93 4.73 20.88
C GLY A 727 -39.43 5.02 22.30
N GLY A 728 -39.44 4.01 23.17
CA GLY A 728 -39.93 4.18 24.53
C GLY A 728 -39.07 3.53 25.61
N LEU A 729 -38.27 2.51 25.28
CA LEU A 729 -37.51 1.81 26.31
C LEU A 729 -36.22 2.55 26.64
N GLY A 730 -35.40 2.82 25.63
CA GLY A 730 -34.12 3.47 25.84
C GLY A 730 -34.26 4.94 26.21
N ILE A 731 -35.45 5.53 26.07
CA ILE A 731 -35.66 6.93 26.39
C ILE A 731 -35.66 7.12 27.90
N LYS A 732 -34.66 7.81 28.42
CA LYS A 732 -34.57 8.10 29.85
C LYS A 732 -33.86 9.44 30.02
N ILE A 733 -34.65 10.51 30.14
CA ILE A 733 -34.13 11.87 30.31
C ILE A 733 -33.18 12.24 29.18
N ASN A 734 -33.53 11.83 27.96
CA ASN A 734 -32.72 12.10 26.78
C ASN A 734 -33.39 13.00 25.76
N GLY A 735 -34.73 13.11 25.78
CA GLY A 735 -35.48 13.94 24.84
C GLY A 735 -35.18 13.55 23.39
N GLN A 736 -35.07 12.24 23.13
CA GLN A 736 -34.77 11.73 21.81
C GLN A 736 -36.00 11.19 21.09
N ALA A 737 -37.19 11.65 21.49
CA ALA A 737 -38.41 11.17 20.84
C ALA A 737 -38.45 11.55 19.37
N GLN A 738 -38.07 12.78 19.05
CA GLN A 738 -38.02 13.21 17.64
C GLN A 738 -36.97 12.42 16.87
N ILE A 739 -35.80 12.20 17.48
CA ILE A 739 -34.77 11.39 16.83
C ILE A 739 -35.25 9.95 16.64
N LEU A 740 -35.96 9.40 17.63
CA LEU A 740 -36.49 8.05 17.48
C LEU A 740 -37.51 7.97 16.35
N GLU A 741 -38.37 8.99 16.25
CA GLU A 741 -39.36 9.01 15.17
C GLU A 741 -38.69 9.12 13.81
N GLY A 742 -37.65 9.96 13.71
CA GLY A 742 -36.92 10.08 12.44
C GLY A 742 -36.24 8.77 12.07
N GLN A 743 -35.64 8.10 13.07
CA GLN A 743 -35.01 6.81 12.81
C GLN A 743 -36.04 5.78 12.37
N LYS A 744 -37.23 5.78 13.00
CA LYS A 744 -38.28 4.85 12.59
C LYS A 744 -38.74 5.12 11.17
N VAL A 745 -38.88 6.40 10.80
CA VAL A 745 -39.27 6.74 9.43
C VAL A 745 -38.21 6.28 8.43
N ASN A 746 -36.92 6.51 8.76
CA ASN A 746 -35.85 6.07 7.89
C ASN A 746 -35.84 4.56 7.75
N LEU A 747 -36.06 3.84 8.86
CA LEU A 747 -36.10 2.39 8.81
C LEU A 747 -37.27 1.89 7.97
N LEU A 748 -38.42 2.54 8.07
CA LEU A 748 -39.57 2.17 7.25
C LEU A 748 -39.28 2.40 5.78
N LEU A 749 -38.65 3.53 5.44
CA LEU A 749 -38.30 3.79 4.05
C LEU A 749 -37.30 2.77 3.53
N LYS A 750 -36.31 2.42 4.35
CA LYS A 750 -35.33 1.41 3.94
C LYS A 750 -35.99 0.05 3.76
N ARG A 751 -36.93 -0.30 4.64
CA ARG A 751 -37.64 -1.56 4.50
C ARG A 751 -38.48 -1.59 3.24
N GLY A 752 -39.13 -0.47 2.91
CA GLY A 752 -39.89 -0.39 1.66
C GLY A 752 -38.98 -0.55 0.45
N GLN A 753 -37.82 0.11 0.48
CA GLN A 753 -36.87 -0.03 -0.63
C GLN A 753 -36.37 -1.46 -0.74
N GLN A 754 -36.08 -2.11 0.38
CA GLN A 754 -35.62 -3.49 0.36
C GLN A 754 -36.69 -4.43 -0.17
N GLU A 755 -37.95 -4.20 0.21
CA GLU A 755 -39.04 -5.01 -0.31
C GLU A 755 -39.20 -4.81 -1.82
N TYR A 756 -39.09 -3.57 -2.28
CA TYR A 756 -39.17 -3.32 -3.72
C TYR A 756 -38.04 -4.01 -4.47
N VAL A 757 -36.82 -3.98 -3.91
CA VAL A 757 -35.69 -4.65 -4.55
C VAL A 757 -35.87 -6.17 -4.54
N PHE A 758 -36.36 -6.73 -3.43
CA PHE A 758 -36.52 -8.17 -3.33
C PHE A 758 -37.75 -8.68 -4.06
N PRO A 759 -38.63 -7.78 -4.51
CA PRO A 759 -39.76 -8.22 -5.33
C PRO A 759 -39.29 -8.91 -6.61
N THR A 760 -38.07 -8.62 -7.06
CA THR A 760 -37.46 -9.27 -8.21
C THR A 760 -36.24 -10.08 -7.80
N GLN A 761 -36.32 -10.77 -6.66
CA GLN A 761 -35.21 -11.56 -6.15
C GLN A 761 -35.15 -12.90 -6.89
N VAL A 762 -34.33 -13.82 -6.37
CA VAL A 762 -34.20 -15.14 -7.00
C VAL A 762 -35.52 -15.90 -6.96
N ALA A 763 -36.23 -15.84 -5.83
CA ALA A 763 -37.52 -16.52 -5.71
C ALA A 763 -38.41 -15.66 -4.80
N ARG A 764 -39.22 -14.81 -5.42
CA ARG A 764 -40.14 -13.96 -4.68
C ARG A 764 -41.22 -13.46 -5.63
N VAL A 765 -42.46 -13.45 -5.15
CA VAL A 765 -43.62 -12.98 -5.93
C VAL A 765 -43.73 -13.72 -7.26
N MET A 766 -43.49 -15.03 -7.25
CA MET A 766 -43.55 -15.84 -8.46
C MET A 766 -44.96 -16.37 -8.74
N GLY A 767 -45.93 -16.06 -7.89
CA GLY A 767 -47.28 -16.56 -8.08
C GLY A 767 -47.98 -15.81 -9.21
N ASN A 768 -49.22 -16.21 -9.50
CA ASN A 768 -49.98 -15.58 -10.56
C ASN A 768 -50.36 -14.14 -10.24
N GLU A 769 -50.35 -13.75 -8.98
CA GLU A 769 -50.69 -12.39 -8.58
C GLU A 769 -49.53 -11.72 -7.87
N ASN B 67 36.08 49.95 -43.85
CA ASN B 67 35.33 48.85 -44.45
C ASN B 67 35.27 47.65 -43.52
N GLY B 68 35.35 46.46 -44.11
CA GLY B 68 35.30 45.23 -43.35
C GLY B 68 34.18 44.32 -43.81
N PRO B 69 34.26 43.05 -43.43
CA PRO B 69 33.21 42.10 -43.82
C PRO B 69 31.87 42.45 -43.19
N SER B 70 30.80 42.12 -43.92
CA SER B 70 29.44 42.40 -43.48
C SER B 70 28.58 41.17 -43.68
N ARG B 71 27.68 40.91 -42.73
CA ARG B 71 26.76 39.79 -42.78
C ARG B 71 25.34 40.31 -42.97
N ASP B 72 24.65 39.77 -43.97
CA ASP B 72 23.27 40.17 -44.29
C ASP B 72 22.36 39.07 -43.76
N VAL B 73 21.91 39.23 -42.52
CA VAL B 73 21.04 38.25 -41.88
C VAL B 73 19.60 38.53 -42.28
N LYS B 74 18.77 37.48 -42.22
CA LYS B 74 17.35 37.58 -42.55
C LYS B 74 16.58 36.72 -41.55
N LEU B 75 15.80 37.36 -40.69
CA LEU B 75 15.04 36.68 -39.65
C LEU B 75 13.57 37.02 -39.78
N THR B 76 12.72 36.02 -39.58
CA THR B 76 11.28 36.18 -39.68
C THR B 76 10.70 36.60 -38.34
N PHE B 77 9.37 36.58 -38.23
CA PHE B 77 8.72 36.96 -36.99
C PHE B 77 9.05 35.97 -35.87
N ALA B 78 9.29 36.51 -34.67
CA ALA B 78 9.58 35.65 -33.53
C ALA B 78 8.37 34.82 -33.13
N GLN B 79 7.16 35.33 -33.39
CA GLN B 79 5.96 34.56 -33.12
C GLN B 79 5.92 33.33 -34.00
N ILE B 80 5.40 32.22 -33.46
CA ILE B 80 5.40 30.96 -34.17
C ILE B 80 4.51 31.07 -35.41
N ALA B 81 5.00 30.56 -36.54
CA ALA B 81 4.26 30.58 -37.79
C ALA B 81 4.64 29.34 -38.60
N PRO B 82 3.99 28.21 -38.33
CA PRO B 82 4.32 26.99 -39.08
C PRO B 82 3.94 27.13 -40.53
N PRO B 83 4.65 26.44 -41.43
CA PRO B 83 4.31 26.50 -42.86
C PRO B 83 2.88 26.03 -43.14
N PRO B 84 2.32 25.12 -42.34
CA PRO B 84 0.87 24.87 -42.47
C PRO B 84 0.02 26.12 -42.40
N GLY B 85 0.35 27.06 -41.51
CA GLY B 85 -0.42 28.28 -41.41
C GLY B 85 0.29 29.40 -40.68
N SER B 86 0.31 30.59 -41.28
CA SER B 86 0.93 31.74 -40.66
C SER B 86 0.02 32.34 -39.59
N MET B 87 0.62 33.16 -38.73
CA MET B 87 -0.13 33.79 -37.66
C MET B 87 -1.04 34.89 -38.20
N VAL B 88 -2.14 35.11 -37.51
CA VAL B 88 -3.15 36.11 -37.90
C VAL B 88 -3.33 37.08 -36.76
N LEU B 89 -3.25 38.38 -37.06
CA LEU B 89 -3.43 39.44 -36.08
C LEU B 89 -4.91 39.74 -35.95
N ARG B 90 -5.54 39.16 -34.93
CA ARG B 90 -6.97 39.37 -34.69
C ARG B 90 -7.16 40.51 -33.71
N GLY B 91 -8.43 40.80 -33.40
CA GLY B 91 -8.75 41.89 -32.50
C GLY B 91 -8.50 41.62 -31.03
N ILE B 92 -8.27 40.37 -30.66
CA ILE B 92 -8.01 40.03 -29.27
C ILE B 92 -6.52 40.01 -28.96
N ASN B 93 -5.69 39.62 -29.92
CA ASN B 93 -4.23 39.59 -29.76
C ASN B 93 -3.61 40.33 -30.94
N PRO B 94 -3.63 41.66 -30.91
CA PRO B 94 -3.08 42.45 -32.02
C PRO B 94 -1.61 42.76 -31.93
N ASN B 95 -0.85 42.09 -31.07
CA ASN B 95 0.56 42.38 -30.88
C ASN B 95 1.41 41.22 -31.41
N GLY B 96 2.37 41.55 -32.27
CA GLY B 96 3.31 40.56 -32.76
C GLY B 96 4.74 41.04 -32.59
N SER B 97 5.52 40.35 -31.76
CA SER B 97 6.84 40.80 -31.38
C SER B 97 7.93 40.05 -32.15
N ILE B 98 9.01 40.77 -32.45
CA ILE B 98 10.18 40.21 -33.11
C ILE B 98 11.38 40.44 -32.20
N GLU B 99 12.12 39.38 -31.90
CA GLU B 99 13.21 39.42 -30.95
C GLU B 99 14.54 39.22 -31.67
N PHE B 100 15.50 40.08 -31.40
CA PHE B 100 16.86 39.91 -31.90
C PHE B 100 17.83 40.56 -30.92
N GLY B 101 19.09 40.14 -31.00
CA GLY B 101 20.11 40.65 -30.13
C GLY B 101 21.33 41.09 -30.91
N MET B 102 22.15 41.92 -30.26
CA MET B 102 23.39 42.42 -30.83
C MET B 102 24.57 41.68 -30.23
N ARG B 103 25.70 41.74 -30.93
CA ARG B 103 26.92 41.08 -30.49
C ARG B 103 27.81 41.96 -29.63
N SER B 104 27.35 43.16 -29.27
CA SER B 104 28.13 44.15 -28.54
C SER B 104 29.41 44.55 -29.27
N ASP B 105 29.56 44.14 -30.52
CA ASP B 105 30.71 44.48 -31.34
C ASP B 105 30.35 44.93 -32.75
N GLU B 106 29.14 44.64 -33.22
CA GLU B 106 28.71 45.01 -34.55
C GLU B 106 27.83 46.26 -34.50
N VAL B 107 27.77 46.96 -35.63
CA VAL B 107 26.96 48.18 -35.75
C VAL B 107 25.99 47.99 -36.91
N VAL B 108 24.75 48.46 -36.72
CA VAL B 108 23.72 48.36 -37.74
C VAL B 108 23.90 49.51 -38.72
N THR B 109 24.03 49.18 -40.01
CA THR B 109 24.25 50.18 -41.04
C THR B 109 23.00 50.48 -41.87
N LYS B 110 22.13 49.50 -42.07
CA LYS B 110 20.94 49.70 -42.90
C LYS B 110 19.88 48.70 -42.46
N ALA B 111 18.76 49.20 -41.94
CA ALA B 111 17.65 48.38 -41.49
C ALA B 111 16.46 48.54 -42.42
N MET B 112 15.91 47.42 -42.86
CA MET B 112 14.77 47.42 -43.77
C MET B 112 13.75 46.40 -43.28
N LEU B 113 12.47 46.76 -43.39
CA LEU B 113 11.38 45.90 -42.94
C LEU B 113 10.39 45.75 -44.08
N ASN B 114 10.04 44.50 -44.40
CA ASN B 114 9.10 44.19 -45.47
C ASN B 114 7.88 43.49 -44.90
N LEU B 115 6.70 43.86 -45.40
CA LEU B 115 5.45 43.27 -44.97
C LEU B 115 4.58 42.95 -46.17
N GLU B 116 3.78 41.89 -46.04
CA GLU B 116 2.79 41.49 -47.05
C GLU B 116 1.49 41.20 -46.31
N TYR B 117 0.65 42.23 -46.16
CA TYR B 117 -0.57 42.14 -45.37
C TYR B 117 -1.79 42.19 -46.29
N THR B 118 -2.82 41.43 -45.93
CA THR B 118 -4.07 41.36 -46.69
C THR B 118 -5.23 41.71 -45.79
N PRO B 119 -5.60 42.98 -45.68
CA PRO B 119 -6.71 43.35 -44.79
C PRO B 119 -8.05 42.85 -45.31
N SER B 120 -8.95 42.58 -44.37
CA SER B 120 -10.29 42.17 -44.73
C SER B 120 -11.06 43.36 -45.30
N PRO B 121 -11.93 43.13 -46.29
CA PRO B 121 -12.69 44.24 -46.89
C PRO B 121 -13.83 44.77 -46.02
N SER B 122 -13.91 44.39 -44.76
CA SER B 122 -14.99 44.81 -43.86
C SER B 122 -14.47 45.74 -42.77
N LEU B 123 -13.50 46.60 -43.12
CA LEU B 123 -12.95 47.57 -42.17
C LEU B 123 -12.81 48.91 -42.87
N LEU B 124 -12.99 49.97 -42.09
CA LEU B 124 -12.88 51.33 -42.63
C LEU B 124 -11.44 51.60 -43.03
N PRO B 125 -11.20 52.14 -44.23
CA PRO B 125 -9.82 52.32 -44.69
C PRO B 125 -9.05 53.38 -43.91
N VAL B 126 -9.64 54.57 -43.75
CA VAL B 126 -8.91 55.69 -43.16
C VAL B 126 -8.68 55.45 -41.67
N GLN B 127 -9.70 54.98 -40.96
CA GLN B 127 -9.65 54.84 -39.51
C GLN B 127 -9.05 53.52 -39.06
N SER B 128 -8.23 52.88 -39.89
CA SER B 128 -7.58 51.63 -39.53
C SER B 128 -6.13 51.69 -40.01
N GLN B 129 -5.19 51.60 -39.08
CA GLN B 129 -3.77 51.67 -39.39
C GLN B 129 -3.03 50.72 -38.47
N LEU B 130 -1.74 50.50 -38.77
CA LEU B 130 -0.88 49.69 -37.92
C LEU B 130 0.41 50.46 -37.66
N LYS B 131 0.88 50.39 -36.43
CA LYS B 131 2.09 51.10 -36.01
C LYS B 131 3.27 50.15 -36.00
N VAL B 132 4.45 50.71 -36.24
CA VAL B 132 5.71 49.96 -36.22
C VAL B 132 6.57 50.54 -35.11
N TYR B 133 7.02 49.68 -34.21
CA TYR B 133 7.84 50.08 -33.07
C TYR B 133 9.20 49.41 -33.15
N LEU B 134 10.25 50.20 -32.88
CA LEU B 134 11.61 49.69 -32.78
C LEU B 134 11.99 49.42 -31.32
N ASN B 135 11.92 50.45 -30.48
CA ASN B 135 12.09 50.27 -29.04
C ASN B 135 11.24 51.33 -28.34
N ASP B 136 10.00 50.96 -28.02
CA ASP B 136 9.06 51.82 -27.29
C ASP B 136 8.94 53.19 -27.97
N GLU B 137 8.93 53.19 -29.30
CA GLU B 137 8.78 54.42 -30.07
C GLU B 137 8.32 54.06 -31.47
N LEU B 138 7.72 55.04 -32.13
CA LEU B 138 7.19 54.86 -33.48
C LEU B 138 7.95 55.75 -34.46
N MET B 139 8.06 55.27 -35.71
CA MET B 139 8.71 56.02 -36.77
C MET B 139 7.86 56.14 -38.03
N GLY B 140 6.68 55.53 -38.06
CA GLY B 140 5.82 55.63 -39.23
C GLY B 140 4.61 54.73 -39.16
N VAL B 141 3.59 55.06 -39.95
CA VAL B 141 2.36 54.29 -40.03
C VAL B 141 2.07 53.97 -41.48
N LEU B 142 1.26 52.94 -41.70
CA LEU B 142 0.89 52.49 -43.04
C LEU B 142 -0.63 52.36 -43.14
N PRO B 143 -1.33 53.47 -43.38
CA PRO B 143 -2.80 53.39 -43.51
C PRO B 143 -3.20 52.61 -44.74
N VAL B 144 -4.36 51.97 -44.66
CA VAL B 144 -4.89 51.15 -45.75
C VAL B 144 -5.86 51.99 -46.56
N THR B 145 -5.72 51.93 -47.89
CA THR B 145 -6.54 52.71 -48.80
C THR B 145 -7.74 51.90 -49.27
N LYS B 146 -8.65 52.58 -49.98
CA LYS B 146 -9.87 51.93 -50.45
C LYS B 146 -9.56 50.83 -51.46
N GLU B 147 -8.62 51.09 -52.38
CA GLU B 147 -8.29 50.13 -53.42
C GLU B 147 -7.34 49.04 -52.94
N GLN B 148 -6.83 49.13 -51.71
CA GLN B 148 -5.90 48.15 -51.18
C GLN B 148 -6.58 47.05 -50.39
N LEU B 149 -7.84 47.23 -49.99
CA LEU B 149 -8.54 46.28 -49.14
C LEU B 149 -8.73 44.92 -49.80
N GLY B 150 -8.71 44.86 -51.13
CA GLY B 150 -8.99 43.61 -51.82
C GLY B 150 -7.76 42.77 -52.12
N LYS B 151 -6.77 43.35 -52.78
CA LYS B 151 -5.59 42.63 -53.23
C LYS B 151 -4.43 42.82 -52.24
N LYS B 152 -3.44 41.96 -52.37
CA LYS B 152 -2.24 42.05 -51.54
C LYS B 152 -1.28 43.07 -52.12
N THR B 153 -0.60 43.80 -51.24
CA THR B 153 0.34 44.83 -51.64
C THR B 153 1.61 44.71 -50.81
N LEU B 154 2.73 45.09 -51.42
CA LEU B 154 4.00 45.10 -50.73
C LEU B 154 4.10 46.30 -49.79
N ALA B 155 4.99 46.20 -48.82
CA ALA B 155 5.16 47.25 -47.81
C ALA B 155 6.64 47.45 -47.55
N GLN B 156 7.13 48.66 -47.76
CA GLN B 156 8.51 49.03 -47.49
C GLN B 156 8.53 50.07 -46.39
N MET B 157 9.21 49.77 -45.29
CA MET B 157 9.30 50.67 -44.14
C MET B 157 10.73 50.73 -43.64
N PRO B 158 11.47 51.80 -43.91
CA PRO B 158 12.83 51.91 -43.39
C PRO B 158 12.83 52.18 -41.89
N ILE B 159 13.90 51.71 -41.22
CA ILE B 159 14.08 51.89 -39.79
C ILE B 159 15.41 52.62 -39.58
N ASN B 160 15.38 53.69 -38.82
CA ASN B 160 16.60 54.45 -38.56
C ASN B 160 17.51 53.67 -37.61
N PRO B 161 18.76 53.40 -38.01
CA PRO B 161 19.69 52.64 -37.14
C PRO B 161 20.36 53.53 -36.10
N LEU B 162 19.57 54.02 -35.15
CA LEU B 162 20.08 54.91 -34.12
C LEU B 162 19.71 54.40 -32.73
N PHE B 163 18.59 53.69 -32.62
CA PHE B 163 18.06 53.24 -31.34
C PHE B 163 18.47 51.81 -31.01
N ILE B 164 19.31 51.18 -31.83
CA ILE B 164 19.73 49.80 -31.63
C ILE B 164 21.04 49.84 -30.86
N SER B 165 20.95 49.73 -29.54
CA SER B 165 22.15 49.75 -28.69
C SER B 165 22.64 48.34 -28.36
N ASP B 166 21.84 47.56 -27.62
CA ASP B 166 22.21 46.18 -27.31
C ASP B 166 21.06 45.18 -27.38
N PHE B 167 19.80 45.62 -27.39
CA PHE B 167 18.67 44.72 -27.36
C PHE B 167 17.38 45.47 -27.70
N ASN B 168 16.59 44.93 -28.62
CA ASN B 168 15.40 45.61 -29.10
C ASN B 168 14.22 44.65 -29.19
N ARG B 169 13.02 45.21 -29.07
CA ARG B 169 11.78 44.45 -29.16
C ARG B 169 10.91 45.10 -30.23
N VAL B 170 11.11 44.69 -31.49
CA VAL B 170 10.34 45.24 -32.60
C VAL B 170 8.99 44.54 -32.62
N ARG B 171 7.93 45.27 -32.28
CA ARG B 171 6.59 44.72 -32.25
C ARG B 171 5.62 45.68 -32.94
N LEU B 172 4.59 45.10 -33.56
CA LEU B 172 3.60 45.86 -34.30
C LEU B 172 2.24 45.65 -33.66
N GLU B 173 1.46 46.73 -33.55
CA GLU B 173 0.11 46.68 -33.02
C GLU B 173 -0.87 47.06 -34.12
N PHE B 174 -2.05 46.45 -34.10
CA PHE B 174 -3.07 46.69 -35.10
C PHE B 174 -4.29 47.35 -34.44
N VAL B 175 -4.68 48.51 -34.97
CA VAL B 175 -5.89 49.20 -34.54
C VAL B 175 -6.80 49.36 -35.74
N GLY B 176 -8.07 49.00 -35.58
CA GLY B 176 -9.01 49.06 -36.69
C GLY B 176 -10.42 49.28 -36.20
N HIS B 177 -11.30 49.62 -37.15
CA HIS B 177 -12.69 49.86 -36.85
C HIS B 177 -13.55 49.38 -38.02
N TYR B 178 -14.68 48.75 -37.70
CA TYR B 178 -15.60 48.27 -38.72
C TYR B 178 -16.98 48.89 -38.64
N GLN B 179 -17.41 49.38 -37.48
CA GLN B 179 -18.69 50.05 -37.35
C GLN B 179 -18.52 51.25 -36.42
N ASP B 180 -19.23 52.33 -36.73
CA ASP B 180 -19.06 53.59 -36.00
C ASP B 180 -19.93 53.65 -34.75
N VAL B 181 -21.23 53.48 -34.90
CA VAL B 181 -22.14 53.68 -33.78
C VAL B 181 -22.00 52.57 -32.73
N CYS B 182 -21.65 51.36 -33.14
CA CYS B 182 -21.55 50.24 -32.21
C CYS B 182 -20.63 49.18 -32.81
N GLU B 183 -19.47 48.99 -32.18
CA GLU B 183 -18.52 47.98 -32.61
C GLU B 183 -18.33 46.96 -31.48
N LYS B 184 -18.11 45.71 -31.88
CA LYS B 184 -17.95 44.61 -30.92
C LYS B 184 -16.50 44.17 -30.88
N PRO B 185 -15.79 44.37 -29.78
CA PRO B 185 -14.37 44.01 -29.73
C PRO B 185 -14.18 42.50 -29.84
N ALA B 186 -13.00 42.12 -30.32
CA ALA B 186 -12.63 40.72 -30.52
C ALA B 186 -13.62 40.02 -31.44
N SER B 187 -14.01 40.71 -32.51
CA SER B 187 -14.92 40.14 -33.50
C SER B 187 -14.15 39.30 -34.52
N THR B 188 -14.90 38.60 -35.35
CA THR B 188 -14.32 37.72 -36.37
C THR B 188 -14.23 38.38 -37.73
N THR B 189 -15.07 39.38 -38.01
CA THR B 189 -15.11 39.99 -39.35
C THR B 189 -13.83 40.75 -39.68
N LEU B 190 -13.02 41.10 -38.69
CA LEU B 190 -11.77 41.81 -38.91
C LEU B 190 -10.59 40.92 -38.57
N TRP B 191 -9.58 40.91 -39.43
CA TRP B 191 -8.40 40.06 -39.24
C TRP B 191 -7.30 40.53 -40.18
N LEU B 192 -6.06 40.39 -39.74
CA LEU B 192 -4.89 40.70 -40.54
C LEU B 192 -3.90 39.56 -40.48
N ASP B 193 -3.28 39.27 -41.63
CA ASP B 193 -2.25 38.25 -41.72
C ASP B 193 -1.09 38.79 -42.54
N VAL B 194 0.09 38.24 -42.29
CA VAL B 194 1.31 38.65 -42.97
C VAL B 194 1.80 37.51 -43.86
N GLY B 195 2.65 37.86 -44.83
CA GLY B 195 3.20 36.87 -45.74
C GLY B 195 4.32 36.08 -45.11
N ARG B 196 4.78 35.07 -45.87
CA ARG B 196 5.86 34.22 -45.39
C ARG B 196 7.16 35.00 -45.29
N SER B 197 7.50 35.77 -46.33
CA SER B 197 8.73 36.56 -46.35
C SER B 197 8.42 37.94 -45.78
N SER B 198 8.36 38.00 -44.45
CA SER B 198 8.06 39.24 -43.73
C SER B 198 8.92 39.29 -42.48
N GLY B 199 10.02 40.04 -42.56
CA GLY B 199 10.93 40.16 -41.43
C GLY B 199 11.92 41.28 -41.66
N LEU B 200 12.68 41.56 -40.61
CA LEU B 200 13.69 42.61 -40.68
C LEU B 200 14.83 42.20 -41.61
N ASP B 201 15.34 43.18 -42.36
CA ASP B 201 16.48 42.98 -43.25
C ASP B 201 17.56 43.97 -42.83
N LEU B 202 18.37 43.57 -41.86
CA LEU B 202 19.44 44.41 -41.33
C LEU B 202 20.80 43.78 -41.61
N THR B 203 21.77 44.64 -41.92
CA THR B 203 23.12 44.21 -42.26
C THR B 203 24.08 44.64 -41.17
N TYR B 204 24.85 43.70 -40.65
CA TYR B 204 25.85 43.98 -39.64
C TYR B 204 27.13 44.48 -40.29
N GLN B 205 28.04 45.00 -39.46
CA GLN B 205 29.33 45.48 -39.94
C GLN B 205 30.36 45.32 -38.84
N THR B 206 31.51 44.75 -39.18
CA THR B 206 32.57 44.53 -38.21
C THR B 206 33.18 45.86 -37.78
N LEU B 207 33.46 45.97 -36.48
CA LEU B 207 34.06 47.16 -35.91
C LEU B 207 35.46 46.84 -35.39
N ASN B 208 36.27 47.89 -35.22
CA ASN B 208 37.64 47.74 -34.75
C ASN B 208 37.63 47.76 -33.22
N VAL B 209 37.86 46.60 -32.63
CA VAL B 209 37.89 46.51 -31.17
C VAL B 209 39.17 47.16 -30.63
N LYS B 210 39.05 47.76 -29.45
CA LYS B 210 40.16 48.47 -28.83
C LYS B 210 41.29 47.56 -28.36
N ASN B 211 41.21 46.26 -28.63
CA ASN B 211 42.25 45.29 -28.27
C ASN B 211 42.47 45.29 -26.75
N ASP B 212 41.43 44.90 -26.03
CA ASP B 212 41.47 44.82 -24.58
C ASP B 212 41.03 43.42 -24.15
N LEU B 213 41.77 42.85 -23.19
CA LEU B 213 41.51 41.50 -22.72
C LEU B 213 40.50 41.44 -21.59
N SER B 214 40.08 42.60 -21.04
CA SER B 214 39.12 42.61 -19.95
C SER B 214 37.76 42.09 -20.37
N HIS B 215 37.39 42.23 -21.64
CA HIS B 215 36.11 41.75 -22.15
C HIS B 215 36.20 40.29 -22.59
N PHE B 216 36.66 39.43 -21.70
CA PHE B 216 36.77 38.02 -22.02
C PHE B 216 35.46 37.31 -21.70
N PRO B 217 34.93 36.47 -22.60
CA PRO B 217 35.45 36.17 -23.94
C PRO B 217 34.63 36.82 -25.04
N VAL B 218 34.28 38.10 -24.88
CA VAL B 218 33.35 38.76 -25.80
C VAL B 218 33.83 38.71 -27.25
N PRO B 219 35.07 39.07 -27.59
CA PRO B 219 35.49 38.98 -29.00
C PRO B 219 35.56 37.56 -29.53
N PHE B 220 35.57 36.54 -28.67
CA PHE B 220 35.62 35.16 -29.08
C PHE B 220 34.27 34.45 -28.99
N PHE B 221 33.57 34.61 -27.87
CA PHE B 221 32.24 34.02 -27.71
C PHE B 221 31.40 34.94 -26.84
N ASP B 222 30.40 35.59 -27.44
CA ASP B 222 29.47 36.45 -26.71
C ASP B 222 28.16 35.70 -26.52
N PRO B 223 27.72 35.46 -25.29
CA PRO B 223 26.45 34.75 -25.08
C PRO B 223 25.24 35.59 -25.47
N SER B 224 25.19 36.01 -26.74
CA SER B 224 24.07 36.77 -27.26
C SER B 224 23.60 36.31 -28.62
N ASP B 225 24.37 35.47 -29.32
CA ASP B 225 23.99 34.99 -30.64
C ASP B 225 23.14 33.73 -30.53
N ASN B 226 22.24 33.56 -31.50
CA ASN B 226 21.43 32.37 -31.60
C ASN B 226 22.02 31.33 -32.55
N ARG B 227 23.18 31.62 -33.14
CA ARG B 227 23.84 30.71 -34.05
C ARG B 227 25.04 30.04 -33.38
N THR B 228 25.44 28.90 -33.93
CA THR B 228 26.57 28.17 -33.37
C THR B 228 27.87 28.90 -33.65
N ASN B 229 28.83 28.75 -32.73
CA ASN B 229 30.13 29.36 -32.89
C ASN B 229 31.07 28.45 -33.65
N THR B 230 32.13 29.04 -34.20
CA THR B 230 33.16 28.29 -34.93
C THR B 230 34.48 29.02 -34.78
N LEU B 231 35.31 28.55 -33.86
CA LEU B 231 36.63 29.16 -33.67
C LEU B 231 37.71 28.09 -33.81
N PRO B 232 38.60 28.24 -34.79
CA PRO B 232 39.68 27.27 -34.96
C PRO B 232 40.76 27.43 -33.90
N MET B 233 41.48 26.34 -33.67
CA MET B 233 42.57 26.29 -32.69
C MET B 233 43.82 25.80 -33.42
N VAL B 234 44.58 26.75 -33.98
CA VAL B 234 45.79 26.39 -34.70
C VAL B 234 46.87 25.98 -33.71
N PHE B 235 47.61 24.93 -34.05
CA PHE B 235 48.66 24.41 -33.19
C PHE B 235 50.02 24.72 -33.77
N ALA B 236 51.06 24.27 -33.06
CA ALA B 236 52.44 24.49 -33.48
C ALA B 236 52.95 23.41 -34.43
N GLY B 237 52.18 22.35 -34.66
CA GLY B 237 52.62 21.28 -35.54
C GLY B 237 53.08 20.05 -34.77
N ALA B 238 52.42 18.92 -35.03
CA ALA B 238 52.73 17.64 -34.40
C ALA B 238 52.75 17.75 -32.88
N PRO B 239 51.59 17.91 -32.24
CA PRO B 239 51.56 18.00 -30.78
C PRO B 239 52.01 16.71 -30.13
N ASP B 240 52.29 16.79 -28.83
CA ASP B 240 52.84 15.68 -28.07
C ASP B 240 51.92 15.36 -26.89
N VAL B 241 52.41 14.49 -26.00
CA VAL B 241 51.62 14.06 -24.85
C VAL B 241 51.35 15.21 -23.89
N GLY B 242 52.22 16.22 -23.86
CA GLY B 242 52.08 17.32 -22.94
C GLY B 242 51.34 18.54 -23.46
N LEU B 243 50.67 18.43 -24.61
CA LEU B 243 49.94 19.55 -25.19
C LEU B 243 48.48 19.24 -25.47
N GLN B 244 48.13 17.98 -25.73
CA GLN B 244 46.76 17.63 -26.06
C GLN B 244 45.81 17.92 -24.89
N GLN B 245 46.24 17.62 -23.66
CA GLN B 245 45.37 17.80 -22.51
C GLN B 245 45.04 19.26 -22.27
N ALA B 246 46.02 20.16 -22.50
CA ALA B 246 45.77 21.59 -22.32
C ALA B 246 44.75 22.09 -23.34
N SER B 247 44.83 21.60 -24.57
CA SER B 247 43.87 22.00 -25.58
C SER B 247 42.46 21.54 -25.20
N ALA B 248 42.35 20.33 -24.65
CA ALA B 248 41.05 19.83 -24.24
C ALA B 248 40.47 20.67 -23.11
N ILE B 249 41.31 21.12 -22.18
CA ILE B 249 40.84 21.94 -21.06
C ILE B 249 40.26 23.26 -21.58
N VAL B 250 40.96 23.90 -22.50
CA VAL B 250 40.46 25.16 -23.06
C VAL B 250 39.20 24.92 -23.88
N ALA B 251 39.19 23.86 -24.70
CA ALA B 251 38.01 23.56 -25.50
C ALA B 251 36.82 23.23 -24.63
N SER B 252 37.03 22.49 -23.55
CA SER B 252 35.91 22.14 -22.66
C SER B 252 35.32 23.38 -22.01
N TRP B 253 36.16 24.34 -21.62
CA TRP B 253 35.67 25.53 -20.94
C TRP B 253 34.81 26.38 -21.88
N PHE B 254 35.14 26.41 -23.16
CA PHE B 254 34.26 27.04 -24.14
C PHE B 254 32.93 26.29 -24.22
N GLY B 255 32.98 24.96 -24.18
CA GLY B 255 31.74 24.19 -24.23
C GLY B 255 30.85 24.45 -23.03
N SER B 256 31.44 24.57 -21.84
CA SER B 256 30.65 24.87 -20.65
C SER B 256 30.01 26.24 -20.76
N ARG B 257 30.58 27.14 -21.56
CA ARG B 257 29.99 28.44 -21.80
C ARG B 257 29.10 28.45 -23.03
N SER B 258 29.39 27.59 -24.02
CA SER B 258 28.56 27.52 -25.22
C SER B 258 27.14 27.07 -24.89
N GLY B 259 27.00 26.07 -24.02
CA GLY B 259 25.68 25.59 -23.66
C GLY B 259 25.01 24.91 -24.84
N TRP B 260 23.79 25.32 -25.15
CA TRP B 260 23.01 24.72 -26.21
C TRP B 260 23.31 25.33 -27.58
N ARG B 261 24.17 26.34 -27.65
CA ARG B 261 24.45 26.97 -28.94
C ARG B 261 25.23 26.04 -29.87
N GLY B 262 25.97 25.10 -29.32
CA GLY B 262 26.77 24.20 -30.15
C GLY B 262 28.18 24.70 -30.36
N GLN B 263 29.07 23.76 -30.70
CA GLN B 263 30.47 24.07 -30.92
C GLN B 263 30.96 23.42 -32.20
N ASN B 264 32.03 23.99 -32.76
CA ASN B 264 32.68 23.43 -33.93
C ASN B 264 34.13 23.90 -33.91
N PHE B 265 35.06 22.95 -33.82
CA PHE B 265 36.49 23.25 -33.62
C PHE B 265 37.31 22.62 -34.73
N PRO B 266 37.46 23.30 -35.88
CA PRO B 266 38.33 22.78 -36.94
C PRO B 266 39.77 23.22 -36.70
N VAL B 267 40.67 22.25 -36.54
CA VAL B 267 42.06 22.53 -36.24
C VAL B 267 42.83 22.76 -37.54
N LEU B 268 43.99 23.38 -37.42
CA LEU B 268 44.87 23.64 -38.55
C LEU B 268 46.30 23.30 -38.15
N TYR B 269 47.24 23.52 -39.05
CA TYR B 269 48.64 23.21 -38.80
C TYR B 269 49.53 24.16 -39.59
N ASN B 270 50.39 24.89 -38.88
CA ASN B 270 51.40 25.75 -39.49
C ASN B 270 50.79 26.79 -40.43
N GLN B 271 49.57 27.22 -40.13
CA GLN B 271 48.93 28.27 -40.93
C GLN B 271 47.91 28.98 -40.05
N LEU B 272 47.62 30.23 -40.40
CA LEU B 272 46.71 31.05 -39.62
C LEU B 272 45.48 31.38 -40.44
N PRO B 273 44.28 31.17 -39.89
CA PRO B 273 43.06 31.43 -40.66
C PRO B 273 42.64 32.89 -40.63
N ASP B 274 41.49 33.20 -41.21
CA ASP B 274 40.96 34.56 -41.24
C ASP B 274 39.84 34.77 -40.23
N ARG B 275 39.81 33.98 -39.16
CA ARG B 275 38.84 34.10 -38.09
C ARG B 275 39.57 34.41 -36.78
N ASN B 276 38.80 34.49 -35.69
CA ASN B 276 39.35 34.76 -34.36
C ASN B 276 39.81 33.44 -33.75
N ALA B 277 40.99 33.00 -34.19
CA ALA B 277 41.54 31.71 -33.79
C ALA B 277 42.33 31.83 -32.49
N ILE B 278 42.88 30.71 -32.03
CA ILE B 278 43.71 30.65 -30.84
C ILE B 278 45.02 29.96 -31.20
N VAL B 279 46.14 30.58 -30.82
CA VAL B 279 47.47 30.11 -31.18
C VAL B 279 48.16 29.58 -29.94
N PHE B 280 48.80 28.42 -30.07
CA PHE B 280 49.54 27.79 -28.99
C PHE B 280 51.03 27.76 -29.33
N ALA B 281 51.86 28.14 -28.36
CA ALA B 281 53.30 28.15 -28.54
C ALA B 281 53.98 27.70 -27.26
N THR B 282 55.15 27.07 -27.42
CA THR B 282 55.94 26.58 -26.30
C THR B 282 57.39 27.00 -26.42
N ASN B 283 57.64 28.18 -26.98
CA ASN B 283 58.98 28.75 -27.17
C ASN B 283 59.78 27.95 -28.21
N ASP B 284 59.18 26.88 -28.72
CA ASP B 284 59.81 26.04 -29.73
C ASP B 284 58.79 25.74 -30.83
N LYS B 285 59.31 25.47 -32.02
CA LYS B 285 58.54 25.18 -33.23
C LYS B 285 57.29 26.06 -33.33
N ARG B 286 57.54 27.37 -33.31
CA ARG B 286 56.45 28.33 -33.43
C ARG B 286 55.80 28.23 -34.81
N PRO B 287 54.50 28.54 -34.91
CA PRO B 287 53.77 28.40 -36.19
C PRO B 287 54.19 29.44 -37.23
N ASP B 288 55.50 29.52 -37.48
CA ASP B 288 56.12 30.23 -38.60
C ASP B 288 55.70 31.69 -38.75
N PHE B 289 55.06 32.27 -37.74
CA PHE B 289 54.78 33.70 -37.73
C PHE B 289 55.08 34.37 -36.39
N LEU B 290 55.44 33.61 -35.36
CA LEU B 290 55.85 34.15 -34.08
C LEU B 290 57.35 34.36 -33.98
N ARG B 291 58.04 34.50 -35.11
CA ARG B 291 59.48 34.70 -35.10
C ARG B 291 59.82 36.09 -34.58
N ASP B 292 61.10 36.25 -34.24
CA ASP B 292 61.69 37.48 -33.68
C ASP B 292 61.14 37.82 -32.30
N HIS B 293 60.25 37.01 -31.74
CA HIS B 293 59.74 37.26 -30.40
C HIS B 293 60.78 36.82 -29.36
N PRO B 294 61.11 37.67 -28.40
CA PRO B 294 62.10 37.28 -27.38
C PRO B 294 61.60 36.15 -26.51
N ALA B 295 62.55 35.37 -26.00
CA ALA B 295 62.22 34.26 -25.12
C ALA B 295 61.56 34.77 -23.85
N VAL B 296 60.59 34.01 -23.35
CA VAL B 296 59.80 34.41 -22.19
C VAL B 296 60.15 33.51 -21.02
N LYS B 297 60.12 34.09 -19.81
CA LYS B 297 60.37 33.37 -18.58
C LYS B 297 59.08 33.03 -17.84
N ALA B 298 57.92 33.29 -18.44
CA ALA B 298 56.64 33.06 -17.80
C ALA B 298 55.58 32.90 -18.87
N PRO B 299 54.48 32.20 -18.58
CA PRO B 299 53.41 32.06 -19.59
C PRO B 299 52.69 33.37 -19.84
N VAL B 300 52.87 33.93 -21.03
CA VAL B 300 52.32 35.24 -21.38
C VAL B 300 51.16 35.03 -22.34
N ILE B 301 50.02 35.67 -22.04
CA ILE B 301 48.83 35.61 -22.88
C ILE B 301 48.60 37.00 -23.44
N GLU B 302 48.69 37.13 -24.77
CA GLU B 302 48.48 38.40 -25.44
C GLU B 302 47.26 38.32 -26.34
N MET B 303 46.94 39.44 -26.98
CA MET B 303 45.79 39.57 -27.88
C MET B 303 46.23 40.26 -29.17
N ILE B 304 47.32 39.78 -29.76
CA ILE B 304 47.83 40.37 -30.99
C ILE B 304 46.83 40.18 -32.12
N ASN B 305 46.85 41.10 -33.08
CA ASN B 305 45.95 41.06 -34.21
C ASN B 305 46.58 40.33 -35.39
N HIS B 306 45.76 40.08 -36.41
CA HIS B 306 46.25 39.46 -37.63
C HIS B 306 47.23 40.40 -38.32
N PRO B 307 48.42 39.91 -38.72
CA PRO B 307 49.41 40.80 -39.32
C PRO B 307 48.99 41.41 -40.65
N GLN B 308 48.01 40.82 -41.34
CA GLN B 308 47.57 41.34 -42.63
C GLN B 308 46.38 42.27 -42.53
N ASN B 309 45.50 42.08 -41.55
CA ASN B 309 44.35 42.97 -41.39
C ASN B 309 44.00 43.08 -39.91
N PRO B 310 43.80 44.30 -39.40
CA PRO B 310 43.48 44.49 -37.97
C PRO B 310 41.98 44.42 -37.70
N TYR B 311 41.32 43.36 -38.19
CA TYR B 311 39.90 43.17 -37.97
C TYR B 311 39.56 41.94 -37.17
N VAL B 312 40.40 40.92 -37.16
CA VAL B 312 40.19 39.73 -36.34
C VAL B 312 41.21 39.74 -35.21
N LYS B 313 40.85 39.09 -34.10
CA LYS B 313 41.67 39.07 -32.90
C LYS B 313 42.02 37.62 -32.57
N LEU B 314 43.32 37.35 -32.42
CA LEU B 314 43.79 36.03 -32.07
C LEU B 314 44.01 35.97 -30.55
N LEU B 315 44.57 34.85 -30.08
CA LEU B 315 44.88 34.69 -28.66
C LEU B 315 46.05 33.72 -28.57
N VAL B 316 47.24 34.27 -28.37
CA VAL B 316 48.47 33.48 -28.31
C VAL B 316 48.75 33.12 -26.85
N VAL B 317 49.21 31.89 -26.63
CA VAL B 317 49.59 31.41 -25.31
C VAL B 317 51.05 30.95 -25.39
N PHE B 318 51.89 31.48 -24.51
CA PHE B 318 53.32 31.19 -24.53
C PHE B 318 53.69 30.27 -23.37
N GLY B 319 54.97 29.96 -23.29
CA GLY B 319 55.48 29.08 -22.25
C GLY B 319 56.87 28.61 -22.61
N ARG B 320 57.44 27.81 -21.71
CA ARG B 320 58.78 27.28 -21.91
C ARG B 320 58.82 25.81 -22.24
N ASP B 321 57.78 25.05 -21.89
CA ASP B 321 57.73 23.62 -22.18
C ASP B 321 56.26 23.18 -22.17
N ASP B 322 56.04 21.87 -22.17
CA ASP B 322 54.68 21.35 -22.12
C ASP B 322 54.00 21.69 -20.82
N LYS B 323 54.73 21.62 -19.70
CA LYS B 323 54.14 21.92 -18.40
C LYS B 323 53.72 23.37 -18.30
N ASP B 324 54.51 24.29 -18.85
CA ASP B 324 54.18 25.71 -18.74
C ASP B 324 52.87 26.04 -19.44
N LEU B 325 52.65 25.50 -20.64
CA LEU B 325 51.42 25.80 -21.37
C LEU B 325 50.21 25.19 -20.67
N LEU B 326 50.38 24.00 -20.08
CA LEU B 326 49.29 23.38 -19.35
C LEU B 326 48.89 24.24 -18.15
N GLN B 327 49.86 24.80 -17.44
CA GLN B 327 49.56 25.67 -16.31
C GLN B 327 48.78 26.90 -16.77
N ALA B 328 49.18 27.49 -17.90
CA ALA B 328 48.48 28.65 -18.42
C ALA B 328 47.05 28.31 -18.82
N ALA B 329 46.85 27.13 -19.41
CA ALA B 329 45.50 26.73 -19.82
C ALA B 329 44.57 26.59 -18.64
N LYS B 330 45.07 26.01 -17.53
CA LYS B 330 44.23 25.86 -16.34
C LYS B 330 43.84 27.20 -15.76
N GLY B 331 44.74 28.19 -15.82
CA GLY B 331 44.41 29.51 -15.31
C GLY B 331 43.29 30.17 -16.09
N ILE B 332 43.26 29.96 -17.41
CA ILE B 332 42.22 30.56 -18.23
C ILE B 332 40.85 30.00 -17.86
N ALA B 333 40.77 28.68 -17.66
CA ALA B 333 39.50 28.03 -17.36
C ALA B 333 39.05 28.22 -15.92
N GLN B 334 39.90 28.73 -15.05
CA GLN B 334 39.55 28.93 -13.64
C GLN B 334 39.55 30.40 -13.24
N GLY B 335 40.63 31.12 -13.51
CA GLY B 335 40.72 32.52 -13.14
C GLY B 335 40.34 33.46 -14.27
N ASN B 336 39.07 33.46 -14.67
CA ASN B 336 38.63 34.32 -15.76
C ASN B 336 38.20 35.70 -15.29
N ILE B 337 38.15 35.94 -13.98
CA ILE B 337 37.63 37.21 -13.47
C ILE B 337 38.72 38.26 -13.24
N LEU B 338 39.98 37.91 -13.46
CA LEU B 338 41.08 38.84 -13.19
C LEU B 338 41.96 39.05 -14.41
N PHE B 339 41.37 38.99 -15.60
CA PHE B 339 42.06 39.35 -16.83
C PHE B 339 41.96 40.85 -17.03
N ARG B 340 43.05 41.57 -16.77
CA ARG B 340 43.06 43.03 -16.83
C ARG B 340 44.11 43.51 -17.82
N GLY B 341 43.74 44.49 -18.63
CA GLY B 341 44.69 45.10 -19.55
C GLY B 341 45.12 44.11 -20.62
N GLU B 342 46.43 43.91 -20.72
CA GLU B 342 47.00 43.03 -21.72
C GLU B 342 48.24 42.37 -21.14
N SER B 343 48.64 41.26 -21.76
CA SER B 343 49.82 40.49 -21.33
C SER B 343 49.68 40.04 -19.87
N VAL B 344 48.64 39.24 -19.64
CA VAL B 344 48.36 38.72 -18.31
C VAL B 344 49.16 37.45 -18.10
N VAL B 345 49.90 37.38 -17.00
CA VAL B 345 50.73 36.23 -16.67
C VAL B 345 50.15 35.52 -15.45
N VAL B 346 50.33 34.20 -15.41
CA VAL B 346 49.89 33.37 -14.30
C VAL B 346 51.08 32.57 -13.80
N ASN B 347 51.19 32.42 -12.48
CA ASN B 347 52.34 31.76 -11.89
C ASN B 347 51.97 30.55 -11.03
N GLU B 348 50.91 30.63 -10.24
CA GLU B 348 50.54 29.56 -9.32
C GLU B 348 49.04 29.41 -9.31
N VAL B 349 48.54 28.30 -9.86
CA VAL B 349 47.12 27.95 -9.81
C VAL B 349 47.04 26.47 -9.45
N LYS B 350 46.57 26.17 -8.25
CA LYS B 350 46.46 24.80 -7.78
C LYS B 350 45.10 24.56 -7.15
N PRO B 351 44.58 23.35 -7.24
CA PRO B 351 43.30 23.04 -6.59
C PRO B 351 43.47 22.72 -5.12
N LEU B 352 42.37 22.81 -4.39
CA LEU B 352 42.36 22.53 -2.95
C LEU B 352 41.52 21.30 -2.61
N LEU B 353 40.33 21.19 -3.17
CA LEU B 353 39.42 20.09 -2.86
C LEU B 353 38.91 19.47 -4.14
N PRO B 354 38.59 18.18 -4.13
CA PRO B 354 38.03 17.52 -5.31
C PRO B 354 36.55 17.83 -5.46
N ARG B 355 35.93 17.20 -6.45
CA ARG B 355 34.53 17.43 -6.77
C ARG B 355 33.68 16.27 -6.30
N LYS B 356 32.58 16.59 -5.61
CA LYS B 356 31.64 15.57 -5.18
C LYS B 356 30.96 14.95 -6.40
N PRO B 357 30.70 13.63 -6.37
CA PRO B 357 30.03 13.00 -7.51
C PRO B 357 28.67 13.62 -7.79
N TYR B 358 28.38 13.79 -9.09
CA TYR B 358 27.10 14.31 -9.57
C TYR B 358 26.78 15.68 -8.96
N ASP B 359 27.63 16.66 -9.28
CA ASP B 359 27.42 18.03 -8.85
C ASP B 359 27.56 19.00 -10.00
N ALA B 360 27.17 18.60 -11.21
CA ALA B 360 27.24 19.47 -12.36
C ALA B 360 26.29 20.65 -12.18
N PRO B 361 26.73 21.88 -12.41
CA PRO B 361 25.82 23.04 -12.25
C PRO B 361 24.58 22.96 -13.11
N ASN B 362 24.69 22.46 -14.35
CA ASN B 362 23.51 22.34 -15.19
C ASN B 362 22.54 21.29 -14.64
N TRP B 363 23.05 20.18 -14.15
CA TRP B 363 22.22 19.14 -13.58
C TRP B 363 21.67 19.57 -12.23
N VAL B 364 20.46 19.12 -11.92
CA VAL B 364 19.85 19.42 -10.63
C VAL B 364 20.50 18.56 -9.55
N ARG B 365 20.85 19.18 -8.43
CA ARG B 365 21.50 18.47 -7.35
C ARG B 365 20.50 17.60 -6.60
N THR B 366 21.02 16.53 -5.99
CA THR B 366 20.18 15.59 -5.27
C THR B 366 20.46 15.56 -3.76
N ASP B 367 21.36 16.42 -3.27
CA ASP B 367 21.66 16.43 -1.85
C ASP B 367 20.46 16.85 -1.01
N ARG B 368 19.73 17.86 -1.47
CA ARG B 368 18.52 18.31 -0.80
C ARG B 368 17.54 18.81 -1.85
N PRO B 369 16.24 18.76 -1.59
CA PRO B 369 15.27 19.18 -2.61
C PRO B 369 15.41 20.66 -2.93
N VAL B 370 15.42 20.97 -4.24
CA VAL B 370 15.53 22.35 -4.70
C VAL B 370 14.17 23.00 -4.66
N THR B 371 14.13 24.33 -4.77
CA THR B 371 12.88 25.08 -4.68
C THR B 371 12.76 26.08 -5.83
N PHE B 372 13.28 25.71 -7.01
CA PHE B 372 13.28 26.59 -8.18
C PHE B 372 13.96 27.92 -7.88
N GLY B 373 15.02 27.87 -7.07
CA GLY B 373 15.77 29.06 -6.75
C GLY B 373 16.85 29.34 -7.76
N GLU B 374 17.62 28.32 -8.12
CA GLU B 374 18.65 28.42 -9.14
C GLU B 374 18.18 27.97 -10.52
N LEU B 375 16.92 27.58 -10.64
CA LEU B 375 16.35 27.16 -11.92
C LEU B 375 15.69 28.31 -12.68
N LYS B 376 15.69 29.51 -12.10
CA LYS B 376 15.06 30.65 -12.76
C LYS B 376 15.87 31.12 -13.98
N THR B 377 17.20 31.20 -13.83
CA THR B 377 18.15 31.66 -14.83
C THR B 377 17.62 32.86 -15.61
N TYR B 378 16.88 33.73 -14.93
CA TYR B 378 16.25 34.91 -15.51
C TYR B 378 15.57 35.65 -14.36
N GLU B 379 15.12 36.86 -14.63
CA GLU B 379 14.50 37.70 -13.61
C GLU B 379 12.99 37.79 -13.73
N GLU B 380 12.47 37.91 -14.94
CA GLU B 380 11.04 38.07 -15.19
C GLU B 380 10.46 36.85 -15.91
N GLN B 381 10.90 35.65 -15.51
CA GLN B 381 10.47 34.42 -16.15
C GLN B 381 9.32 33.74 -15.43
N LEU B 382 9.27 33.84 -14.09
CA LEU B 382 8.25 33.15 -13.30
C LEU B 382 6.96 33.94 -13.19
N GLN B 383 6.74 34.94 -14.04
CA GLN B 383 5.50 35.70 -14.00
C GLN B 383 5.23 36.28 -15.39
N SER B 384 3.97 36.62 -15.63
CA SER B 384 3.54 37.20 -16.89
C SER B 384 2.45 38.23 -16.63
N SER B 385 2.29 39.14 -17.58
CA SER B 385 1.31 40.21 -17.47
C SER B 385 0.68 40.45 -18.84
N GLY B 386 -0.20 41.45 -18.90
CA GLY B 386 -0.89 41.79 -20.13
C GLY B 386 -2.28 41.20 -20.20
N LEU B 387 -2.98 41.55 -21.27
CA LEU B 387 -4.32 41.02 -21.50
C LEU B 387 -4.30 39.51 -21.66
N GLU B 388 -3.33 38.99 -22.42
CA GLU B 388 -3.17 37.56 -22.61
C GLU B 388 -1.89 37.11 -21.93
N PRO B 389 -1.96 36.47 -20.77
CA PRO B 389 -0.74 36.05 -20.08
C PRO B 389 0.07 35.06 -20.91
N ALA B 390 1.39 35.21 -20.86
CA ALA B 390 2.29 34.33 -21.59
C ALA B 390 2.42 32.99 -20.88
N ALA B 391 2.96 32.01 -21.60
CA ALA B 391 3.16 30.68 -21.06
C ALA B 391 4.47 30.65 -20.28
N ILE B 392 4.37 30.49 -18.97
CA ILE B 392 5.56 30.42 -18.12
C ILE B 392 6.20 29.05 -18.28
N ASN B 393 7.50 29.03 -18.55
CA ASN B 393 8.23 27.80 -18.74
C ASN B 393 9.47 27.76 -17.88
N VAL B 394 9.86 26.55 -17.45
CA VAL B 394 11.04 26.33 -16.65
C VAL B 394 11.85 25.21 -17.31
N SER B 395 13.12 25.49 -17.59
CA SER B 395 14.00 24.51 -18.23
C SER B 395 14.81 23.82 -17.15
N LEU B 396 14.68 22.50 -17.08
CA LEU B 396 15.39 21.70 -16.08
C LEU B 396 16.04 20.49 -16.75
N ASN B 397 17.20 20.10 -16.22
CA ASN B 397 17.93 18.93 -16.70
C ASN B 397 18.18 18.00 -15.52
N LEU B 398 18.02 16.71 -15.76
CA LEU B 398 18.20 15.70 -14.72
C LEU B 398 19.18 14.64 -15.19
N PRO B 399 19.95 14.06 -14.27
CA PRO B 399 20.87 13.00 -14.66
C PRO B 399 20.12 11.77 -15.11
N PRO B 400 20.69 10.98 -16.03
CA PRO B 400 20.02 9.78 -16.52
C PRO B 400 20.15 8.56 -15.61
N ASP B 401 20.61 8.73 -14.37
CA ASP B 401 20.83 7.61 -13.47
C ASP B 401 19.60 7.23 -12.66
N LEU B 402 18.50 7.96 -12.81
CA LEU B 402 17.28 7.66 -12.06
C LEU B 402 16.69 6.34 -12.56
N TYR B 403 16.60 5.36 -11.67
CA TYR B 403 16.13 4.03 -12.06
C TYR B 403 14.65 4.06 -12.42
N LEU B 404 14.29 3.27 -13.42
CA LEU B 404 12.92 3.17 -13.91
C LEU B 404 12.24 1.97 -13.26
N MET B 405 11.04 1.64 -13.77
CA MET B 405 10.27 0.49 -13.30
C MET B 405 9.95 0.61 -11.80
N ARG B 406 9.58 1.82 -11.37
CA ARG B 406 9.17 2.05 -10.00
C ARG B 406 7.72 2.52 -9.87
N SER B 407 7.15 3.11 -10.92
CA SER B 407 5.75 3.56 -10.93
C SER B 407 5.45 4.51 -9.78
N THR B 408 6.40 5.40 -9.49
CA THR B 408 6.27 6.36 -8.39
C THR B 408 6.02 7.78 -8.89
N GLY B 409 6.82 8.24 -9.84
CA GLY B 409 6.68 9.60 -10.33
C GLY B 409 7.34 10.61 -9.42
N ILE B 410 7.30 11.87 -9.85
CA ILE B 410 7.87 12.99 -9.11
C ILE B 410 6.75 13.97 -8.81
N ASP B 411 6.50 14.23 -7.53
CA ASP B 411 5.43 15.12 -7.13
C ASP B 411 5.87 16.58 -7.25
N MET B 412 4.88 17.47 -7.15
CA MET B 412 5.10 18.91 -7.26
C MET B 412 4.47 19.61 -6.07
N ASP B 413 4.95 20.82 -5.79
CA ASP B 413 4.45 21.65 -4.70
C ASP B 413 4.20 23.07 -5.20
N ILE B 414 3.53 23.17 -6.35
CA ILE B 414 3.28 24.48 -6.96
C ILE B 414 2.27 25.25 -6.12
N ASN B 415 2.57 26.52 -5.86
CA ASN B 415 1.68 27.39 -5.09
C ASN B 415 1.38 28.68 -5.85
N TYR B 416 0.98 28.57 -7.11
CA TYR B 416 0.72 29.73 -7.94
C TYR B 416 -0.44 30.55 -7.38
N ARG B 417 -0.35 31.86 -7.58
CA ARG B 417 -1.42 32.79 -7.21
C ARG B 417 -1.83 33.59 -8.44
N TYR B 418 -3.11 33.94 -8.49
CA TYR B 418 -3.69 34.58 -9.67
C TYR B 418 -4.63 35.68 -9.21
N THR B 419 -5.26 36.35 -10.17
CA THR B 419 -6.23 37.40 -9.88
C THR B 419 -7.63 36.80 -9.82
N MET B 420 -8.44 37.32 -8.91
CA MET B 420 -9.78 36.81 -8.72
C MET B 420 -10.66 37.16 -9.92
N PRO B 421 -11.25 36.18 -10.62
CA PRO B 421 -12.17 36.50 -11.70
C PRO B 421 -13.45 37.11 -11.14
N PRO B 422 -14.16 37.91 -11.94
CA PRO B 422 -15.40 38.52 -11.42
C PRO B 422 -16.46 37.51 -11.02
N VAL B 423 -16.83 36.61 -11.93
CA VAL B 423 -17.81 35.56 -11.67
C VAL B 423 -17.21 34.24 -12.12
N LYS B 424 -18.02 33.18 -11.99
CA LYS B 424 -17.59 31.83 -12.37
C LYS B 424 -17.55 31.73 -13.89
N ASP B 425 -16.37 31.94 -14.46
CA ASP B 425 -16.18 31.88 -15.91
C ASP B 425 -15.76 30.50 -16.40
N SER B 426 -15.67 29.52 -15.50
CA SER B 426 -15.24 28.16 -15.84
C SER B 426 -13.86 28.16 -16.48
N SER B 427 -12.99 29.09 -16.05
CA SER B 427 -11.64 29.14 -16.57
C SER B 427 -10.81 27.98 -16.04
N ARG B 428 -9.93 27.46 -16.89
CA ARG B 428 -9.13 26.30 -16.57
C ARG B 428 -7.66 26.59 -16.83
N MET B 429 -6.80 25.94 -16.04
CA MET B 429 -5.35 26.05 -16.18
C MET B 429 -4.82 24.64 -16.33
N ASP B 430 -3.97 24.44 -17.34
CA ASP B 430 -3.44 23.12 -17.68
C ASP B 430 -1.93 23.13 -17.62
N ILE B 431 -1.36 22.07 -17.04
CA ILE B 431 0.08 21.91 -17.00
C ILE B 431 0.51 21.03 -18.17
N SER B 432 1.33 21.59 -19.06
CA SER B 432 1.81 20.89 -20.23
C SER B 432 3.25 20.45 -20.02
N LEU B 433 3.62 19.36 -20.68
CA LEU B 433 4.98 18.82 -20.61
C LEU B 433 5.37 18.36 -22.00
N ASN B 434 6.36 19.03 -22.59
CA ASN B 434 6.80 18.75 -23.96
C ASN B 434 5.64 18.82 -24.95
N ASN B 435 4.85 19.88 -24.84
CA ASN B 435 3.69 20.11 -25.71
C ASN B 435 2.71 18.95 -25.65
N GLN B 436 2.49 18.41 -24.46
CA GLN B 436 1.55 17.32 -24.24
C GLN B 436 0.66 17.66 -23.05
N PHE B 437 -0.65 17.52 -23.24
CA PHE B 437 -1.59 17.76 -22.16
C PHE B 437 -1.44 16.71 -21.07
N LEU B 438 -1.35 17.15 -19.82
CA LEU B 438 -1.20 16.26 -18.69
C LEU B 438 -2.41 16.30 -17.76
N GLN B 439 -2.77 17.47 -17.25
CA GLN B 439 -3.89 17.60 -16.32
C GLN B 439 -4.30 19.06 -16.15
N SER B 440 -5.60 19.31 -16.06
CA SER B 440 -6.13 20.65 -15.85
C SER B 440 -6.85 20.72 -14.51
N PHE B 441 -6.81 21.89 -13.89
CA PHE B 441 -7.45 22.14 -12.60
C PHE B 441 -8.45 23.28 -12.73
N ASN B 442 -9.15 23.55 -11.63
CA ASN B 442 -10.08 24.66 -11.55
C ASN B 442 -9.34 25.94 -11.15
N LEU B 443 -9.97 27.08 -11.44
CA LEU B 443 -9.32 28.37 -11.21
C LEU B 443 -10.25 29.31 -10.46
N SER B 444 -10.90 28.80 -9.41
CA SER B 444 -11.80 29.60 -8.60
C SER B 444 -11.52 29.37 -7.13
N SER B 445 -11.58 30.44 -6.33
CA SER B 445 -11.34 30.38 -4.90
C SER B 445 -12.35 31.25 -4.15
N LYS B 446 -13.54 31.40 -4.71
CA LYS B 446 -14.61 32.21 -4.13
C LYS B 446 -14.15 33.65 -3.89
N LEU B 463 -7.13 33.01 -2.94
CA LEU B 463 -6.67 33.03 -4.32
C LEU B 463 -5.38 32.23 -4.48
N ASP B 464 -4.96 31.57 -3.41
CA ASP B 464 -3.78 30.71 -3.41
C ASP B 464 -4.22 29.27 -3.24
N GLY B 465 -3.80 28.41 -4.17
CA GLY B 465 -4.19 27.02 -4.12
C GLY B 465 -3.01 26.06 -4.17
N LYS B 466 -2.94 25.16 -3.19
CA LYS B 466 -1.91 24.14 -3.19
C LYS B 466 -2.17 23.13 -4.30
N THR B 467 -1.12 22.79 -5.05
CA THR B 467 -1.22 21.86 -6.16
C THR B 467 -0.15 20.80 -6.01
N ASP B 468 -0.58 19.54 -5.84
CA ASP B 468 0.33 18.40 -5.74
C ASP B 468 -0.06 17.40 -6.82
N VAL B 469 0.90 17.05 -7.66
CA VAL B 469 0.67 16.08 -8.73
C VAL B 469 2.00 15.39 -9.05
N SER B 470 1.94 14.08 -9.29
CA SER B 470 3.10 13.29 -9.65
C SER B 470 3.14 13.17 -11.18
N ILE B 471 4.05 13.88 -11.81
CA ILE B 471 4.13 13.91 -13.27
C ILE B 471 4.92 12.70 -13.77
N PRO B 472 4.29 11.82 -14.55
CA PRO B 472 5.03 10.71 -15.15
C PRO B 472 5.61 11.07 -16.51
N ALA B 473 6.30 10.11 -17.14
CA ALA B 473 6.80 10.24 -18.51
C ALA B 473 7.74 11.43 -18.66
N LEU B 474 8.86 11.36 -17.96
CA LEU B 474 9.92 12.36 -18.08
C LEU B 474 10.81 12.00 -19.28
N LYS B 475 11.95 12.69 -19.41
CA LYS B 475 12.86 12.45 -20.52
C LYS B 475 14.11 11.68 -20.14
N LEU B 476 14.66 11.93 -18.94
CA LEU B 476 15.82 11.20 -18.42
C LEU B 476 17.04 11.36 -19.33
N GLY B 477 17.54 12.59 -19.40
CA GLY B 477 18.78 12.85 -20.10
C GLY B 477 18.78 14.07 -20.98
N ALA B 478 17.62 14.40 -21.55
CA ALA B 478 17.49 15.57 -22.42
C ALA B 478 16.75 16.69 -21.69
N THR B 479 16.86 17.89 -22.25
CA THR B 479 16.22 19.07 -21.67
C THR B 479 14.73 19.00 -21.95
N ASN B 480 13.93 18.81 -20.91
CA ASN B 480 12.48 18.76 -21.00
C ASN B 480 11.89 19.96 -20.28
N GLN B 481 11.04 20.70 -20.97
CA GLN B 481 10.41 21.89 -20.41
C GLN B 481 9.14 21.51 -19.66
N LEU B 482 8.71 22.42 -18.77
CA LEU B 482 7.50 22.26 -17.98
C LEU B 482 6.61 23.48 -18.16
N ARG B 483 6.42 23.88 -19.42
CA ARG B 483 5.65 25.09 -19.73
C ARG B 483 4.16 24.86 -19.48
N PHE B 484 3.51 25.88 -18.91
CA PHE B 484 2.07 25.88 -18.73
C PHE B 484 1.55 27.30 -18.91
N ASP B 485 0.42 27.44 -19.60
CA ASP B 485 -0.16 28.72 -19.93
C ASP B 485 -1.42 28.96 -19.10
N PHE B 486 -1.98 30.16 -19.25
CA PHE B 486 -3.17 30.58 -18.51
C PHE B 486 -4.22 31.02 -19.53
N GLU B 487 -5.16 30.13 -19.84
CA GLU B 487 -6.19 30.42 -20.83
C GLU B 487 -7.34 31.16 -20.17
N TYR B 488 -7.55 32.41 -20.57
CA TYR B 488 -8.64 33.24 -20.06
C TYR B 488 -9.58 33.61 -21.20
N MET B 489 -10.87 33.41 -20.99
CA MET B 489 -11.89 33.89 -21.91
C MET B 489 -12.35 35.27 -21.50
N ASN B 490 -12.83 36.04 -22.48
CA ASN B 490 -13.24 37.41 -22.21
C ASN B 490 -14.52 37.41 -21.37
N PRO B 491 -14.52 38.04 -20.19
CA PRO B 491 -15.73 38.07 -19.38
C PRO B 491 -16.67 39.17 -19.83
N MET B 492 -17.96 38.81 -19.96
CA MET B 492 -19.01 39.73 -20.38
C MET B 492 -18.65 40.33 -21.73
N PRO B 493 -18.79 39.57 -22.82
CA PRO B 493 -18.38 40.11 -24.13
C PRO B 493 -19.24 41.28 -24.60
N GLY B 494 -20.56 41.14 -24.55
CA GLY B 494 -21.44 42.20 -25.00
C GLY B 494 -22.28 42.79 -23.90
N GLY B 495 -22.60 41.99 -22.88
CA GLY B 495 -23.37 42.45 -21.75
C GLY B 495 -24.84 42.67 -22.07
N SER B 496 -25.14 43.68 -22.87
CA SER B 496 -26.49 43.98 -23.30
C SER B 496 -26.51 44.09 -24.83
N VAL B 497 -27.53 43.49 -25.43
CA VAL B 497 -27.69 43.50 -26.89
C VAL B 497 -28.48 44.72 -27.35
N ASP B 498 -29.55 45.07 -26.62
CA ASP B 498 -30.36 46.22 -27.01
C ASP B 498 -29.59 47.54 -26.88
N ASN B 499 -28.73 47.66 -25.88
CA ASN B 499 -27.98 48.88 -25.63
C ASN B 499 -26.50 48.61 -25.87
N CYS B 500 -25.86 49.49 -26.63
CA CYS B 500 -24.45 49.34 -26.94
C CYS B 500 -23.58 49.75 -25.75
N ILE B 501 -22.70 48.85 -25.33
CA ILE B 501 -21.81 49.09 -24.21
C ILE B 501 -20.38 48.93 -24.69
N THR B 502 -19.55 49.92 -24.42
CA THR B 502 -18.14 49.91 -24.79
C THR B 502 -17.30 50.10 -23.53
N PHE B 503 -16.31 49.22 -23.35
CA PHE B 503 -15.45 49.28 -22.18
C PHE B 503 -14.02 48.97 -22.59
N GLN B 504 -13.07 49.48 -21.82
CA GLN B 504 -11.67 49.21 -22.09
C GLN B 504 -11.33 47.78 -21.66
N PRO B 505 -10.43 47.10 -22.39
CA PRO B 505 -10.05 45.74 -22.00
C PRO B 505 -9.18 45.77 -20.75
N VAL B 506 -9.59 45.01 -19.74
CA VAL B 506 -8.87 44.94 -18.47
C VAL B 506 -7.88 43.80 -18.52
N GLN B 507 -6.67 44.04 -18.00
CA GLN B 507 -5.61 43.05 -17.97
C GLN B 507 -5.38 42.57 -16.54
N ASN B 508 -4.70 41.43 -16.42
CA ASN B 508 -4.42 40.83 -15.12
C ASN B 508 -3.04 40.18 -15.16
N HIS B 509 -2.47 40.00 -13.98
CA HIS B 509 -1.15 39.42 -13.81
C HIS B 509 -1.25 38.04 -13.18
N VAL B 510 -0.12 37.33 -13.19
CA VAL B 510 -0.04 36.02 -12.56
C VAL B 510 1.43 35.74 -12.25
N VAL B 511 1.66 34.99 -11.18
CA VAL B 511 3.02 34.64 -10.75
C VAL B 511 2.97 33.27 -10.09
N ILE B 512 4.03 32.50 -10.28
CA ILE B 512 4.10 31.13 -9.76
C ILE B 512 4.63 31.12 -8.33
N GLY B 513 5.70 31.85 -8.06
CA GLY B 513 6.28 31.89 -6.74
C GLY B 513 7.54 31.03 -6.64
N ASP B 514 8.43 31.43 -5.75
CA ASP B 514 9.71 30.75 -5.56
C ASP B 514 9.66 29.74 -4.42
N ASP B 515 8.49 29.54 -3.80
CA ASP B 515 8.37 28.61 -2.69
C ASP B 515 8.01 27.20 -3.15
N SER B 516 7.76 27.00 -4.44
CA SER B 516 7.43 25.67 -4.95
C SER B 516 8.70 24.83 -5.04
N THR B 517 8.63 23.60 -4.54
CA THR B 517 9.79 22.73 -4.45
C THR B 517 9.52 21.41 -5.17
N ILE B 518 10.61 20.76 -5.58
CA ILE B 518 10.58 19.42 -6.14
C ILE B 518 11.54 18.56 -5.35
N ASP B 519 11.25 17.26 -5.28
CA ASP B 519 11.99 16.35 -4.40
C ASP B 519 12.97 15.50 -5.20
N PHE B 520 14.22 15.51 -4.78
CA PHE B 520 15.26 14.63 -5.32
C PHE B 520 16.18 14.16 -4.20
N SER B 521 15.60 13.85 -3.04
CA SER B 521 16.40 13.57 -1.86
C SER B 521 17.06 12.19 -1.92
N LYS B 522 16.26 11.13 -1.97
CA LYS B 522 16.76 9.75 -1.86
C LYS B 522 16.30 8.97 -3.09
N TYR B 523 17.09 9.08 -4.17
CA TYR B 523 16.91 8.28 -5.38
C TYR B 523 18.20 7.55 -5.71
N TYR B 524 18.05 6.35 -6.24
CA TYR B 524 19.19 5.46 -6.50
C TYR B 524 19.63 5.56 -7.94
N HIS B 525 20.91 5.30 -8.16
CA HIS B 525 21.53 5.36 -9.49
C HIS B 525 21.64 3.94 -10.03
N PHE B 526 20.91 3.67 -11.11
CA PHE B 526 20.91 2.34 -11.72
C PHE B 526 20.43 2.47 -13.16
N ILE B 527 21.24 1.96 -14.09
CA ILE B 527 20.92 2.04 -15.51
C ILE B 527 21.72 0.97 -16.27
N PRO B 528 21.14 0.33 -17.29
CA PRO B 528 21.93 -0.54 -18.16
C PRO B 528 23.00 0.28 -18.88
N MET B 529 24.25 -0.15 -18.72
CA MET B 529 25.38 0.67 -19.15
C MET B 529 25.63 0.60 -20.66
N PRO B 530 25.63 -0.60 -21.30
CA PRO B 530 25.98 -0.64 -22.73
C PRO B 530 24.93 0.00 -23.63
N ASP B 531 24.75 1.32 -23.52
CA ASP B 531 23.89 2.07 -24.41
C ASP B 531 24.53 3.41 -24.71
N LEU B 532 24.28 3.92 -25.92
CA LEU B 532 24.80 5.22 -26.34
C LEU B 532 23.77 6.33 -26.32
N ARG B 533 22.50 6.01 -26.04
CA ARG B 533 21.49 7.06 -25.94
C ARG B 533 21.79 8.02 -24.80
N ALA B 534 22.21 7.49 -23.66
CA ALA B 534 22.61 8.33 -22.54
C ALA B 534 23.84 9.15 -22.89
N PHE B 535 24.83 8.53 -23.55
CA PHE B 535 26.03 9.26 -23.93
C PHE B 535 25.72 10.35 -24.95
N ALA B 536 24.85 10.06 -25.91
CA ALA B 536 24.49 11.04 -26.93
C ALA B 536 23.59 12.16 -26.43
N ASN B 537 23.02 12.01 -25.24
CA ASN B 537 22.13 13.01 -24.67
C ASN B 537 22.74 13.76 -23.50
N ALA B 538 23.50 13.07 -22.65
CA ALA B 538 24.12 13.70 -21.49
C ALA B 538 25.58 13.32 -21.28
N GLY B 539 26.10 12.35 -22.02
CA GLY B 539 27.48 11.92 -21.84
C GLY B 539 27.72 11.29 -20.48
N PHE B 540 26.80 10.44 -20.04
CA PHE B 540 26.93 9.80 -18.73
C PHE B 540 28.21 9.00 -18.56
N PRO B 541 28.66 8.17 -19.51
CA PRO B 541 29.86 7.36 -19.27
C PRO B 541 31.12 8.19 -19.02
N PHE B 542 31.14 9.46 -19.40
CA PHE B 542 32.31 10.31 -19.18
C PHE B 542 32.07 11.48 -18.24
N SER B 543 30.82 11.92 -18.08
CA SER B 543 30.50 13.07 -17.23
C SER B 543 30.07 12.64 -15.84
N ARG B 544 30.57 11.50 -15.35
CA ARG B 544 30.28 11.09 -13.98
C ARG B 544 30.84 12.09 -12.98
N MET B 545 32.06 12.56 -13.23
CA MET B 545 32.68 13.62 -12.44
C MET B 545 32.61 14.93 -13.22
N ALA B 546 32.29 16.02 -12.51
CA ALA B 546 32.23 17.32 -13.16
C ALA B 546 33.58 17.73 -13.71
N ASP B 547 34.65 17.48 -12.96
CA ASP B 547 36.00 17.82 -13.39
C ASP B 547 36.71 16.69 -14.12
N LEU B 548 36.04 15.54 -14.28
CA LEU B 548 36.62 14.37 -14.95
C LEU B 548 37.92 13.94 -14.28
N SER B 549 37.81 13.55 -13.01
CA SER B 549 38.98 13.15 -12.25
C SER B 549 39.64 11.91 -12.86
N GLN B 550 38.84 10.92 -13.25
CA GLN B 550 39.35 9.70 -13.87
C GLN B 550 38.82 9.64 -15.30
N THR B 551 39.73 9.75 -16.27
CA THR B 551 39.37 9.64 -17.68
C THR B 551 40.66 9.42 -18.47
N ILE B 552 40.72 8.34 -19.22
CA ILE B 552 41.92 7.98 -19.98
C ILE B 552 41.57 8.03 -21.47
N THR B 553 42.35 8.77 -22.24
CA THR B 553 42.19 8.89 -23.68
C THR B 553 43.48 8.48 -24.36
N VAL B 554 43.36 7.70 -25.43
CA VAL B 554 44.52 7.21 -26.17
C VAL B 554 44.45 7.76 -27.59
N MET B 555 45.60 8.20 -28.10
CA MET B 555 45.71 8.70 -29.46
C MET B 555 46.91 8.08 -30.16
N PRO B 556 46.86 7.94 -31.47
CA PRO B 556 48.02 7.42 -32.21
C PRO B 556 49.16 8.43 -32.22
N LYS B 557 50.36 7.92 -32.52
CA LYS B 557 51.54 8.75 -32.53
C LYS B 557 51.44 9.82 -33.61
N ALA B 558 51.76 11.07 -33.24
CA ALA B 558 51.71 12.23 -34.13
C ALA B 558 50.35 12.32 -34.82
N PRO B 559 49.29 12.67 -34.10
CA PRO B 559 47.96 12.74 -34.73
C PRO B 559 47.90 13.83 -35.79
N ASN B 560 47.10 13.57 -36.82
CA ASN B 560 46.90 14.52 -37.90
C ASN B 560 45.72 15.43 -37.53
N GLU B 561 45.22 16.19 -38.51
CA GLU B 561 44.12 17.13 -38.24
C GLU B 561 42.89 16.41 -37.73
N ALA B 562 42.62 15.20 -38.25
CA ALA B 562 41.37 14.51 -37.94
C ALA B 562 41.27 14.16 -36.46
N GLN B 563 42.31 13.53 -35.91
CA GLN B 563 42.24 13.07 -34.52
C GLN B 563 42.11 14.24 -33.55
N MET B 564 42.84 15.33 -33.80
CA MET B 564 42.68 16.51 -32.97
C MET B 564 41.30 17.13 -33.14
N GLU B 565 40.79 17.13 -34.37
CA GLU B 565 39.47 17.73 -34.63
C GLU B 565 38.37 16.97 -33.91
N THR B 566 38.42 15.63 -33.94
CA THR B 566 37.37 14.85 -33.29
C THR B 566 37.49 14.88 -31.77
N LEU B 567 38.70 15.07 -31.25
CA LEU B 567 38.86 15.14 -29.79
C LEU B 567 38.27 16.44 -29.24
N LEU B 568 38.58 17.56 -29.88
CA LEU B 568 38.17 18.86 -29.35
C LEU B 568 36.65 18.99 -29.31
N ASN B 569 35.97 18.51 -30.36
CA ASN B 569 34.51 18.55 -30.35
C ASN B 569 33.94 17.61 -29.30
N THR B 570 34.53 16.42 -29.14
CA THR B 570 33.98 15.44 -28.22
C THR B 570 34.06 15.92 -26.78
N VAL B 571 35.19 16.48 -26.37
CA VAL B 571 35.30 17.01 -25.02
C VAL B 571 34.39 18.23 -24.87
N GLY B 572 34.25 19.03 -25.93
CA GLY B 572 33.30 20.13 -25.89
C GLY B 572 31.87 19.65 -25.70
N PHE B 573 31.52 18.53 -26.34
CA PHE B 573 30.20 17.93 -26.12
C PHE B 573 30.03 17.52 -24.66
N ILE B 574 31.06 16.92 -24.08
CA ILE B 574 31.00 16.58 -22.66
C ILE B 574 30.92 17.85 -21.82
N GLY B 575 31.70 18.86 -22.17
CA GLY B 575 31.67 20.11 -21.41
C GLY B 575 30.35 20.84 -21.57
N ALA B 576 29.76 20.79 -22.77
CA ALA B 576 28.48 21.48 -23.00
C ALA B 576 27.37 20.87 -22.15
N GLN B 577 27.30 19.54 -22.07
CA GLN B 577 26.23 18.91 -21.30
C GLN B 577 26.38 19.19 -19.81
N THR B 578 27.61 19.15 -19.30
CA THR B 578 27.87 19.48 -17.90
C THR B 578 27.96 21.00 -17.76
N GLY B 579 28.23 21.47 -16.54
CA GLY B 579 28.36 22.91 -16.29
C GLY B 579 29.71 23.27 -15.70
N PHE B 580 30.72 22.41 -15.84
CA PHE B 580 32.03 22.68 -15.28
C PHE B 580 33.08 22.16 -16.27
N PRO B 581 34.06 22.96 -16.63
CA PRO B 581 35.09 22.50 -17.58
C PRO B 581 35.89 21.35 -17.01
N ALA B 582 36.28 20.44 -17.91
CA ALA B 582 37.08 19.27 -17.54
C ALA B 582 38.55 19.70 -17.48
N ILE B 583 39.08 19.80 -16.26
CA ILE B 583 40.45 20.25 -16.05
C ILE B 583 41.33 19.18 -15.43
N ASN B 584 40.78 18.01 -15.11
CA ASN B 584 41.55 16.96 -14.46
C ASN B 584 41.73 15.73 -15.36
N LEU B 585 41.31 15.80 -16.62
CA LEU B 585 41.48 14.68 -17.53
C LEU B 585 42.94 14.59 -17.98
N THR B 586 43.31 13.40 -18.44
CA THR B 586 44.66 13.15 -18.91
C THR B 586 44.61 12.39 -20.23
N VAL B 587 45.66 12.57 -21.04
CA VAL B 587 45.78 11.93 -22.34
C VAL B 587 47.13 11.24 -22.43
N THR B 588 47.12 9.96 -22.79
CA THR B 588 48.34 9.19 -22.96
C THR B 588 48.55 8.87 -24.44
N ASP B 589 49.73 8.30 -24.72
CA ASP B 589 50.11 7.98 -26.09
C ASP B 589 50.29 6.48 -26.33
N ASP B 590 50.09 5.64 -25.32
CA ASP B 590 50.25 4.21 -25.48
C ASP B 590 49.33 3.50 -24.51
N GLY B 591 49.05 2.23 -24.81
CA GLY B 591 48.20 1.39 -24.00
C GLY B 591 48.92 0.64 -22.89
N SER B 592 50.21 0.88 -22.70
CA SER B 592 50.93 0.22 -21.62
C SER B 592 50.59 0.81 -20.26
N THR B 593 50.23 2.09 -20.21
CA THR B 593 49.96 2.75 -18.94
C THR B 593 48.56 2.47 -18.41
N ILE B 594 47.67 1.92 -19.24
CA ILE B 594 46.29 1.69 -18.81
C ILE B 594 46.10 0.32 -18.18
N GLN B 595 47.14 -0.49 -18.07
CA GLN B 595 47.03 -1.83 -17.51
C GLN B 595 46.79 -1.74 -16.01
N GLY B 596 45.61 -2.14 -15.56
CA GLY B 596 45.27 -2.13 -14.16
C GLY B 596 44.75 -0.82 -13.62
N LYS B 597 44.69 0.23 -14.45
CA LYS B 597 44.19 1.52 -14.00
C LYS B 597 42.67 1.47 -13.82
N ASP B 598 42.20 2.08 -12.74
CA ASP B 598 40.78 2.16 -12.43
C ASP B 598 40.28 3.55 -12.83
N ALA B 599 39.85 3.68 -14.08
CA ALA B 599 39.43 4.97 -14.60
C ALA B 599 38.49 4.73 -15.78
N ASP B 600 38.18 5.80 -16.51
CA ASP B 600 37.31 5.73 -17.68
C ASP B 600 38.17 5.63 -18.93
N ILE B 601 38.20 4.45 -19.54
CA ILE B 601 39.03 4.22 -20.72
C ILE B 601 38.26 4.70 -21.95
N MET B 602 38.88 5.57 -22.75
CA MET B 602 38.29 6.08 -23.97
C MET B 602 39.23 5.78 -25.13
N ILE B 603 38.67 5.32 -26.24
CA ILE B 603 39.44 4.93 -27.42
C ILE B 603 39.12 5.93 -28.53
N ILE B 604 40.15 6.60 -29.03
CA ILE B 604 40.03 7.49 -30.18
C ILE B 604 41.13 7.15 -31.17
N GLY B 605 40.77 7.06 -32.44
CA GLY B 605 41.74 6.78 -33.48
C GLY B 605 41.23 5.82 -34.52
N GLY B 606 42.10 4.93 -35.00
CA GLY B 606 41.72 3.99 -36.03
C GLY B 606 42.43 2.66 -35.80
N ILE B 607 41.66 1.59 -35.89
CA ILE B 607 42.14 0.22 -35.87
C ILE B 607 42.29 -0.29 -37.28
N PRO B 608 43.01 -1.40 -37.49
CA PRO B 608 43.07 -2.00 -38.83
C PRO B 608 41.69 -2.26 -39.40
N ASP B 609 41.33 -1.53 -40.46
CA ASP B 609 40.01 -1.60 -41.09
C ASP B 609 40.20 -2.13 -42.50
N LYS B 610 39.96 -3.44 -42.68
CA LYS B 610 40.11 -4.09 -43.97
C LYS B 610 38.91 -4.96 -44.33
N LEU B 611 38.10 -5.37 -43.36
CA LEU B 611 36.99 -6.27 -43.63
C LEU B 611 35.93 -5.61 -44.50
N LYS B 612 35.17 -6.46 -45.20
CA LYS B 612 34.12 -5.99 -46.08
C LYS B 612 32.95 -5.41 -45.27
N ASP B 613 32.14 -4.59 -45.94
CA ASP B 613 31.05 -3.88 -45.27
C ASP B 613 29.98 -4.83 -44.75
N ASP B 614 30.00 -6.09 -45.16
CA ASP B 614 28.90 -7.00 -44.81
C ASP B 614 28.94 -7.45 -43.36
N LYS B 615 30.13 -7.50 -42.74
CA LYS B 615 30.29 -8.21 -41.47
C LYS B 615 31.05 -7.38 -40.45
N GLN B 616 30.68 -6.11 -40.26
CA GLN B 616 31.22 -5.35 -39.15
C GLN B 616 30.38 -5.46 -37.88
N ILE B 617 29.22 -6.12 -37.95
CA ILE B 617 28.33 -6.19 -36.80
C ILE B 617 28.94 -7.03 -35.68
N ASP B 618 29.63 -8.12 -36.03
CA ASP B 618 30.16 -9.05 -35.04
C ASP B 618 31.68 -9.05 -34.94
N LEU B 619 32.38 -8.89 -36.07
CA LEU B 619 33.83 -9.01 -36.06
C LEU B 619 34.49 -7.90 -35.24
N LEU B 620 33.92 -6.68 -35.29
CA LEU B 620 34.50 -5.56 -34.57
C LEU B 620 34.38 -5.72 -33.05
N VAL B 621 33.55 -6.66 -32.58
CA VAL B 621 33.39 -6.83 -31.14
C VAL B 621 34.68 -7.34 -30.52
N GLN B 622 35.28 -8.37 -31.11
CA GLN B 622 36.50 -8.94 -30.55
C GLN B 622 37.75 -8.23 -31.03
N ALA B 623 37.67 -7.54 -32.17
CA ALA B 623 38.85 -6.82 -32.68
C ALA B 623 39.29 -5.72 -31.72
N THR B 624 38.33 -4.94 -31.22
CA THR B 624 38.66 -3.90 -30.25
C THR B 624 38.96 -4.50 -28.88
N GLU B 625 38.23 -5.54 -28.50
CA GLU B 625 38.46 -6.18 -27.20
C GLU B 625 39.86 -6.77 -27.12
N SER B 626 40.32 -7.38 -28.21
CA SER B 626 41.67 -7.96 -28.23
C SER B 626 42.75 -6.90 -28.06
N TRP B 627 42.46 -5.64 -28.39
CA TRP B 627 43.41 -4.55 -28.23
C TRP B 627 43.34 -3.90 -26.86
N VAL B 628 42.17 -3.91 -26.21
CA VAL B 628 42.06 -3.31 -24.89
C VAL B 628 42.76 -4.15 -23.83
N LYS B 629 42.75 -5.48 -24.00
CA LYS B 629 43.33 -6.36 -22.98
C LYS B 629 44.84 -6.21 -22.90
N THR B 630 45.51 -6.13 -24.05
CA THR B 630 46.96 -6.10 -24.11
C THR B 630 47.43 -4.77 -24.70
N PRO B 631 48.73 -4.67 -24.95
CA PRO B 631 49.31 -3.46 -25.52
C PRO B 631 50.53 -3.79 -26.37
N GLY B 659 32.43 7.47 -49.24
CA GLY B 659 32.65 6.04 -49.13
C GLY B 659 33.60 5.66 -48.02
N ALA B 660 33.43 6.28 -46.86
CA ALA B 660 34.26 6.04 -45.69
C ALA B 660 33.44 5.34 -44.60
N MET B 661 34.12 4.92 -43.55
CA MET B 661 33.50 4.22 -42.43
C MET B 661 33.72 5.01 -41.15
N ALA B 662 32.70 5.05 -40.30
CA ALA B 662 32.80 5.76 -39.02
C ALA B 662 31.89 5.02 -38.03
N ALA B 663 32.50 4.28 -37.11
CA ALA B 663 31.75 3.45 -36.18
C ALA B 663 32.07 3.88 -34.75
N VAL B 664 31.04 4.00 -33.93
CA VAL B 664 31.16 4.26 -32.50
C VAL B 664 30.58 3.08 -31.75
N ILE B 665 31.36 2.50 -30.83
CA ILE B 665 30.98 1.32 -30.08
C ILE B 665 31.26 1.55 -28.61
N GLY B 666 30.64 0.72 -27.78
CA GLY B 666 30.84 0.77 -26.35
C GLY B 666 30.51 -0.55 -25.68
N PHE B 667 31.42 -1.07 -24.86
CA PHE B 667 31.24 -2.38 -24.26
C PHE B 667 31.92 -2.38 -22.89
N GLN B 668 31.87 -3.53 -22.22
CA GLN B 668 32.45 -3.67 -20.90
C GLN B 668 33.97 -3.59 -20.96
N SER B 669 34.57 -2.89 -20.00
CA SER B 669 36.02 -2.82 -19.89
C SER B 669 36.51 -3.99 -19.04
N PRO B 670 37.34 -4.87 -19.57
CA PRO B 670 37.81 -6.05 -18.82
C PRO B 670 38.94 -5.74 -17.82
N TYR B 671 38.73 -4.70 -17.00
CA TYR B 671 39.72 -4.34 -16.00
C TYR B 671 39.07 -4.12 -14.64
N ASN B 672 37.83 -3.66 -14.63
CA ASN B 672 37.12 -3.40 -13.38
C ASN B 672 35.70 -3.94 -13.34
N ASP B 673 35.10 -4.28 -14.49
CA ASP B 673 33.71 -4.77 -14.57
C ASP B 673 32.73 -3.75 -13.99
N GLN B 674 33.14 -2.48 -13.94
CA GLN B 674 32.28 -1.40 -13.48
C GLN B 674 32.33 -0.16 -14.35
N ARG B 675 33.19 -0.10 -15.36
CA ARG B 675 33.33 1.07 -16.21
C ARG B 675 33.18 0.66 -17.68
N SER B 676 32.78 1.61 -18.50
CA SER B 676 32.49 1.37 -19.91
C SER B 676 33.54 2.04 -20.78
N VAL B 677 34.00 1.33 -21.80
CA VAL B 677 34.92 1.87 -22.79
C VAL B 677 34.11 2.39 -23.96
N ILE B 678 34.60 3.46 -24.59
CA ILE B 678 33.97 4.04 -25.77
C ILE B 678 35.03 4.18 -26.84
N ALA B 679 34.76 3.66 -28.04
CA ALA B 679 35.71 3.64 -29.13
C ALA B 679 35.11 4.35 -30.34
N LEU B 680 35.90 5.24 -30.95
CA LEU B 680 35.53 5.90 -32.19
C LEU B 680 36.56 5.54 -33.25
N LEU B 681 36.10 4.93 -34.34
CA LEU B 681 36.98 4.42 -35.37
C LEU B 681 36.61 5.01 -36.72
N ALA B 682 37.59 5.04 -37.62
CA ALA B 682 37.39 5.52 -38.98
C ALA B 682 38.48 4.92 -39.86
N ASP B 683 38.42 5.22 -41.16
CA ASP B 683 39.39 4.68 -42.09
C ASP B 683 40.01 5.79 -42.93
N SER B 684 39.25 6.85 -43.19
CA SER B 684 39.71 7.97 -43.99
C SER B 684 39.38 9.27 -43.28
N PRO B 685 40.14 10.34 -43.58
CA PRO B 685 39.80 11.64 -42.99
C PRO B 685 38.41 12.12 -43.33
N ARG B 686 37.88 11.73 -44.50
CA ARG B 686 36.51 12.06 -44.84
C ARG B 686 35.53 11.44 -43.85
N GLY B 687 35.88 10.28 -43.29
CA GLY B 687 35.03 9.66 -42.29
C GLY B 687 34.94 10.49 -41.01
N TYR B 688 36.05 11.09 -40.61
CA TYR B 688 36.05 11.92 -39.40
C TYR B 688 35.14 13.13 -39.57
N GLU B 689 35.20 13.77 -40.74
CA GLU B 689 34.39 14.96 -40.98
C GLU B 689 32.90 14.65 -40.91
N MET B 690 32.49 13.53 -41.52
CA MET B 690 31.08 13.16 -41.48
C MET B 690 30.69 12.61 -40.11
N LEU B 691 31.64 12.01 -39.39
CA LEU B 691 31.36 11.57 -38.02
C LEU B 691 31.11 12.77 -37.12
N ASN B 692 31.91 13.82 -37.25
CA ASN B 692 31.71 15.01 -36.44
C ASN B 692 30.37 15.67 -36.76
N ASP B 693 30.03 15.77 -38.04
CA ASP B 693 28.74 16.36 -38.42
C ASP B 693 27.57 15.52 -37.91
N ALA B 694 27.78 14.22 -37.72
CA ALA B 694 26.71 13.37 -37.21
C ALA B 694 26.39 13.69 -35.75
N VAL B 695 27.40 14.06 -34.97
CA VAL B 695 27.20 14.32 -33.54
C VAL B 695 26.98 15.80 -33.24
N ASN B 696 27.42 16.70 -34.13
CA ASN B 696 27.28 18.14 -33.85
C ASN B 696 25.82 18.56 -33.82
N ASP B 697 25.05 18.20 -34.86
CA ASP B 697 23.64 18.57 -34.91
C ASP B 697 22.80 17.65 -34.04
N SER B 698 21.71 18.19 -33.51
CA SER B 698 20.81 17.41 -32.67
C SER B 698 19.60 16.88 -33.44
N GLY B 699 19.50 17.20 -34.73
CA GLY B 699 18.32 16.78 -35.50
C GLY B 699 18.27 15.26 -35.64
N LYS B 700 19.42 14.62 -35.93
CA LYS B 700 19.47 13.19 -36.12
C LYS B 700 20.41 12.46 -35.17
N ARG B 701 21.19 13.19 -34.37
CA ARG B 701 22.07 12.53 -33.41
C ARG B 701 21.29 11.80 -32.32
N ALA B 702 20.16 12.35 -31.90
CA ALA B 702 19.34 11.71 -30.87
C ALA B 702 18.81 10.36 -31.32
N THR B 703 18.71 10.12 -32.63
CA THR B 703 18.25 8.83 -33.15
C THR B 703 19.45 7.88 -33.25
N MET B 704 19.96 7.49 -32.07
CA MET B 704 21.11 6.60 -32.00
C MET B 704 21.04 5.87 -30.66
N PHE B 705 20.72 4.58 -30.70
CA PHE B 705 20.60 3.77 -29.50
C PHE B 705 21.26 2.41 -29.73
N GLY B 706 21.65 1.78 -28.64
CA GLY B 706 22.35 0.51 -28.69
C GLY B 706 23.85 0.67 -28.50
N SER B 707 24.55 -0.45 -28.65
CA SER B 707 26.00 -0.46 -28.46
C SER B 707 26.72 0.01 -29.71
N VAL B 708 26.55 -0.72 -30.82
CA VAL B 708 27.24 -0.40 -32.07
C VAL B 708 26.36 0.52 -32.90
N ALA B 709 26.95 1.62 -33.38
CA ALA B 709 26.23 2.60 -34.20
C ALA B 709 27.15 2.99 -35.36
N VAL B 710 27.02 2.27 -36.47
CA VAL B 710 27.81 2.55 -37.66
C VAL B 710 27.20 3.73 -38.40
N ILE B 711 28.06 4.64 -38.86
CA ILE B 711 27.63 5.82 -39.60
C ILE B 711 27.87 5.57 -41.09
N ARG B 712 26.80 5.64 -41.87
CA ARG B 712 26.86 5.43 -43.32
C ARG B 712 26.57 6.74 -44.04
N GLU B 713 26.92 6.77 -45.33
CA GLU B 713 26.66 7.96 -46.14
C GLU B 713 25.17 8.24 -46.24
N SER B 714 24.36 7.19 -46.42
CA SER B 714 22.92 7.31 -46.51
C SER B 714 22.31 6.59 -45.31
N GLY B 715 21.80 7.37 -44.34
CA GLY B 715 21.14 6.80 -43.19
C GLY B 715 22.11 6.34 -42.11
N ILE B 716 21.54 5.99 -40.97
CA ILE B 716 22.29 5.48 -39.82
C ILE B 716 21.65 4.18 -39.38
N ASN B 717 22.43 3.11 -39.38
CA ASN B 717 21.95 1.78 -38.98
C ASN B 717 22.41 1.53 -37.54
N SER B 718 21.47 1.54 -36.61
CA SER B 718 21.74 1.33 -35.19
C SER B 718 21.25 -0.04 -34.77
N LEU B 719 22.08 -0.74 -34.00
CA LEU B 719 21.74 -2.08 -33.52
C LEU B 719 22.44 -2.30 -32.19
N ARG B 720 21.93 -3.28 -31.44
CA ARG B 720 22.48 -3.63 -30.13
C ARG B 720 22.94 -5.08 -30.16
N VAL B 721 24.24 -5.31 -29.96
CA VAL B 721 24.82 -6.64 -29.91
C VAL B 721 25.71 -6.74 -28.67
N GLY B 722 26.00 -7.97 -28.28
CA GLY B 722 26.85 -8.23 -27.13
C GLY B 722 26.06 -8.53 -25.88
N ASP B 723 26.80 -8.68 -24.78
CA ASP B 723 26.23 -8.99 -23.48
C ASP B 723 26.13 -7.70 -22.66
N VAL B 724 24.93 -7.41 -22.18
CA VAL B 724 24.70 -6.19 -21.42
C VAL B 724 25.13 -6.40 -19.97
N TYR B 725 25.29 -5.30 -19.23
CA TYR B 725 25.64 -5.36 -17.83
C TYR B 725 25.10 -4.11 -17.14
N TYR B 726 25.23 -4.08 -15.82
CA TYR B 726 24.65 -3.02 -15.01
C TYR B 726 25.74 -2.25 -14.28
N VAL B 727 25.42 -1.01 -13.92
CA VAL B 727 26.35 -0.10 -13.26
C VAL B 727 25.64 0.53 -12.08
N GLY B 728 26.42 1.01 -11.12
CA GLY B 728 25.89 1.65 -9.92
C GLY B 728 26.00 0.73 -8.72
N HIS B 729 25.63 1.29 -7.56
CA HIS B 729 25.68 0.57 -6.29
C HIS B 729 24.35 0.79 -5.55
N LEU B 730 23.38 -0.08 -5.84
CA LEU B 730 22.12 -0.04 -5.11
C LEU B 730 22.14 -1.12 -4.03
N PRO B 731 21.31 -0.99 -2.99
CA PRO B 731 21.26 -2.03 -1.95
C PRO B 731 20.93 -3.40 -2.51
N TRP B 732 21.79 -4.38 -2.23
CA TRP B 732 21.61 -5.71 -2.80
C TRP B 732 20.35 -6.38 -2.27
N PHE B 733 19.96 -6.05 -1.04
CA PHE B 733 18.75 -6.62 -0.46
C PHE B 733 17.51 -6.20 -1.24
N GLU B 734 17.46 -4.94 -1.66
CA GLU B 734 16.32 -4.43 -2.42
C GLU B 734 16.34 -4.86 -3.88
N ARG B 735 17.43 -5.46 -4.35
CA ARG B 735 17.48 -5.93 -5.74
C ARG B 735 16.47 -7.04 -5.98
N VAL B 736 16.31 -7.93 -5.00
CA VAL B 736 15.38 -9.05 -5.16
C VAL B 736 13.94 -8.55 -5.28
N TRP B 737 13.64 -7.38 -4.73
CA TRP B 737 12.30 -6.80 -4.82
C TRP B 737 11.92 -6.55 -6.27
N TYR B 738 12.85 -6.03 -7.06
CA TYR B 738 12.60 -5.80 -8.48
C TYR B 738 12.61 -7.09 -9.30
N ALA B 739 13.49 -8.03 -8.95
CA ALA B 739 13.53 -9.30 -9.69
C ALA B 739 12.25 -10.10 -9.48
N LEU B 740 11.73 -10.11 -8.24
CA LEU B 740 10.51 -10.86 -7.97
C LEU B 740 9.29 -10.19 -8.56
N ALA B 741 9.38 -8.91 -8.91
CA ALA B 741 8.24 -8.21 -9.49
C ALA B 741 7.85 -8.80 -10.84
N ASN B 742 8.85 -9.12 -11.67
CA ASN B 742 8.56 -9.66 -13.00
C ASN B 742 8.05 -11.10 -12.91
N HIS B 743 8.56 -11.89 -11.97
CA HIS B 743 8.19 -13.30 -11.84
C HIS B 743 7.05 -13.39 -10.83
N PRO B 744 5.82 -13.44 -11.35
CA PRO B 744 4.66 -13.55 -10.48
C PRO B 744 4.40 -15.00 -10.08
N ILE B 745 4.41 -15.91 -11.06
CA ILE B 745 4.20 -17.32 -10.76
C ILE B 745 5.32 -17.89 -9.91
N LEU B 746 6.57 -17.51 -10.20
CA LEU B 746 7.70 -18.01 -9.43
C LEU B 746 7.65 -17.53 -7.98
N LEU B 747 7.18 -16.29 -7.76
CA LEU B 747 7.04 -15.78 -6.41
C LEU B 747 6.06 -16.60 -5.59
N ALA B 748 4.94 -16.99 -6.21
CA ALA B 748 3.97 -17.84 -5.52
C ALA B 748 4.57 -19.21 -5.22
N VAL B 749 5.33 -19.77 -6.17
CA VAL B 749 5.94 -21.07 -5.96
C VAL B 749 6.94 -21.03 -4.82
N LEU B 750 7.73 -19.95 -4.73
CA LEU B 750 8.67 -19.82 -3.63
C LEU B 750 7.95 -19.74 -2.29
N ALA B 751 6.84 -18.98 -2.24
CA ALA B 751 6.04 -18.94 -1.02
C ALA B 751 5.42 -20.29 -0.73
N ALA B 752 4.95 -21.00 -1.76
CA ALA B 752 4.39 -22.32 -1.57
C ALA B 752 5.42 -23.30 -1.02
N ILE B 753 6.65 -23.23 -1.53
CA ILE B 753 7.72 -24.08 -1.01
C ILE B 753 8.01 -23.78 0.45
N SER B 754 8.02 -22.50 0.82
CA SER B 754 8.19 -22.13 2.22
C SER B 754 7.03 -22.64 3.07
N VAL B 755 5.80 -22.52 2.55
CA VAL B 755 4.65 -23.03 3.29
C VAL B 755 4.70 -24.55 3.42
N ILE B 756 5.12 -25.24 2.36
CA ILE B 756 5.23 -26.70 2.42
C ILE B 756 6.29 -27.12 3.43
N LEU B 757 7.43 -26.42 3.48
CA LEU B 757 8.45 -26.73 4.45
C LEU B 757 7.99 -26.43 5.87
N LEU B 758 7.07 -25.48 6.04
CA LEU B 758 6.52 -25.19 7.36
C LEU B 758 5.73 -26.38 7.88
N ALA B 759 5.02 -27.09 7.00
CA ALA B 759 4.26 -28.26 7.42
C ALA B 759 5.19 -29.35 7.97
N TRP B 760 6.33 -29.55 7.32
CA TRP B 760 7.29 -30.53 7.82
C TRP B 760 7.80 -30.15 9.20
N VAL B 761 8.10 -28.86 9.40
CA VAL B 761 8.49 -28.39 10.72
C VAL B 761 7.34 -28.53 11.71
N LEU B 762 6.12 -28.25 11.27
CA LEU B 762 4.96 -28.43 12.14
C LEU B 762 4.77 -29.88 12.53
N TRP B 763 4.98 -30.80 11.59
CA TRP B 763 4.89 -32.23 11.90
C TRP B 763 5.94 -32.64 12.92
N ARG B 764 7.17 -32.13 12.76
CA ARG B 764 8.21 -32.39 13.76
C ARG B 764 7.86 -31.75 15.09
N LEU B 765 7.31 -30.53 15.05
CA LEU B 765 6.87 -29.87 16.29
C LEU B 765 5.74 -30.65 16.94
N LEU B 766 4.80 -31.16 16.15
CA LEU B 766 3.71 -31.97 16.70
C LEU B 766 4.25 -33.23 17.37
N ARG B 767 5.22 -33.90 16.73
CA ARG B 767 5.84 -35.06 17.35
C ARG B 767 6.57 -34.66 18.63
N ILE B 768 7.28 -33.53 18.62
CA ILE B 768 7.92 -33.04 19.83
C ILE B 768 6.90 -32.70 20.90
N ILE B 769 5.78 -32.09 20.51
CA ILE B 769 4.73 -31.79 21.47
C ILE B 769 4.14 -33.06 22.06
N SER B 770 3.95 -34.09 21.23
CA SER B 770 3.44 -35.37 21.74
C SER B 770 4.45 -36.01 22.69
N ARG B 771 5.74 -35.93 22.37
CA ARG B 771 6.77 -36.47 23.25
C ARG B 771 6.97 -35.62 24.49
N ARG B 772 6.51 -34.37 24.47
CA ARG B 772 6.65 -33.47 25.62
C ARG B 772 5.82 -33.96 26.80
#